data_2EE7
#
_entry.id   2EE7
#
_entity_poly.entity_id   1
_entity_poly.type   'polypeptide(L)'
_entity_poly.pdbx_seq_one_letter_code
;GSSGSSGMASSVDEEALHQLYLWVDNIPLSRPKRNLSRDFSDGVLVAEVIKFYFPKMVEMHNYVPANSLQQKLSNWGHLN
RKVLKRLNFSVPDDVMRKIAQCAPGVVELVLIPLRQRLEERQRRRKQ
;
_entity_poly.pdbx_strand_id   A
#
# COMPACT_ATOMS: atom_id res chain seq x y z
N GLY A 1 8.06 -25.92 1.09
CA GLY A 1 8.46 -26.25 -0.26
C GLY A 1 9.30 -25.16 -0.89
N SER A 2 8.73 -24.46 -1.88
CA SER A 2 9.44 -23.41 -2.58
C SER A 2 8.48 -22.61 -3.47
N SER A 3 8.92 -21.43 -3.90
CA SER A 3 8.10 -20.58 -4.75
C SER A 3 7.93 -21.20 -6.13
N GLY A 4 6.84 -21.94 -6.30
CA GLY A 4 6.56 -22.58 -7.58
C GLY A 4 5.16 -22.31 -8.08
N SER A 5 5.02 -22.15 -9.39
CA SER A 5 3.73 -21.87 -10.00
C SER A 5 3.74 -22.25 -11.48
N SER A 6 2.82 -23.14 -11.86
CA SER A 6 2.72 -23.58 -13.25
C SER A 6 1.76 -22.70 -14.03
N GLY A 7 2.21 -22.21 -15.18
CA GLY A 7 1.38 -21.36 -16.01
C GLY A 7 1.21 -19.98 -15.42
N MET A 8 0.99 -19.00 -16.30
CA MET A 8 0.81 -17.61 -15.86
C MET A 8 -0.67 -17.30 -15.64
N ALA A 9 -1.00 -16.90 -14.41
CA ALA A 9 -2.38 -16.57 -14.07
C ALA A 9 -2.78 -15.22 -14.64
N SER A 10 -3.72 -15.23 -15.59
CA SER A 10 -4.19 -14.01 -16.23
C SER A 10 -4.87 -13.10 -15.21
N SER A 11 -5.72 -13.70 -14.37
CA SER A 11 -6.44 -12.93 -13.36
C SER A 11 -5.90 -13.23 -11.96
N VAL A 12 -6.40 -12.51 -10.97
CA VAL A 12 -5.97 -12.69 -9.60
C VAL A 12 -6.88 -13.66 -8.85
N ASP A 13 -6.28 -14.65 -8.21
CA ASP A 13 -7.02 -15.65 -7.46
C ASP A 13 -7.13 -15.26 -5.99
N GLU A 14 -7.90 -16.04 -5.23
CA GLU A 14 -8.09 -15.77 -3.81
C GLU A 14 -6.79 -16.00 -3.04
N GLU A 15 -5.93 -16.86 -3.58
CA GLU A 15 -4.65 -17.15 -2.95
C GLU A 15 -3.73 -15.94 -2.94
N ALA A 16 -3.72 -15.23 -4.06
CA ALA A 16 -2.89 -14.03 -4.20
C ALA A 16 -3.03 -13.13 -2.98
N LEU A 17 -4.27 -12.93 -2.54
CA LEU A 17 -4.55 -12.09 -1.38
C LEU A 17 -3.69 -12.50 -0.19
N HIS A 18 -3.82 -13.76 0.22
CA HIS A 18 -3.06 -14.27 1.35
C HIS A 18 -1.57 -13.95 1.20
N GLN A 19 -1.00 -14.33 0.06
CA GLN A 19 0.41 -14.08 -0.21
C GLN A 19 0.77 -12.63 0.07
N LEU A 20 -0.15 -11.72 -0.25
CA LEU A 20 0.07 -10.30 -0.02
C LEU A 20 -0.12 -9.95 1.45
N TYR A 21 -0.97 -10.69 2.13
CA TYR A 21 -1.24 -10.45 3.54
C TYR A 21 -0.06 -10.89 4.40
N LEU A 22 0.61 -11.95 3.98
CA LEU A 22 1.77 -12.47 4.70
C LEU A 22 3.01 -11.62 4.44
N TRP A 23 3.21 -11.27 3.17
CA TRP A 23 4.36 -10.46 2.78
C TRP A 23 4.54 -9.28 3.73
N VAL A 24 3.45 -8.57 3.98
CA VAL A 24 3.49 -7.41 4.87
C VAL A 24 4.04 -7.79 6.25
N ASP A 25 3.36 -8.71 6.91
CA ASP A 25 3.78 -9.17 8.23
C ASP A 25 5.27 -9.48 8.25
N ASN A 26 5.73 -10.21 7.24
CA ASN A 26 7.14 -10.57 7.14
C ASN A 26 8.04 -9.36 7.39
N ILE A 27 7.74 -8.27 6.71
CA ILE A 27 8.51 -7.04 6.86
C ILE A 27 8.37 -6.46 8.26
N PRO A 28 9.51 -6.11 8.88
CA PRO A 28 9.53 -5.54 10.23
C PRO A 28 8.95 -4.13 10.27
N LEU A 29 7.67 -4.03 10.60
CA LEU A 29 7.00 -2.74 10.67
C LEU A 29 6.65 -2.38 12.11
N SER A 30 7.00 -1.16 12.52
CA SER A 30 6.72 -0.70 13.87
C SER A 30 5.22 -0.52 14.09
N ARG A 31 4.51 -1.63 14.20
CA ARG A 31 3.06 -1.59 14.41
C ARG A 31 2.61 -2.72 15.33
N PRO A 32 1.62 -2.44 16.18
CA PRO A 32 1.07 -3.42 17.12
C PRO A 32 0.30 -4.53 16.43
N LYS A 33 -0.46 -5.29 17.21
CA LYS A 33 -1.26 -6.38 16.67
C LYS A 33 -2.65 -5.90 16.28
N ARG A 34 -2.92 -5.87 14.98
CA ARG A 34 -4.22 -5.43 14.47
C ARG A 34 -4.33 -5.69 12.97
N ASN A 35 -5.55 -5.86 12.49
CA ASN A 35 -5.80 -6.12 11.08
C ASN A 35 -4.98 -5.18 10.20
N LEU A 36 -4.58 -5.67 9.03
CA LEU A 36 -3.78 -4.87 8.11
C LEU A 36 -4.67 -4.06 7.17
N SER A 37 -5.91 -4.52 7.00
CA SER A 37 -6.86 -3.85 6.12
C SER A 37 -7.48 -2.64 6.83
N ARG A 38 -7.47 -2.67 8.15
CA ARG A 38 -8.03 -1.58 8.95
C ARG A 38 -6.97 -0.52 9.22
N ASP A 39 -5.71 -0.92 9.21
CA ASP A 39 -4.60 0.00 9.46
C ASP A 39 -4.20 0.72 8.18
N PHE A 40 -3.78 -0.04 7.18
CA PHE A 40 -3.37 0.53 5.90
C PHE A 40 -4.29 1.67 5.49
N SER A 41 -5.59 1.47 5.65
CA SER A 41 -6.58 2.48 5.30
C SER A 41 -6.10 3.87 5.72
N ASP A 42 -5.56 3.96 6.93
CA ASP A 42 -5.07 5.24 7.45
C ASP A 42 -4.17 5.92 6.43
N GLY A 43 -3.18 5.19 5.93
CA GLY A 43 -2.26 5.76 4.96
C GLY A 43 -0.85 5.89 5.49
N VAL A 44 -0.72 6.43 6.70
CA VAL A 44 0.59 6.61 7.33
C VAL A 44 1.34 5.29 7.42
N LEU A 45 0.59 4.19 7.35
CA LEU A 45 1.19 2.86 7.43
C LEU A 45 1.92 2.50 6.14
N VAL A 46 1.41 3.01 5.01
CA VAL A 46 2.01 2.76 3.71
C VAL A 46 3.39 3.39 3.62
N ALA A 47 3.52 4.61 4.12
CA ALA A 47 4.79 5.33 4.10
C ALA A 47 5.85 4.57 4.89
N GLU A 48 5.42 3.80 5.88
CA GLU A 48 6.34 3.03 6.70
C GLU A 48 6.96 1.88 5.91
N VAL A 49 6.12 1.12 5.22
CA VAL A 49 6.58 0.00 4.41
C VAL A 49 7.74 0.41 3.51
N ILE A 50 7.62 1.59 2.92
CA ILE A 50 8.66 2.10 2.03
C ILE A 50 9.95 2.38 2.79
N LYS A 51 9.81 3.03 3.94
CA LYS A 51 10.97 3.36 4.78
C LYS A 51 12.00 2.23 4.76
N PHE A 52 11.50 0.99 4.82
CA PHE A 52 12.38 -0.17 4.81
C PHE A 52 13.25 -0.18 3.55
N TYR A 53 12.62 -0.07 2.39
CA TYR A 53 13.32 -0.07 1.12
C TYR A 53 14.06 1.24 0.90
N PHE A 54 13.31 2.34 0.96
CA PHE A 54 13.88 3.67 0.76
C PHE A 54 13.52 4.59 1.93
N PRO A 55 14.41 4.65 2.93
CA PRO A 55 14.19 5.50 4.11
C PRO A 55 14.31 6.98 3.80
N LYS A 56 15.23 7.32 2.89
CA LYS A 56 15.43 8.71 2.50
C LYS A 56 14.17 9.29 1.88
N MET A 57 13.59 8.57 0.93
CA MET A 57 12.37 9.02 0.25
C MET A 57 11.33 9.46 1.27
N VAL A 58 11.04 8.59 2.23
CA VAL A 58 10.06 8.89 3.27
C VAL A 58 10.54 10.02 4.18
N GLU A 59 9.61 10.82 4.68
CA GLU A 59 9.93 11.93 5.55
C GLU A 59 9.28 11.77 6.91
N MET A 60 8.02 11.32 6.91
CA MET A 60 7.27 11.13 8.14
C MET A 60 7.39 12.34 9.06
N HIS A 61 7.21 13.52 8.49
CA HIS A 61 7.30 14.77 9.25
C HIS A 61 6.04 15.61 9.06
N ASN A 62 5.42 15.48 7.89
CA ASN A 62 4.21 16.24 7.57
C ASN A 62 2.97 15.42 7.89
N TYR A 63 2.93 14.20 7.37
CA TYR A 63 1.79 13.31 7.60
C TYR A 63 1.56 13.07 9.09
N VAL A 64 0.30 13.05 9.49
CA VAL A 64 -0.06 12.84 10.88
C VAL A 64 -1.19 11.83 11.01
N PRO A 65 -1.01 10.84 11.91
CA PRO A 65 -2.01 9.80 12.14
C PRO A 65 -3.25 10.34 12.85
N ALA A 66 -4.41 10.15 12.22
CA ALA A 66 -5.67 10.62 12.79
C ALA A 66 -6.74 9.54 12.68
N ASN A 67 -7.93 9.85 13.21
CA ASN A 67 -9.04 8.90 13.17
C ASN A 67 -10.28 9.55 12.56
N SER A 68 -10.06 10.35 11.52
CA SER A 68 -11.17 11.03 10.84
C SER A 68 -10.96 11.02 9.33
N LEU A 69 -11.99 10.61 8.61
CA LEU A 69 -11.94 10.55 7.15
C LEU A 69 -11.31 11.82 6.58
N GLN A 70 -11.81 12.96 7.04
CA GLN A 70 -11.31 14.25 6.58
C GLN A 70 -9.79 14.23 6.45
N GLN A 71 -9.12 13.94 7.56
CA GLN A 71 -7.66 13.88 7.58
C GLN A 71 -7.15 12.73 6.73
N LYS A 72 -7.77 11.57 6.87
CA LYS A 72 -7.38 10.39 6.11
C LYS A 72 -7.14 10.74 4.64
N LEU A 73 -8.20 11.16 3.96
CA LEU A 73 -8.10 11.54 2.55
C LEU A 73 -7.05 12.62 2.34
N SER A 74 -7.09 13.65 3.18
CA SER A 74 -6.15 14.75 3.08
C SER A 74 -4.71 14.23 3.06
N ASN A 75 -4.46 13.16 3.81
CA ASN A 75 -3.13 12.56 3.87
C ASN A 75 -2.81 11.79 2.59
N TRP A 76 -3.74 10.95 2.16
CA TRP A 76 -3.56 10.16 0.95
C TRP A 76 -3.29 11.06 -0.26
N GLY A 77 -4.13 12.08 -0.41
CA GLY A 77 -3.96 13.01 -1.52
C GLY A 77 -2.52 13.41 -1.74
N HIS A 78 -1.86 13.84 -0.67
CA HIS A 78 -0.46 14.25 -0.75
C HIS A 78 0.43 13.07 -1.12
N LEU A 79 0.26 11.96 -0.40
CA LEU A 79 1.05 10.76 -0.65
C LEU A 79 0.97 10.34 -2.12
N ASN A 80 -0.01 10.89 -2.83
CA ASN A 80 -0.20 10.57 -4.23
C ASN A 80 0.69 11.45 -5.11
N ARG A 81 1.00 12.65 -4.62
CA ARG A 81 1.84 13.58 -5.36
C ARG A 81 3.20 13.75 -4.68
N LYS A 82 3.42 12.97 -3.61
CA LYS A 82 4.66 13.04 -2.86
C LYS A 82 5.39 11.70 -2.90
N VAL A 83 4.61 10.61 -2.91
CA VAL A 83 5.18 9.27 -2.94
C VAL A 83 4.89 8.59 -4.28
N LEU A 84 3.62 8.29 -4.52
CA LEU A 84 3.21 7.65 -5.75
C LEU A 84 3.91 8.27 -6.96
N LYS A 85 3.73 9.58 -7.12
CA LYS A 85 4.34 10.30 -8.23
C LYS A 85 5.75 9.77 -8.52
N ARG A 86 6.61 9.82 -7.51
CA ARG A 86 7.98 9.34 -7.65
C ARG A 86 8.01 7.94 -8.25
N LEU A 87 7.04 7.12 -7.86
CA LEU A 87 6.95 5.75 -8.35
C LEU A 87 6.11 5.68 -9.62
N ASN A 88 6.10 6.77 -10.39
CA ASN A 88 5.33 6.83 -11.63
C ASN A 88 3.97 6.18 -11.46
N PHE A 89 3.48 6.15 -10.23
CA PHE A 89 2.18 5.55 -9.93
C PHE A 89 1.10 6.61 -9.84
N SER A 90 -0.03 6.37 -10.50
CA SER A 90 -1.14 7.31 -10.50
C SER A 90 -2.44 6.61 -10.14
N VAL A 91 -3.34 7.33 -9.48
CA VAL A 91 -4.63 6.77 -9.09
C VAL A 91 -5.69 7.87 -8.99
N PRO A 92 -6.90 7.57 -9.50
CA PRO A 92 -8.02 8.51 -9.47
C PRO A 92 -8.56 8.74 -8.07
N ASP A 93 -9.29 9.83 -7.89
CA ASP A 93 -9.87 10.16 -6.58
C ASP A 93 -10.92 9.13 -6.18
N ASP A 94 -11.76 8.73 -7.13
CA ASP A 94 -12.81 7.76 -6.87
C ASP A 94 -12.24 6.54 -6.15
N VAL A 95 -11.06 6.09 -6.57
CA VAL A 95 -10.42 4.94 -5.96
C VAL A 95 -9.94 5.26 -4.55
N MET A 96 -9.37 6.45 -4.38
CA MET A 96 -8.87 6.88 -3.08
C MET A 96 -10.00 6.92 -2.04
N ARG A 97 -11.09 7.60 -2.39
CA ARG A 97 -12.23 7.71 -1.49
C ARG A 97 -12.52 6.38 -0.81
N LYS A 98 -12.50 5.30 -1.59
CA LYS A 98 -12.76 3.97 -1.06
C LYS A 98 -11.66 3.54 -0.09
N ILE A 99 -10.41 3.77 -0.50
CA ILE A 99 -9.26 3.42 0.33
C ILE A 99 -9.40 3.99 1.74
N ALA A 100 -9.50 5.31 1.82
CA ALA A 100 -9.65 5.98 3.11
C ALA A 100 -10.84 5.44 3.89
N GLN A 101 -11.82 4.92 3.17
CA GLN A 101 -13.03 4.36 3.78
C GLN A 101 -12.80 2.91 4.19
N CYS A 102 -11.54 2.54 4.41
CA CYS A 102 -11.19 1.18 4.81
C CYS A 102 -11.99 0.16 3.99
N ALA A 103 -11.92 0.29 2.68
CA ALA A 103 -12.63 -0.62 1.79
C ALA A 103 -11.80 -1.87 1.50
N PRO A 104 -12.41 -3.05 1.70
CA PRO A 104 -11.75 -4.33 1.47
C PRO A 104 -11.50 -4.60 -0.01
N GLY A 105 -10.26 -4.93 -0.35
CA GLY A 105 -9.92 -5.21 -1.73
C GLY A 105 -9.47 -3.97 -2.49
N VAL A 106 -10.12 -2.84 -2.20
CA VAL A 106 -9.78 -1.58 -2.86
C VAL A 106 -8.32 -1.21 -2.62
N VAL A 107 -7.99 -0.89 -1.37
CA VAL A 107 -6.62 -0.52 -1.02
C VAL A 107 -5.64 -1.64 -1.37
N GLU A 108 -6.12 -2.88 -1.30
CA GLU A 108 -5.28 -4.03 -1.61
C GLU A 108 -4.87 -4.02 -3.07
N LEU A 109 -5.79 -3.61 -3.94
CA LEU A 109 -5.52 -3.55 -5.38
C LEU A 109 -4.33 -2.65 -5.68
N VAL A 110 -3.93 -1.86 -4.68
CA VAL A 110 -2.79 -0.95 -4.83
C VAL A 110 -1.56 -1.49 -4.12
N LEU A 111 -1.79 -2.32 -3.11
CA LEU A 111 -0.69 -2.91 -2.34
C LEU A 111 0.10 -3.91 -3.18
N ILE A 112 -0.62 -4.72 -3.95
CA ILE A 112 0.01 -5.72 -4.81
C ILE A 112 1.02 -5.08 -5.74
N PRO A 113 0.57 -4.13 -6.55
CA PRO A 113 1.42 -3.41 -7.51
C PRO A 113 2.42 -2.49 -6.81
N LEU A 114 2.01 -1.93 -5.68
CA LEU A 114 2.86 -1.03 -4.91
C LEU A 114 4.23 -1.66 -4.65
N ARG A 115 4.23 -2.89 -4.15
CA ARG A 115 5.46 -3.60 -3.86
C ARG A 115 6.26 -3.87 -5.14
N GLN A 116 5.55 -4.30 -6.19
CA GLN A 116 6.20 -4.59 -7.47
C GLN A 116 6.96 -3.37 -7.96
N ARG A 117 6.43 -2.19 -7.71
CA ARG A 117 7.06 -0.95 -8.13
C ARG A 117 8.34 -0.69 -7.35
N LEU A 118 8.22 -0.61 -6.03
CA LEU A 118 9.37 -0.38 -5.16
C LEU A 118 10.61 -1.10 -5.69
N GLU A 119 10.47 -2.40 -5.91
CA GLU A 119 11.58 -3.21 -6.40
C GLU A 119 12.13 -2.62 -7.70
N GLU A 120 11.24 -2.15 -8.56
CA GLU A 120 11.64 -1.57 -9.84
C GLU A 120 12.71 -0.50 -9.63
N ARG A 121 12.61 0.21 -8.51
CA ARG A 121 13.57 1.26 -8.19
C ARG A 121 14.89 0.68 -7.69
N GLN A 122 14.79 -0.41 -6.94
CA GLN A 122 15.98 -1.07 -6.39
C GLN A 122 16.96 -1.42 -7.50
N ARG A 123 16.49 -2.15 -8.49
CA ARG A 123 17.33 -2.56 -9.62
C ARG A 123 17.91 -1.33 -10.33
N ARG A 124 17.04 -0.37 -10.63
CA ARG A 124 17.45 0.85 -11.32
C ARG A 124 18.79 1.34 -10.78
N ARG A 125 19.73 1.60 -11.69
CA ARG A 125 21.05 2.08 -11.30
C ARG A 125 21.04 3.59 -11.08
N LYS A 126 20.49 4.01 -9.95
CA LYS A 126 20.41 5.44 -9.62
C LYS A 126 21.74 5.93 -9.05
N GLN A 127 22.20 7.08 -9.54
CA GLN A 127 23.45 7.65 -9.08
C GLN A 127 23.22 9.01 -8.41
N GLY A 1 10.39 -20.75 0.88
CA GLY A 1 9.52 -20.93 -0.25
C GLY A 1 10.21 -21.59 -1.43
N SER A 2 9.55 -21.58 -2.58
CA SER A 2 10.11 -22.19 -3.78
C SER A 2 10.45 -21.13 -4.83
N SER A 3 11.71 -21.13 -5.27
CA SER A 3 12.16 -20.16 -6.26
C SER A 3 12.07 -20.74 -7.67
N GLY A 4 11.02 -20.35 -8.40
CA GLY A 4 10.83 -20.85 -9.74
C GLY A 4 9.58 -20.29 -10.40
N SER A 5 9.76 -19.61 -11.52
CA SER A 5 8.64 -19.02 -12.25
C SER A 5 8.97 -18.86 -13.73
N SER A 6 7.94 -18.56 -14.53
CA SER A 6 8.13 -18.39 -15.96
C SER A 6 8.24 -16.90 -16.32
N GLY A 7 7.34 -16.10 -15.76
CA GLY A 7 7.35 -14.67 -16.03
C GLY A 7 6.00 -14.02 -15.77
N MET A 8 5.72 -13.75 -14.50
CA MET A 8 4.47 -13.13 -14.11
C MET A 8 3.28 -13.89 -14.69
N ALA A 9 3.32 -15.21 -14.62
CA ALA A 9 2.25 -16.05 -15.14
C ALA A 9 1.57 -16.83 -14.01
N SER A 10 0.49 -16.26 -13.48
CA SER A 10 -0.25 -16.90 -12.40
C SER A 10 -1.64 -16.28 -12.26
N SER A 11 -2.51 -16.95 -11.50
CA SER A 11 -3.87 -16.46 -11.29
C SER A 11 -3.94 -15.60 -10.03
N VAL A 12 -5.04 -14.83 -9.92
CA VAL A 12 -5.23 -13.96 -8.77
C VAL A 12 -6.36 -14.47 -7.88
N ASP A 13 -6.46 -15.80 -7.77
CA ASP A 13 -7.49 -16.42 -6.95
C ASP A 13 -7.47 -15.85 -5.54
N GLU A 14 -8.45 -16.26 -4.73
CA GLU A 14 -8.53 -15.79 -3.35
C GLU A 14 -7.23 -16.05 -2.59
N GLU A 15 -6.40 -16.92 -3.16
CA GLU A 15 -5.13 -17.27 -2.53
C GLU A 15 -4.10 -16.16 -2.75
N ALA A 16 -4.07 -15.61 -3.96
CA ALA A 16 -3.14 -14.54 -4.28
C ALA A 16 -3.19 -13.43 -3.24
N LEU A 17 -4.40 -13.10 -2.78
CA LEU A 17 -4.57 -12.06 -1.78
C LEU A 17 -3.65 -12.29 -0.59
N HIS A 18 -3.75 -13.46 0.03
CA HIS A 18 -2.92 -13.81 1.18
C HIS A 18 -1.45 -13.54 0.88
N GLN A 19 -0.95 -14.11 -0.21
CA GLN A 19 0.44 -13.94 -0.61
C GLN A 19 0.90 -12.51 -0.36
N LEU A 20 0.02 -11.55 -0.64
CA LEU A 20 0.34 -10.14 -0.45
C LEU A 20 0.39 -9.80 1.03
N TYR A 21 -0.51 -10.39 1.81
CA TYR A 21 -0.57 -10.14 3.24
C TYR A 21 0.71 -10.61 3.93
N LEU A 22 1.12 -11.83 3.61
CA LEU A 22 2.34 -12.40 4.20
C LEU A 22 3.52 -11.44 4.04
N TRP A 23 3.67 -10.90 2.84
CA TRP A 23 4.77 -9.97 2.57
C TRP A 23 4.84 -8.89 3.63
N VAL A 24 3.68 -8.52 4.19
CA VAL A 24 3.62 -7.49 5.22
C VAL A 24 4.28 -7.97 6.51
N ASP A 25 3.86 -9.14 6.98
CA ASP A 25 4.42 -9.70 8.21
C ASP A 25 5.93 -9.53 8.24
N ASN A 26 6.59 -9.95 7.17
CA ASN A 26 8.04 -9.85 7.08
C ASN A 26 8.53 -8.47 7.52
N ILE A 27 7.77 -7.45 7.15
CA ILE A 27 8.11 -6.07 7.52
C ILE A 27 7.48 -5.68 8.85
N PRO A 28 8.30 -5.09 9.74
CA PRO A 28 7.84 -4.66 11.06
C PRO A 28 6.91 -3.45 10.98
N LEU A 29 5.60 -3.72 10.93
CA LEU A 29 4.62 -2.66 10.85
C LEU A 29 3.96 -2.42 12.21
N SER A 30 3.41 -1.22 12.39
CA SER A 30 2.75 -0.87 13.65
C SER A 30 1.24 -0.87 13.50
N ARG A 31 0.56 -1.67 14.31
CA ARG A 31 -0.90 -1.76 14.26
C ARG A 31 -1.42 -2.65 15.38
N PRO A 32 -2.60 -2.31 15.90
CA PRO A 32 -3.24 -3.06 16.99
C PRO A 32 -3.74 -4.42 16.52
N LYS A 33 -3.95 -5.33 17.48
CA LYS A 33 -4.43 -6.67 17.16
C LYS A 33 -5.39 -6.64 15.98
N ARG A 34 -6.35 -5.72 16.03
CA ARG A 34 -7.34 -5.59 14.96
C ARG A 34 -6.69 -5.80 13.60
N ASN A 35 -7.39 -6.52 12.72
CA ASN A 35 -6.88 -6.80 11.38
C ASN A 35 -6.13 -5.60 10.83
N LEU A 36 -5.01 -5.87 10.16
CA LEU A 36 -4.20 -4.81 9.58
C LEU A 36 -4.98 -4.04 8.52
N SER A 37 -5.70 -4.78 7.67
CA SER A 37 -6.49 -4.15 6.61
C SER A 37 -7.12 -2.85 7.09
N ARG A 38 -7.66 -2.87 8.30
CA ARG A 38 -8.30 -1.69 8.87
C ARG A 38 -7.29 -0.55 9.03
N ASP A 39 -6.13 -0.87 9.58
CA ASP A 39 -5.08 0.12 9.78
C ASP A 39 -4.59 0.68 8.45
N PHE A 40 -4.33 -0.21 7.49
CA PHE A 40 -3.86 0.18 6.18
C PHE A 40 -4.76 1.25 5.58
N SER A 41 -6.06 1.18 5.89
CA SER A 41 -7.02 2.13 5.38
C SER A 41 -6.41 3.53 5.29
N ASP A 42 -5.47 3.82 6.18
CA ASP A 42 -4.81 5.11 6.21
C ASP A 42 -3.42 5.03 5.58
N GLY A 43 -3.01 6.11 4.92
CA GLY A 43 -1.70 6.14 4.29
C GLY A 43 -0.57 6.15 5.29
N VAL A 44 -0.79 6.80 6.43
CA VAL A 44 0.22 6.87 7.47
C VAL A 44 1.03 5.59 7.56
N LEU A 45 0.33 4.48 7.79
CA LEU A 45 0.98 3.18 7.89
C LEU A 45 1.65 2.79 6.58
N VAL A 46 0.90 2.89 5.48
CA VAL A 46 1.42 2.56 4.16
C VAL A 46 2.82 3.14 3.96
N ALA A 47 2.97 4.42 4.29
CA ALA A 47 4.26 5.10 4.15
C ALA A 47 5.39 4.27 4.75
N GLU A 48 5.12 3.68 5.92
CA GLU A 48 6.11 2.87 6.61
C GLU A 48 6.65 1.77 5.68
N VAL A 49 5.74 1.13 4.96
CA VAL A 49 6.12 0.05 4.04
C VAL A 49 7.26 0.49 3.14
N ILE A 50 7.09 1.63 2.49
CA ILE A 50 8.11 2.16 1.59
C ILE A 50 9.43 2.37 2.31
N LYS A 51 9.37 2.98 3.48
CA LYS A 51 10.57 3.23 4.29
C LYS A 51 11.56 2.08 4.15
N PHE A 52 11.16 0.90 4.61
CA PHE A 52 12.02 -0.27 4.54
C PHE A 52 12.85 -0.26 3.26
N TYR A 53 12.16 -0.27 2.12
CA TYR A 53 12.83 -0.27 0.82
C TYR A 53 13.62 1.01 0.62
N PHE A 54 12.94 2.15 0.67
CA PHE A 54 13.59 3.45 0.49
C PHE A 54 13.18 4.41 1.61
N PRO A 55 14.04 4.51 2.64
CA PRO A 55 13.80 5.38 3.79
C PRO A 55 13.91 6.86 3.43
N LYS A 56 14.57 7.13 2.30
CA LYS A 56 14.75 8.50 1.83
C LYS A 56 13.47 9.04 1.20
N MET A 57 12.72 8.15 0.56
CA MET A 57 11.46 8.53 -0.08
C MET A 57 10.43 8.99 0.95
N VAL A 58 10.29 8.22 2.01
CA VAL A 58 9.35 8.54 3.08
C VAL A 58 9.72 9.84 3.76
N GLU A 59 8.71 10.69 4.02
CA GLU A 59 8.95 11.97 4.67
C GLU A 59 8.57 11.89 6.15
N MET A 60 7.37 11.42 6.43
CA MET A 60 6.89 11.31 7.80
C MET A 60 7.26 12.54 8.61
N HIS A 61 7.06 13.72 8.02
CA HIS A 61 7.37 14.98 8.68
C HIS A 61 6.14 15.88 8.74
N ASN A 62 5.15 15.57 7.89
CA ASN A 62 3.93 16.36 7.85
C ASN A 62 2.70 15.47 8.06
N TYR A 63 2.83 14.21 7.66
CA TYR A 63 1.74 13.26 7.80
C TYR A 63 1.47 12.94 9.27
N VAL A 64 0.25 13.20 9.72
CA VAL A 64 -0.13 12.95 11.11
C VAL A 64 -1.39 12.08 11.18
N PRO A 65 -1.37 11.10 12.09
CA PRO A 65 -2.50 10.18 12.28
C PRO A 65 -3.71 10.86 12.90
N ALA A 66 -4.85 10.76 12.23
CA ALA A 66 -6.08 11.37 12.72
C ALA A 66 -7.23 10.37 12.71
N ASN A 67 -8.35 10.77 13.29
CA ASN A 67 -9.53 9.90 13.36
C ASN A 67 -10.68 10.49 12.54
N SER A 68 -10.34 11.30 11.55
CA SER A 68 -11.35 11.93 10.70
C SER A 68 -11.12 11.58 9.23
N LEU A 69 -12.19 11.16 8.55
CA LEU A 69 -12.10 10.80 7.15
C LEU A 69 -11.42 11.89 6.34
N GLN A 70 -11.86 13.13 6.54
CA GLN A 70 -11.30 14.27 5.83
C GLN A 70 -9.77 14.27 5.92
N GLN A 71 -9.26 14.08 7.14
CA GLN A 71 -7.82 14.06 7.35
C GLN A 71 -7.18 12.88 6.64
N LYS A 72 -7.77 11.70 6.78
CA LYS A 72 -7.26 10.50 6.15
C LYS A 72 -6.91 10.77 4.69
N LEU A 73 -7.92 11.07 3.89
CA LEU A 73 -7.73 11.34 2.46
C LEU A 73 -6.69 12.45 2.27
N SER A 74 -6.82 13.52 3.04
CA SER A 74 -5.89 14.65 2.94
C SER A 74 -4.45 14.16 2.86
N ASN A 75 -4.12 13.18 3.70
CA ASN A 75 -2.76 12.62 3.73
C ASN A 75 -2.51 11.76 2.49
N TRP A 76 -3.55 11.08 2.03
CA TRP A 76 -3.43 10.22 0.86
C TRP A 76 -3.14 11.04 -0.40
N GLY A 77 -4.05 11.96 -0.72
CA GLY A 77 -3.87 12.80 -1.89
C GLY A 77 -2.46 13.33 -2.01
N HIS A 78 -1.90 13.80 -0.88
CA HIS A 78 -0.55 14.34 -0.87
C HIS A 78 0.48 13.24 -1.13
N LEU A 79 0.31 12.11 -0.47
CA LEU A 79 1.23 10.99 -0.63
C LEU A 79 1.28 10.53 -2.08
N ASN A 80 0.27 10.93 -2.86
CA ASN A 80 0.20 10.57 -4.27
C ASN A 80 1.19 11.39 -5.09
N ARG A 81 1.36 12.66 -4.72
CA ARG A 81 2.27 13.54 -5.42
C ARG A 81 3.54 13.78 -4.60
N LYS A 82 3.63 13.11 -3.46
CA LYS A 82 4.79 13.24 -2.59
C LYS A 82 5.60 11.95 -2.55
N VAL A 83 4.95 10.84 -2.88
CA VAL A 83 5.61 9.54 -2.90
C VAL A 83 5.34 8.79 -4.21
N LEU A 84 4.10 8.37 -4.38
CA LEU A 84 3.70 7.64 -5.58
C LEU A 84 4.34 8.25 -6.83
N LYS A 85 4.22 9.57 -6.96
CA LYS A 85 4.79 10.28 -8.10
C LYS A 85 6.11 9.64 -8.53
N ARG A 86 7.06 9.57 -7.60
CA ARG A 86 8.36 8.99 -7.87
C ARG A 86 8.21 7.59 -8.47
N LEU A 87 7.25 6.83 -7.97
CA LEU A 87 7.01 5.48 -8.45
C LEU A 87 6.07 5.49 -9.65
N ASN A 88 6.10 6.58 -10.41
CA ASN A 88 5.25 6.72 -11.59
C ASN A 88 3.89 6.08 -11.36
N PHE A 89 3.38 6.20 -10.12
CA PHE A 89 2.09 5.63 -9.77
C PHE A 89 1.07 6.73 -9.51
N SER A 90 -0.03 6.70 -10.26
CA SER A 90 -1.09 7.69 -10.11
C SER A 90 -2.42 7.03 -9.80
N VAL A 91 -3.06 7.46 -8.71
CA VAL A 91 -4.34 6.91 -8.31
C VAL A 91 -5.43 7.99 -8.30
N PRO A 92 -6.62 7.62 -8.78
CA PRO A 92 -7.77 8.55 -8.83
C PRO A 92 -8.32 8.87 -7.45
N ASP A 93 -9.41 9.61 -7.41
CA ASP A 93 -10.04 9.99 -6.15
C ASP A 93 -11.09 8.97 -5.73
N ASP A 94 -11.93 8.57 -6.68
CA ASP A 94 -12.98 7.60 -6.40
C ASP A 94 -12.40 6.34 -5.75
N VAL A 95 -11.09 6.15 -5.92
CA VAL A 95 -10.42 4.99 -5.34
C VAL A 95 -9.95 5.28 -3.91
N MET A 96 -9.49 6.50 -3.68
CA MET A 96 -9.02 6.91 -2.36
C MET A 96 -10.17 6.99 -1.37
N ARG A 97 -11.28 7.59 -1.82
CA ARG A 97 -12.46 7.73 -0.96
C ARG A 97 -12.86 6.39 -0.37
N LYS A 98 -12.62 5.32 -1.11
CA LYS A 98 -12.96 3.98 -0.65
C LYS A 98 -11.90 3.44 0.30
N ILE A 99 -10.64 3.66 -0.04
CA ILE A 99 -9.53 3.21 0.79
C ILE A 99 -9.68 3.69 2.23
N ALA A 100 -9.91 4.99 2.38
CA ALA A 100 -10.08 5.59 3.70
C ALA A 100 -11.39 5.16 4.34
N GLN A 101 -12.31 4.67 3.51
CA GLN A 101 -13.61 4.21 4.00
C GLN A 101 -13.58 2.72 4.31
N CYS A 102 -12.41 2.22 4.67
CA CYS A 102 -12.25 0.80 4.98
C CYS A 102 -13.12 -0.06 4.07
N ALA A 103 -12.99 0.14 2.76
CA ALA A 103 -13.76 -0.62 1.79
C ALA A 103 -13.21 -2.04 1.64
N PRO A 104 -14.03 -2.92 1.06
CA PRO A 104 -13.65 -4.33 0.84
C PRO A 104 -12.56 -4.48 -0.22
N GLY A 105 -11.42 -5.04 0.18
CA GLY A 105 -10.31 -5.22 -0.74
C GLY A 105 -10.21 -4.11 -1.75
N VAL A 106 -9.53 -3.03 -1.38
CA VAL A 106 -9.35 -1.88 -2.26
C VAL A 106 -7.90 -1.41 -2.26
N VAL A 107 -7.40 -1.04 -1.08
CA VAL A 107 -6.04 -0.57 -0.95
C VAL A 107 -5.03 -1.64 -1.37
N GLU A 108 -5.38 -2.89 -1.10
CA GLU A 108 -4.52 -4.02 -1.45
C GLU A 108 -4.20 -4.01 -2.95
N LEU A 109 -5.14 -3.52 -3.74
CA LEU A 109 -4.97 -3.47 -5.19
C LEU A 109 -3.84 -2.51 -5.57
N VAL A 110 -3.57 -1.55 -4.69
CA VAL A 110 -2.51 -0.58 -4.93
C VAL A 110 -1.19 -1.03 -4.29
N LEU A 111 -1.28 -2.00 -3.38
CA LEU A 111 -0.11 -2.52 -2.70
C LEU A 111 0.60 -3.57 -3.55
N ILE A 112 -0.16 -4.25 -4.39
CA ILE A 112 0.39 -5.28 -5.26
C ILE A 112 1.47 -4.70 -6.17
N PRO A 113 1.12 -3.68 -6.97
CA PRO A 113 2.05 -3.02 -7.88
C PRO A 113 3.10 -2.21 -7.15
N LEU A 114 2.70 -1.60 -6.04
CA LEU A 114 3.62 -0.79 -5.24
C LEU A 114 4.96 -1.51 -5.04
N ARG A 115 4.90 -2.82 -4.86
CA ARG A 115 6.10 -3.63 -4.67
C ARG A 115 6.85 -3.80 -5.98
N GLN A 116 6.11 -4.05 -7.05
CA GLN A 116 6.71 -4.24 -8.36
C GLN A 116 7.46 -2.98 -8.81
N ARG A 117 6.93 -1.83 -8.43
CA ARG A 117 7.55 -0.55 -8.79
C ARG A 117 8.83 -0.33 -8.00
N LEU A 118 8.77 -0.57 -6.69
CA LEU A 118 9.94 -0.40 -5.83
C LEU A 118 11.04 -1.37 -6.21
N GLU A 119 10.69 -2.65 -6.33
CA GLU A 119 11.66 -3.67 -6.69
C GLU A 119 12.48 -3.25 -7.90
N GLU A 120 11.84 -2.52 -8.82
CA GLU A 120 12.51 -2.05 -10.02
C GLU A 120 13.81 -1.33 -9.68
N ARG A 121 13.73 -0.37 -8.76
CA ARG A 121 14.90 0.39 -8.35
C ARG A 121 15.82 -0.45 -7.49
N GLN A 122 15.24 -1.38 -6.73
CA GLN A 122 16.01 -2.25 -5.85
C GLN A 122 17.15 -2.92 -6.62
N ARG A 123 16.85 -3.38 -7.82
CA ARG A 123 17.84 -4.05 -8.66
C ARG A 123 19.22 -3.42 -8.46
N ARG A 124 19.25 -2.09 -8.38
CA ARG A 124 20.50 -1.38 -8.19
C ARG A 124 21.42 -2.12 -7.23
N ARG A 125 22.67 -2.34 -7.65
CA ARG A 125 23.64 -3.04 -6.82
C ARG A 125 23.58 -2.55 -5.37
N LYS A 126 23.71 -3.48 -4.44
CA LYS A 126 23.68 -3.15 -3.01
C LYS A 126 24.56 -4.09 -2.21
N GLN A 127 24.95 -3.66 -1.01
CA GLN A 127 25.80 -4.46 -0.14
C GLN A 127 26.84 -5.22 -0.96
N GLY A 1 2.91 -41.07 -14.33
CA GLY A 1 1.55 -40.59 -14.36
C GLY A 1 1.04 -40.35 -15.77
N SER A 2 -0.28 -40.25 -15.91
CA SER A 2 -0.89 -40.03 -17.22
C SER A 2 -1.67 -38.72 -17.24
N SER A 3 -2.50 -38.52 -16.22
CA SER A 3 -3.31 -37.31 -16.12
C SER A 3 -2.50 -36.08 -16.51
N GLY A 4 -3.20 -34.98 -16.80
CA GLY A 4 -2.53 -33.76 -17.19
C GLY A 4 -2.80 -32.62 -16.22
N SER A 5 -2.35 -31.42 -16.58
CA SER A 5 -2.55 -30.25 -15.73
C SER A 5 -2.34 -28.96 -16.54
N SER A 6 -3.36 -28.11 -16.54
CA SER A 6 -3.29 -26.84 -17.27
C SER A 6 -3.30 -25.66 -16.30
N GLY A 7 -3.16 -24.45 -16.85
CA GLY A 7 -3.15 -23.26 -16.03
C GLY A 7 -3.86 -22.10 -16.69
N MET A 8 -5.19 -22.14 -16.71
CA MET A 8 -5.98 -21.08 -17.32
C MET A 8 -5.96 -19.82 -16.47
N ALA A 9 -6.29 -18.69 -17.07
CA ALA A 9 -6.32 -17.42 -16.36
C ALA A 9 -7.60 -17.26 -15.56
N SER A 10 -7.53 -16.48 -14.49
CA SER A 10 -8.68 -16.25 -13.62
C SER A 10 -8.55 -14.93 -12.87
N SER A 11 -9.62 -14.53 -12.20
CA SER A 11 -9.62 -13.28 -11.44
C SER A 11 -8.98 -13.49 -10.06
N VAL A 12 -8.50 -12.40 -9.47
CA VAL A 12 -7.88 -12.45 -8.16
C VAL A 12 -8.67 -13.33 -7.21
N ASP A 13 -7.97 -14.04 -6.32
CA ASP A 13 -8.62 -14.92 -5.36
C ASP A 13 -8.03 -14.70 -3.96
N GLU A 14 -8.67 -15.29 -2.96
CA GLU A 14 -8.23 -15.17 -1.58
C GLU A 14 -6.75 -15.55 -1.45
N GLU A 15 -6.37 -16.62 -2.14
CA GLU A 15 -4.99 -17.10 -2.09
C GLU A 15 -4.02 -15.98 -2.46
N ALA A 16 -4.38 -15.20 -3.48
CA ALA A 16 -3.54 -14.09 -3.93
C ALA A 16 -3.40 -13.03 -2.84
N LEU A 17 -4.47 -12.84 -2.06
CA LEU A 17 -4.45 -11.85 -0.98
C LEU A 17 -3.44 -12.23 0.09
N HIS A 18 -3.51 -13.47 0.56
CA HIS A 18 -2.59 -13.96 1.59
C HIS A 18 -1.14 -13.66 1.20
N GLN A 19 -0.75 -14.09 0.01
CA GLN A 19 0.61 -13.88 -0.47
C GLN A 19 1.05 -12.44 -0.21
N LEU A 20 0.10 -11.52 -0.23
CA LEU A 20 0.40 -10.11 0.00
C LEU A 20 0.48 -9.81 1.50
N TYR A 21 -0.34 -10.51 2.28
CA TYR A 21 -0.37 -10.31 3.72
C TYR A 21 0.94 -10.78 4.35
N LEU A 22 1.48 -11.86 3.83
CA LEU A 22 2.73 -12.41 4.35
C LEU A 22 3.88 -11.41 4.19
N TRP A 23 4.11 -10.99 2.96
CA TRP A 23 5.17 -10.03 2.66
C TRP A 23 5.25 -8.96 3.75
N VAL A 24 4.09 -8.48 4.19
CA VAL A 24 4.02 -7.46 5.22
C VAL A 24 4.55 -7.99 6.55
N ASP A 25 3.98 -9.11 6.99
CA ASP A 25 4.40 -9.72 8.25
C ASP A 25 5.91 -9.86 8.32
N ASN A 26 6.51 -10.31 7.22
CA ASN A 26 7.96 -10.48 7.16
C ASN A 26 8.68 -9.21 7.60
N ILE A 27 8.36 -8.10 6.96
CA ILE A 27 8.97 -6.82 7.29
C ILE A 27 8.71 -6.44 8.75
N PRO A 28 9.77 -6.01 9.44
CA PRO A 28 9.69 -5.61 10.86
C PRO A 28 8.92 -4.31 11.04
N LEU A 29 7.80 -4.39 11.74
CA LEU A 29 6.97 -3.22 12.00
C LEU A 29 6.39 -3.25 13.41
N SER A 30 6.75 -2.26 14.22
CA SER A 30 6.25 -2.18 15.59
C SER A 30 4.80 -2.61 15.67
N ARG A 31 3.96 -2.01 14.84
CA ARG A 31 2.54 -2.32 14.81
C ARG A 31 2.32 -3.83 14.81
N PRO A 32 1.11 -4.25 15.23
CA PRO A 32 0.75 -5.68 15.29
C PRO A 32 0.59 -6.29 13.90
N LYS A 33 0.03 -7.49 13.85
CA LYS A 33 -0.19 -8.18 12.59
C LYS A 33 -1.65 -8.55 12.40
N ARG A 34 -2.53 -7.57 12.59
CA ARG A 34 -3.96 -7.79 12.45
C ARG A 34 -4.44 -7.36 11.07
N ASN A 35 -5.74 -7.50 10.83
CA ASN A 35 -6.33 -7.13 9.54
C ASN A 35 -5.70 -5.84 9.01
N LEU A 36 -4.83 -5.98 8.03
CA LEU A 36 -4.16 -4.82 7.44
C LEU A 36 -5.12 -4.04 6.55
N SER A 37 -5.97 -4.76 5.82
CA SER A 37 -6.94 -4.14 4.94
C SER A 37 -7.54 -2.89 5.59
N ARG A 38 -7.80 -2.98 6.89
CA ARG A 38 -8.38 -1.87 7.64
C ARG A 38 -7.29 -0.99 8.22
N ASP A 39 -6.10 -1.54 8.40
CA ASP A 39 -4.98 -0.80 8.95
C ASP A 39 -4.30 0.05 7.88
N PHE A 40 -3.74 -0.62 6.88
CA PHE A 40 -3.06 0.07 5.79
C PHE A 40 -3.90 1.25 5.28
N SER A 41 -5.18 0.98 5.03
CA SER A 41 -6.09 2.00 4.55
C SER A 41 -5.75 3.36 5.14
N ASP A 42 -5.30 3.35 6.39
CA ASP A 42 -4.95 4.58 7.09
C ASP A 42 -4.08 5.48 6.21
N GLY A 43 -3.00 4.91 5.68
CA GLY A 43 -2.11 5.67 4.83
C GLY A 43 -0.75 5.88 5.45
N VAL A 44 -0.74 6.33 6.70
CA VAL A 44 0.51 6.58 7.41
C VAL A 44 1.35 5.31 7.50
N LEU A 45 0.69 4.18 7.67
CA LEU A 45 1.38 2.89 7.76
C LEU A 45 2.00 2.51 6.42
N VAL A 46 1.24 2.73 5.35
CA VAL A 46 1.71 2.41 4.01
C VAL A 46 3.12 2.96 3.77
N ALA A 47 3.39 4.13 4.33
CA ALA A 47 4.69 4.77 4.18
C ALA A 47 5.79 3.93 4.83
N GLU A 48 5.55 3.51 6.07
CA GLU A 48 6.52 2.71 6.81
C GLU A 48 7.07 1.59 5.93
N VAL A 49 6.16 0.83 5.31
CA VAL A 49 6.57 -0.27 4.45
C VAL A 49 7.63 0.17 3.44
N ILE A 50 7.44 1.36 2.88
CA ILE A 50 8.39 1.90 1.91
C ILE A 50 9.73 2.21 2.56
N LYS A 51 9.69 2.65 3.81
CA LYS A 51 10.90 2.98 4.55
C LYS A 51 11.96 1.90 4.38
N PHE A 52 11.57 0.65 4.62
CA PHE A 52 12.48 -0.48 4.49
C PHE A 52 13.32 -0.35 3.21
N TYR A 53 12.65 -0.13 2.09
CA TYR A 53 13.32 0.02 0.81
C TYR A 53 14.05 1.35 0.72
N PHE A 54 13.29 2.43 0.86
CA PHE A 54 13.86 3.77 0.80
C PHE A 54 13.37 4.63 1.96
N PRO A 55 14.32 5.13 2.77
CA PRO A 55 14.01 5.97 3.94
C PRO A 55 13.50 7.34 3.53
N LYS A 56 14.17 7.96 2.57
CA LYS A 56 13.78 9.28 2.08
C LYS A 56 12.36 9.27 1.53
N MET A 57 12.09 8.34 0.62
CA MET A 57 10.77 8.22 0.02
C MET A 57 9.68 8.47 1.06
N VAL A 58 9.95 8.07 2.29
CA VAL A 58 8.99 8.25 3.38
C VAL A 58 9.13 9.64 4.02
N GLU A 59 8.01 10.33 4.16
CA GLU A 59 8.02 11.66 4.76
C GLU A 59 6.96 11.78 5.85
N MET A 60 7.20 11.11 6.97
CA MET A 60 6.28 11.14 8.09
C MET A 60 6.17 12.54 8.69
N HIS A 61 7.31 13.22 8.77
CA HIS A 61 7.35 14.58 9.32
C HIS A 61 6.13 15.37 8.89
N ASN A 62 5.67 15.13 7.67
CA ASN A 62 4.51 15.83 7.14
C ASN A 62 3.22 15.07 7.45
N TYR A 63 3.20 13.78 7.09
CA TYR A 63 2.03 12.95 7.34
C TYR A 63 1.77 12.79 8.83
N VAL A 64 0.54 13.04 9.24
CA VAL A 64 0.16 12.92 10.65
C VAL A 64 -0.99 11.94 10.83
N PRO A 65 -0.85 11.02 11.79
CA PRO A 65 -1.87 10.02 12.09
C PRO A 65 -3.12 10.61 12.72
N ALA A 66 -4.24 10.52 12.02
CA ALA A 66 -5.50 11.05 12.51
C ALA A 66 -6.50 9.93 12.79
N ASN A 67 -7.60 10.27 13.45
CA ASN A 67 -8.63 9.31 13.79
C ASN A 67 -9.74 9.30 12.74
N SER A 68 -10.49 10.41 12.69
CA SER A 68 -11.58 10.53 11.72
C SER A 68 -11.11 10.18 10.31
N LEU A 69 -12.07 10.06 9.40
CA LEU A 69 -11.76 9.73 8.01
C LEU A 69 -11.50 10.99 7.19
N GLN A 70 -12.26 12.04 7.48
CA GLN A 70 -12.11 13.31 6.78
C GLN A 70 -10.65 13.66 6.59
N GLN A 71 -9.86 13.45 7.64
CA GLN A 71 -8.43 13.75 7.60
C GLN A 71 -7.70 12.76 6.69
N LYS A 72 -8.06 11.49 6.80
CA LYS A 72 -7.44 10.44 6.01
C LYS A 72 -7.17 10.93 4.59
N LEU A 73 -8.24 11.18 3.84
CA LEU A 73 -8.13 11.65 2.46
C LEU A 73 -7.05 12.72 2.34
N SER A 74 -7.06 13.66 3.28
CA SER A 74 -6.08 14.75 3.29
C SER A 74 -4.67 14.20 3.12
N ASN A 75 -4.30 13.26 3.99
CA ASN A 75 -2.98 12.66 3.94
C ASN A 75 -2.73 11.98 2.60
N TRP A 76 -3.57 11.01 2.27
CA TRP A 76 -3.44 10.28 1.02
C TRP A 76 -3.13 11.23 -0.14
N GLY A 77 -3.93 12.28 -0.25
CA GLY A 77 -3.73 13.26 -1.31
C GLY A 77 -2.28 13.64 -1.49
N HIS A 78 -1.59 13.89 -0.37
CA HIS A 78 -0.18 14.26 -0.41
C HIS A 78 0.68 13.08 -0.85
N LEU A 79 0.45 11.93 -0.23
CA LEU A 79 1.20 10.72 -0.57
C LEU A 79 1.06 10.37 -2.04
N ASN A 80 0.10 11.00 -2.71
CA ASN A 80 -0.14 10.76 -4.13
C ASN A 80 0.75 11.65 -4.99
N ARG A 81 1.09 12.83 -4.47
CA ARG A 81 1.94 13.77 -5.19
C ARG A 81 3.31 13.87 -4.54
N LYS A 82 3.51 13.11 -3.47
CA LYS A 82 4.79 13.10 -2.75
C LYS A 82 5.48 11.75 -2.88
N VAL A 83 4.70 10.69 -2.87
CA VAL A 83 5.24 9.33 -2.99
C VAL A 83 4.93 8.74 -4.36
N LEU A 84 3.65 8.42 -4.58
CA LEU A 84 3.23 7.85 -5.86
C LEU A 84 3.93 8.51 -7.03
N LYS A 85 3.73 9.82 -7.19
CA LYS A 85 4.35 10.57 -8.26
C LYS A 85 5.76 10.08 -8.52
N ARG A 86 6.57 10.00 -7.46
CA ARG A 86 7.94 9.55 -7.58
C ARG A 86 8.01 8.19 -8.28
N LEU A 87 7.12 7.28 -7.88
CA LEU A 87 7.09 5.95 -8.46
C LEU A 87 6.21 5.92 -9.71
N ASN A 88 6.17 7.05 -10.42
CA ASN A 88 5.38 7.15 -11.64
C ASN A 88 4.02 6.47 -11.47
N PHE A 89 3.47 6.57 -10.26
CA PHE A 89 2.18 5.96 -9.96
C PHE A 89 1.09 7.02 -9.80
N SER A 90 -0.11 6.71 -10.26
CA SER A 90 -1.24 7.64 -10.16
C SER A 90 -2.48 6.93 -9.65
N VAL A 91 -3.46 7.72 -9.20
CA VAL A 91 -4.70 7.17 -8.68
C VAL A 91 -5.82 8.21 -8.72
N PRO A 92 -6.98 7.83 -9.28
CA PRO A 92 -8.14 8.71 -9.38
C PRO A 92 -8.78 8.99 -8.03
N ASP A 93 -9.47 10.12 -7.92
CA ASP A 93 -10.14 10.50 -6.69
C ASP A 93 -11.19 9.47 -6.29
N ASP A 94 -11.85 8.90 -7.30
CA ASP A 94 -12.88 7.90 -7.06
C ASP A 94 -12.33 6.74 -6.23
N VAL A 95 -11.15 6.26 -6.60
CA VAL A 95 -10.52 5.15 -5.88
C VAL A 95 -10.03 5.59 -4.51
N MET A 96 -9.53 6.82 -4.43
CA MET A 96 -9.03 7.35 -3.17
C MET A 96 -10.11 7.35 -2.10
N ARG A 97 -11.28 7.87 -2.44
CA ARG A 97 -12.40 7.92 -1.52
C ARG A 97 -12.61 6.58 -0.84
N LYS A 98 -12.76 5.54 -1.65
CA LYS A 98 -12.96 4.18 -1.13
C LYS A 98 -11.86 3.81 -0.14
N ILE A 99 -10.62 3.81 -0.62
CA ILE A 99 -9.48 3.48 0.22
C ILE A 99 -9.57 4.17 1.58
N ALA A 100 -9.82 5.48 1.55
CA ALA A 100 -9.93 6.26 2.78
C ALA A 100 -11.07 5.74 3.65
N GLN A 101 -12.06 5.13 3.02
CA GLN A 101 -13.21 4.60 3.74
C GLN A 101 -12.91 3.19 4.28
N CYS A 102 -11.64 2.81 4.24
CA CYS A 102 -11.23 1.50 4.72
C CYS A 102 -11.98 0.40 3.98
N ALA A 103 -12.06 0.51 2.66
CA ALA A 103 -12.76 -0.49 1.85
C ALA A 103 -11.87 -1.70 1.59
N PRO A 104 -12.47 -2.89 1.71
CA PRO A 104 -11.75 -4.16 1.49
C PRO A 104 -11.38 -4.37 0.04
N GLY A 105 -10.12 -4.73 -0.21
CA GLY A 105 -9.67 -4.96 -1.57
C GLY A 105 -9.26 -3.67 -2.27
N VAL A 106 -10.18 -2.73 -2.37
CA VAL A 106 -9.91 -1.46 -3.02
C VAL A 106 -8.46 -1.03 -2.79
N VAL A 107 -8.06 -0.98 -1.52
CA VAL A 107 -6.70 -0.59 -1.17
C VAL A 107 -5.69 -1.63 -1.64
N GLU A 108 -5.98 -2.90 -1.37
CA GLU A 108 -5.10 -3.98 -1.76
C GLU A 108 -4.78 -3.92 -3.26
N LEU A 109 -5.75 -3.47 -4.04
CA LEU A 109 -5.58 -3.36 -5.48
C LEU A 109 -4.43 -2.42 -5.83
N VAL A 110 -4.09 -1.55 -4.88
CA VAL A 110 -3.00 -0.60 -5.08
C VAL A 110 -1.73 -1.05 -4.37
N LEU A 111 -1.88 -1.99 -3.43
CA LEU A 111 -0.76 -2.51 -2.68
C LEU A 111 0.09 -3.45 -3.54
N ILE A 112 -0.58 -4.31 -4.28
CA ILE A 112 0.11 -5.26 -5.15
C ILE A 112 1.11 -4.55 -6.06
N PRO A 113 0.61 -3.60 -6.86
CA PRO A 113 1.45 -2.83 -7.79
C PRO A 113 2.38 -1.86 -7.06
N LEU A 114 2.06 -1.58 -5.80
CA LEU A 114 2.87 -0.67 -4.99
C LEU A 114 4.22 -1.29 -4.67
N ARG A 115 4.21 -2.55 -4.26
CA ARG A 115 5.44 -3.25 -3.92
C ARG A 115 6.15 -3.75 -5.17
N GLN A 116 5.39 -4.32 -6.09
CA GLN A 116 5.94 -4.84 -7.34
C GLN A 116 6.88 -3.81 -7.97
N ARG A 117 6.48 -2.55 -7.96
CA ARG A 117 7.28 -1.48 -8.53
C ARG A 117 8.54 -1.24 -7.70
N LEU A 118 8.35 -0.99 -6.41
CA LEU A 118 9.47 -0.74 -5.51
C LEU A 118 10.63 -1.69 -5.80
N GLU A 119 10.34 -2.98 -5.79
CA GLU A 119 11.36 -3.99 -6.07
C GLU A 119 12.21 -3.60 -7.27
N GLU A 120 11.56 -3.06 -8.29
CA GLU A 120 12.26 -2.64 -9.50
C GLU A 120 13.41 -1.69 -9.17
N ARG A 121 13.14 -0.74 -8.28
CA ARG A 121 14.15 0.23 -7.88
C ARG A 121 15.15 -0.40 -6.91
N GLN A 122 14.63 -0.99 -5.84
CA GLN A 122 15.48 -1.64 -4.84
C GLN A 122 16.54 -2.51 -5.50
N ARG A 123 16.10 -3.45 -6.33
CA ARG A 123 17.01 -4.35 -7.02
C ARG A 123 17.67 -3.65 -8.22
N ARG A 124 18.73 -4.26 -8.73
CA ARG A 124 19.44 -3.69 -9.87
C ARG A 124 19.96 -4.79 -10.80
N ARG A 125 20.14 -4.45 -12.07
CA ARG A 125 20.62 -5.41 -13.05
C ARG A 125 22.15 -5.48 -13.05
N LYS A 126 22.69 -6.40 -13.82
CA LYS A 126 24.14 -6.58 -13.91
C LYS A 126 24.75 -5.61 -14.92
N GLN A 127 25.89 -5.02 -14.58
CA GLN A 127 26.56 -4.08 -15.45
C GLN A 127 27.02 -4.77 -16.73
N GLY A 1 9.34 -34.47 -1.21
CA GLY A 1 9.11 -35.65 -2.02
C GLY A 1 8.86 -35.33 -3.48
N SER A 2 7.59 -35.33 -3.88
CA SER A 2 7.22 -35.03 -5.25
C SER A 2 6.20 -33.90 -5.31
N SER A 3 6.42 -32.87 -4.49
CA SER A 3 5.52 -31.71 -4.45
C SER A 3 5.17 -31.24 -5.85
N GLY A 4 3.91 -30.86 -6.04
CA GLY A 4 3.46 -30.39 -7.34
C GLY A 4 3.31 -28.88 -7.39
N SER A 5 3.47 -28.31 -8.57
CA SER A 5 3.35 -26.87 -8.76
C SER A 5 2.08 -26.52 -9.52
N SER A 6 1.12 -25.91 -8.82
CA SER A 6 -0.14 -25.52 -9.44
C SER A 6 0.00 -24.21 -10.21
N GLY A 7 -1.00 -23.91 -11.03
CA GLY A 7 -0.96 -22.69 -11.81
C GLY A 7 -2.08 -22.63 -12.83
N MET A 8 -3.00 -21.68 -12.65
CA MET A 8 -4.12 -21.52 -13.57
C MET A 8 -4.75 -20.14 -13.41
N ALA A 9 -5.64 -19.79 -14.34
CA ALA A 9 -6.32 -18.51 -14.31
C ALA A 9 -7.69 -18.62 -13.64
N SER A 10 -7.72 -18.55 -12.32
CA SER A 10 -8.96 -18.64 -11.57
C SER A 10 -9.30 -17.31 -10.90
N SER A 11 -10.59 -17.10 -10.67
CA SER A 11 -11.06 -15.86 -10.04
C SER A 11 -10.42 -15.69 -8.66
N VAL A 12 -10.17 -14.43 -8.29
CA VAL A 12 -9.57 -14.12 -7.00
C VAL A 12 -10.26 -14.89 -5.88
N ASP A 13 -9.47 -15.41 -4.94
CA ASP A 13 -10.00 -16.16 -3.82
C ASP A 13 -9.55 -15.56 -2.48
N GLU A 14 -10.03 -16.13 -1.38
CA GLU A 14 -9.66 -15.64 -0.06
C GLU A 14 -8.16 -15.79 0.19
N GLU A 15 -7.57 -16.80 -0.45
CA GLU A 15 -6.14 -17.06 -0.29
C GLU A 15 -5.33 -16.07 -1.12
N ALA A 16 -5.78 -15.80 -2.34
CA ALA A 16 -5.10 -14.87 -3.23
C ALA A 16 -4.64 -13.63 -2.48
N LEU A 17 -5.53 -13.09 -1.65
CA LEU A 17 -5.21 -11.90 -0.87
C LEU A 17 -4.14 -12.19 0.17
N HIS A 18 -4.35 -13.24 0.96
CA HIS A 18 -3.40 -13.63 1.98
C HIS A 18 -1.97 -13.55 1.46
N GLN A 19 -1.70 -14.27 0.38
CA GLN A 19 -0.37 -14.28 -0.22
C GLN A 19 0.29 -12.91 -0.11
N LEU A 20 -0.47 -11.87 -0.47
CA LEU A 20 0.05 -10.51 -0.41
C LEU A 20 0.35 -10.09 1.02
N TYR A 21 -0.59 -10.37 1.91
CA TYR A 21 -0.43 -10.03 3.33
C TYR A 21 0.92 -10.51 3.86
N LEU A 22 1.28 -11.74 3.50
CA LEU A 22 2.54 -12.32 3.94
C LEU A 22 3.69 -11.34 3.74
N TRP A 23 3.76 -10.76 2.55
CA TRP A 23 4.81 -9.80 2.23
C TRP A 23 4.96 -8.76 3.35
N VAL A 24 3.84 -8.21 3.80
CA VAL A 24 3.85 -7.22 4.87
C VAL A 24 4.49 -7.78 6.13
N ASP A 25 4.18 -9.03 6.43
CA ASP A 25 4.73 -9.69 7.62
C ASP A 25 6.26 -9.66 7.60
N ASN A 26 6.83 -10.01 6.46
CA ASN A 26 8.28 -10.03 6.31
C ASN A 26 8.91 -8.78 6.90
N ILE A 27 8.19 -7.66 6.79
CA ILE A 27 8.67 -6.39 7.31
C ILE A 27 8.33 -6.24 8.79
N PRO A 28 9.31 -5.75 9.57
CA PRO A 28 9.14 -5.55 11.01
C PRO A 28 8.18 -4.40 11.33
N LEU A 29 7.53 -3.88 10.30
CA LEU A 29 6.59 -2.78 10.47
C LEU A 29 5.92 -2.84 11.83
N SER A 30 5.87 -1.69 12.51
CA SER A 30 5.25 -1.61 13.83
C SER A 30 3.73 -1.59 13.72
N ARG A 31 3.19 -2.52 12.95
CA ARG A 31 1.74 -2.60 12.76
C ARG A 31 1.04 -2.91 14.09
N PRO A 32 -0.16 -2.32 14.26
CA PRO A 32 -0.95 -2.52 15.48
C PRO A 32 -1.51 -3.92 15.59
N LYS A 33 -2.45 -4.11 16.52
CA LYS A 33 -3.07 -5.42 16.73
C LYS A 33 -4.47 -5.46 16.14
N ARG A 34 -5.16 -4.32 16.20
CA ARG A 34 -6.52 -4.22 15.67
C ARG A 34 -6.56 -4.67 14.20
N ASN A 35 -7.77 -4.72 13.64
CA ASN A 35 -7.94 -5.12 12.25
C ASN A 35 -6.91 -4.44 11.35
N LEU A 36 -6.47 -5.15 10.32
CA LEU A 36 -5.49 -4.61 9.39
C LEU A 36 -6.14 -3.63 8.42
N SER A 37 -7.26 -4.05 7.83
CA SER A 37 -7.97 -3.20 6.88
C SER A 37 -8.04 -1.76 7.37
N ARG A 38 -8.43 -1.60 8.64
CA ARG A 38 -8.53 -0.26 9.23
C ARG A 38 -7.17 0.41 9.32
N ASP A 39 -6.17 -0.35 9.76
CA ASP A 39 -4.81 0.16 9.89
C ASP A 39 -4.31 0.70 8.56
N PHE A 40 -4.24 -0.17 7.57
CA PHE A 40 -3.77 0.22 6.25
C PHE A 40 -4.65 1.31 5.65
N SER A 41 -5.96 1.09 5.69
CA SER A 41 -6.91 2.06 5.16
C SER A 41 -6.43 3.48 5.38
N ASP A 42 -5.84 3.73 6.55
CA ASP A 42 -5.33 5.04 6.89
C ASP A 42 -4.36 5.55 5.82
N GLY A 43 -3.33 4.76 5.54
CA GLY A 43 -2.35 5.15 4.54
C GLY A 43 -0.99 5.47 5.14
N VAL A 44 -1.00 6.23 6.24
CA VAL A 44 0.24 6.61 6.90
C VAL A 44 1.17 5.40 7.07
N LEU A 45 0.58 4.25 7.33
CA LEU A 45 1.35 3.02 7.51
C LEU A 45 2.11 2.67 6.24
N VAL A 46 1.40 2.64 5.11
CA VAL A 46 2.01 2.32 3.83
C VAL A 46 3.39 2.96 3.71
N ALA A 47 3.46 4.26 3.98
CA ALA A 47 4.72 4.99 3.90
C ALA A 47 5.84 4.21 4.57
N GLU A 48 5.59 3.72 5.77
CA GLU A 48 6.58 2.96 6.53
C GLU A 48 7.21 1.88 5.66
N VAL A 49 6.35 1.11 4.98
CA VAL A 49 6.81 0.03 4.11
C VAL A 49 7.95 0.51 3.20
N ILE A 50 7.71 1.60 2.49
CA ILE A 50 8.71 2.16 1.58
C ILE A 50 10.05 2.34 2.30
N LYS A 51 10.00 2.92 3.50
CA LYS A 51 11.21 3.15 4.28
C LYS A 51 12.21 2.03 4.07
N PHE A 52 11.81 0.81 4.37
CA PHE A 52 12.68 -0.35 4.21
C PHE A 52 13.49 -0.25 2.92
N TYR A 53 12.81 0.06 1.83
CA TYR A 53 13.45 0.18 0.53
C TYR A 53 14.24 1.49 0.44
N PHE A 54 13.57 2.60 0.73
CA PHE A 54 14.22 3.91 0.68
C PHE A 54 13.78 4.77 1.86
N PRO A 55 14.73 5.05 2.77
CA PRO A 55 14.48 5.86 3.96
C PRO A 55 14.23 7.33 3.61
N LYS A 56 15.04 7.88 2.71
CA LYS A 56 14.90 9.27 2.30
C LYS A 56 13.52 9.52 1.68
N MET A 57 13.08 8.58 0.86
CA MET A 57 11.78 8.70 0.20
C MET A 57 10.69 9.03 1.22
N VAL A 58 10.60 8.24 2.28
CA VAL A 58 9.60 8.46 3.32
C VAL A 58 9.98 9.63 4.20
N GLU A 59 9.00 10.49 4.48
CA GLU A 59 9.24 11.67 5.31
C GLU A 59 8.85 11.38 6.76
N MET A 60 7.59 11.01 6.97
CA MET A 60 7.10 10.72 8.31
C MET A 60 7.23 11.93 9.22
N HIS A 61 6.84 13.10 8.72
CA HIS A 61 6.92 14.33 9.50
C HIS A 61 5.61 15.10 9.42
N ASN A 62 4.98 15.08 8.25
CA ASN A 62 3.71 15.78 8.06
C ASN A 62 2.53 14.84 8.27
N TYR A 63 2.62 13.65 7.68
CA TYR A 63 1.55 12.66 7.81
C TYR A 63 1.31 12.31 9.27
N VAL A 64 0.06 12.00 9.59
CA VAL A 64 -0.31 11.64 10.96
C VAL A 64 -1.58 10.78 10.98
N PRO A 65 -1.58 9.74 11.84
CA PRO A 65 -2.71 8.84 11.98
C PRO A 65 -3.92 9.51 12.63
N ALA A 66 -5.07 9.42 11.98
CA ALA A 66 -6.29 10.01 12.50
C ALA A 66 -7.49 9.08 12.29
N ASN A 67 -8.56 9.31 13.05
CA ASN A 67 -9.76 8.50 12.95
C ASN A 67 -10.71 9.06 11.89
N SER A 68 -11.06 10.34 12.04
CA SER A 68 -11.95 11.00 11.11
C SER A 68 -11.60 10.63 9.66
N LEU A 69 -12.56 10.84 8.76
CA LEU A 69 -12.35 10.53 7.35
C LEU A 69 -11.62 11.67 6.64
N GLN A 70 -12.05 12.91 6.92
CA GLN A 70 -11.44 14.07 6.32
C GLN A 70 -9.93 13.91 6.21
N GLN A 71 -9.31 13.43 7.28
CA GLN A 71 -7.87 13.23 7.30
C GLN A 71 -7.46 12.09 6.37
N LYS A 72 -8.15 10.96 6.49
CA LYS A 72 -7.86 9.79 5.66
C LYS A 72 -7.48 10.22 4.25
N LEU A 73 -8.36 10.98 3.61
CA LEU A 73 -8.11 11.45 2.25
C LEU A 73 -7.02 12.51 2.24
N SER A 74 -6.99 13.34 3.27
CA SER A 74 -5.99 14.40 3.38
C SER A 74 -4.58 13.85 3.17
N ASN A 75 -4.21 12.86 3.98
CA ASN A 75 -2.90 12.25 3.88
C ASN A 75 -2.70 11.60 2.52
N TRP A 76 -3.52 10.61 2.21
CA TRP A 76 -3.44 9.91 0.94
C TRP A 76 -3.18 10.89 -0.20
N GLY A 77 -3.99 11.95 -0.27
CA GLY A 77 -3.82 12.94 -1.32
C GLY A 77 -2.39 13.42 -1.45
N HIS A 78 -1.79 13.77 -0.31
CA HIS A 78 -0.41 14.24 -0.31
C HIS A 78 0.56 13.15 -0.75
N LEU A 79 0.20 11.91 -0.46
CA LEU A 79 1.03 10.76 -0.84
C LEU A 79 0.99 10.53 -2.34
N ASN A 80 0.05 11.19 -3.02
CA ASN A 80 -0.09 11.06 -4.46
C ASN A 80 0.94 11.92 -5.19
N ARG A 81 1.28 13.05 -4.59
CA ARG A 81 2.25 13.97 -5.17
C ARG A 81 3.55 13.97 -4.38
N LYS A 82 3.60 13.15 -3.34
CA LYS A 82 4.78 13.05 -2.50
C LYS A 82 5.47 11.70 -2.66
N VAL A 83 4.68 10.68 -2.97
CA VAL A 83 5.20 9.32 -3.16
C VAL A 83 4.88 8.80 -4.56
N LEU A 84 3.60 8.49 -4.78
CA LEU A 84 3.16 7.98 -6.06
C LEU A 84 3.92 8.64 -7.22
N LYS A 85 3.81 9.96 -7.31
CA LYS A 85 4.49 10.71 -8.36
C LYS A 85 5.95 10.27 -8.47
N ARG A 86 6.62 10.13 -7.34
CA ARG A 86 8.02 9.72 -7.31
C ARG A 86 8.18 8.33 -7.91
N LEU A 87 7.21 7.46 -7.66
CA LEU A 87 7.25 6.10 -8.18
C LEU A 87 6.49 5.99 -9.49
N ASN A 88 6.53 7.07 -10.28
CA ASN A 88 5.84 7.09 -11.57
C ASN A 88 4.45 6.48 -11.46
N PHE A 89 3.85 6.59 -10.27
CA PHE A 89 2.52 6.04 -10.04
C PHE A 89 1.49 7.16 -9.91
N SER A 90 0.23 6.82 -10.16
CA SER A 90 -0.85 7.81 -10.09
C SER A 90 -2.18 7.12 -9.82
N VAL A 91 -3.02 7.75 -9.00
CA VAL A 91 -4.32 7.21 -8.66
C VAL A 91 -5.36 8.31 -8.50
N PRO A 92 -6.55 8.10 -9.07
CA PRO A 92 -7.65 9.07 -9.00
C PRO A 92 -8.24 9.18 -7.60
N ASP A 93 -9.04 10.21 -7.38
CA ASP A 93 -9.67 10.43 -6.08
C ASP A 93 -10.68 9.33 -5.77
N ASP A 94 -11.35 8.83 -6.81
CA ASP A 94 -12.34 7.77 -6.66
C ASP A 94 -11.73 6.57 -5.94
N VAL A 95 -10.56 6.15 -6.40
CA VAL A 95 -9.88 5.00 -5.81
C VAL A 95 -9.58 5.23 -4.34
N MET A 96 -9.04 6.41 -4.03
CA MET A 96 -8.72 6.75 -2.65
C MET A 96 -9.96 6.68 -1.76
N ARG A 97 -11.03 7.35 -2.17
CA ARG A 97 -12.27 7.36 -1.42
C ARG A 97 -12.56 5.97 -0.84
N LYS A 98 -12.42 4.95 -1.67
CA LYS A 98 -12.66 3.58 -1.25
C LYS A 98 -11.72 3.18 -0.11
N ILE A 99 -10.42 3.34 -0.34
CA ILE A 99 -9.41 3.00 0.65
C ILE A 99 -9.76 3.62 2.01
N ALA A 100 -9.80 4.94 2.06
CA ALA A 100 -10.12 5.65 3.29
C ALA A 100 -11.42 5.14 3.89
N GLN A 101 -12.29 4.58 3.04
CA GLN A 101 -13.57 4.06 3.50
C GLN A 101 -13.46 2.57 3.83
N CYS A 102 -12.29 2.15 4.30
CA CYS A 102 -12.06 0.76 4.66
C CYS A 102 -12.79 -0.17 3.72
N ALA A 103 -12.71 0.12 2.42
CA ALA A 103 -13.37 -0.70 1.41
C ALA A 103 -12.61 -1.98 1.15
N PRO A 104 -13.34 -3.08 0.92
CA PRO A 104 -12.75 -4.39 0.66
C PRO A 104 -12.05 -4.45 -0.69
N GLY A 105 -11.04 -5.32 -0.80
CA GLY A 105 -10.31 -5.46 -2.04
C GLY A 105 -10.16 -4.14 -2.77
N VAL A 106 -9.52 -3.17 -2.12
CA VAL A 106 -9.32 -1.86 -2.72
C VAL A 106 -7.87 -1.42 -2.57
N VAL A 107 -7.41 -1.27 -1.33
CA VAL A 107 -6.05 -0.85 -1.05
C VAL A 107 -5.04 -1.85 -1.62
N GLU A 108 -5.37 -3.14 -1.53
CA GLU A 108 -4.50 -4.19 -2.05
C GLU A 108 -4.23 -4.00 -3.54
N LEU A 109 -5.26 -3.57 -4.27
CA LEU A 109 -5.12 -3.35 -5.70
C LEU A 109 -3.95 -2.41 -6.00
N VAL A 110 -3.50 -1.71 -4.98
CA VAL A 110 -2.38 -0.77 -5.14
C VAL A 110 -1.10 -1.35 -4.55
N LEU A 111 -1.25 -2.21 -3.54
CA LEU A 111 -0.11 -2.83 -2.89
C LEU A 111 0.61 -3.79 -3.83
N ILE A 112 -0.16 -4.57 -4.57
CA ILE A 112 0.39 -5.52 -5.51
C ILE A 112 1.44 -4.87 -6.40
N PRO A 113 1.04 -3.83 -7.13
CA PRO A 113 1.92 -3.09 -8.03
C PRO A 113 2.96 -2.27 -7.27
N LEU A 114 2.59 -1.77 -6.11
CA LEU A 114 3.49 -0.98 -5.28
C LEU A 114 4.89 -1.58 -5.27
N ARG A 115 4.96 -2.90 -5.08
CA ARG A 115 6.24 -3.60 -5.06
C ARG A 115 6.91 -3.58 -6.42
N GLN A 116 6.21 -4.10 -7.42
CA GLN A 116 6.74 -4.15 -8.78
C GLN A 116 7.58 -2.91 -9.08
N ARG A 117 7.13 -1.76 -8.58
CA ARG A 117 7.85 -0.51 -8.79
C ARG A 117 9.05 -0.40 -7.85
N LEU A 118 8.80 -0.60 -6.57
CA LEU A 118 9.86 -0.53 -5.56
C LEU A 118 11.04 -1.41 -5.95
N GLU A 119 10.75 -2.64 -6.36
CA GLU A 119 11.79 -3.58 -6.76
C GLU A 119 12.61 -3.03 -7.91
N GLU A 120 11.92 -2.42 -8.88
CA GLU A 120 12.59 -1.84 -10.04
C GLU A 120 13.73 -0.92 -9.62
N ARG A 121 13.41 0.06 -8.78
CA ARG A 121 14.42 1.00 -8.29
C ARG A 121 15.43 0.31 -7.38
N GLN A 122 14.93 -0.42 -6.39
CA GLN A 122 15.79 -1.14 -5.46
C GLN A 122 16.89 -1.89 -6.20
N ARG A 123 16.50 -2.95 -6.92
CA ARG A 123 17.45 -3.75 -7.67
C ARG A 123 18.33 -2.87 -8.55
N ARG A 124 19.42 -3.45 -9.07
CA ARG A 124 20.35 -2.73 -9.91
C ARG A 124 20.85 -3.61 -11.05
N ARG A 125 20.69 -3.14 -12.27
CA ARG A 125 21.13 -3.89 -13.45
C ARG A 125 22.51 -3.43 -13.90
N LYS A 126 23.45 -4.37 -14.00
CA LYS A 126 24.81 -4.05 -14.41
C LYS A 126 24.94 -4.13 -15.93
N GLN A 127 26.09 -3.69 -16.44
CA GLN A 127 26.33 -3.69 -17.88
C GLN A 127 25.06 -3.38 -18.65
N GLY A 1 -13.63 -19.29 -5.04
CA GLY A 1 -12.91 -20.09 -4.06
C GLY A 1 -13.14 -21.58 -4.24
N SER A 2 -12.18 -22.25 -4.85
CA SER A 2 -12.28 -23.69 -5.09
C SER A 2 -10.98 -24.24 -5.68
N SER A 3 -10.86 -25.56 -5.68
CA SER A 3 -9.66 -26.21 -6.21
C SER A 3 -10.04 -27.32 -7.18
N GLY A 4 -9.51 -27.23 -8.40
CA GLY A 4 -9.79 -28.23 -9.41
C GLY A 4 -9.65 -27.70 -10.82
N SER A 5 -8.58 -26.96 -11.06
CA SER A 5 -8.33 -26.38 -12.38
C SER A 5 -7.23 -27.16 -13.12
N SER A 6 -7.45 -27.36 -14.41
CA SER A 6 -6.49 -28.09 -15.24
C SER A 6 -5.34 -27.19 -15.66
N GLY A 7 -5.68 -26.00 -16.14
CA GLY A 7 -4.67 -25.05 -16.59
C GLY A 7 -5.19 -24.09 -17.63
N MET A 8 -5.69 -22.94 -17.18
CA MET A 8 -6.22 -21.94 -18.08
C MET A 8 -6.16 -20.55 -17.44
N ALA A 9 -6.10 -19.52 -18.28
CA ALA A 9 -6.05 -18.15 -17.80
C ALA A 9 -7.36 -17.75 -17.11
N SER A 10 -7.26 -17.39 -15.84
CA SER A 10 -8.44 -17.01 -15.06
C SER A 10 -8.11 -15.85 -14.13
N SER A 11 -9.15 -15.24 -13.56
CA SER A 11 -8.97 -14.12 -12.64
C SER A 11 -8.29 -14.59 -11.35
N VAL A 12 -7.56 -13.67 -10.72
CA VAL A 12 -6.87 -13.98 -9.47
C VAL A 12 -7.79 -14.69 -8.49
N ASP A 13 -7.28 -15.73 -7.85
CA ASP A 13 -8.06 -16.49 -6.87
C ASP A 13 -7.80 -15.97 -5.46
N GLU A 14 -8.55 -16.52 -4.49
CA GLU A 14 -8.40 -16.10 -3.10
C GLU A 14 -7.01 -16.45 -2.58
N GLU A 15 -6.54 -17.67 -2.87
CA GLU A 15 -5.22 -18.11 -2.44
C GLU A 15 -4.15 -17.13 -2.89
N ALA A 16 -4.20 -16.76 -4.17
CA ALA A 16 -3.22 -15.83 -4.74
C ALA A 16 -3.03 -14.62 -3.82
N LEU A 17 -4.13 -14.08 -3.33
CA LEU A 17 -4.08 -12.92 -2.44
C LEU A 17 -3.29 -13.23 -1.18
N HIS A 18 -3.49 -14.42 -0.63
CA HIS A 18 -2.80 -14.84 0.58
C HIS A 18 -1.32 -14.48 0.50
N GLN A 19 -0.69 -14.81 -0.62
CA GLN A 19 0.72 -14.52 -0.82
C GLN A 19 1.04 -13.07 -0.47
N LEU A 20 0.17 -12.17 -0.88
CA LEU A 20 0.35 -10.75 -0.61
C LEU A 20 0.22 -10.46 0.88
N TYR A 21 -0.61 -11.24 1.56
CA TYR A 21 -0.82 -11.07 2.99
C TYR A 21 0.41 -11.48 3.79
N LEU A 22 1.21 -12.38 3.20
CA LEU A 22 2.42 -12.85 3.85
C LEU A 22 3.57 -11.85 3.68
N TRP A 23 3.74 -11.37 2.45
CA TRP A 23 4.80 -10.41 2.15
C TRP A 23 4.81 -9.28 3.16
N VAL A 24 3.62 -8.77 3.49
CA VAL A 24 3.50 -7.68 4.46
C VAL A 24 4.10 -8.07 5.80
N ASP A 25 4.10 -9.37 6.09
CA ASP A 25 4.65 -9.88 7.34
C ASP A 25 6.17 -9.78 7.36
N ASN A 26 6.80 -10.21 6.27
CA ASN A 26 8.25 -10.17 6.16
C ASN A 26 8.77 -8.76 6.46
N ILE A 27 8.10 -7.76 5.91
CA ILE A 27 8.50 -6.36 6.12
C ILE A 27 8.65 -6.06 7.60
N PRO A 28 9.82 -5.52 7.98
CA PRO A 28 10.11 -5.16 9.37
C PRO A 28 9.30 -3.96 9.85
N LEU A 29 8.25 -4.24 10.60
CA LEU A 29 7.39 -3.17 11.12
C LEU A 29 7.31 -3.23 12.65
N SER A 30 7.32 -2.06 13.27
CA SER A 30 7.25 -1.97 14.73
C SER A 30 5.80 -2.05 15.21
N ARG A 31 5.18 -3.20 15.01
CA ARG A 31 3.80 -3.40 15.42
C ARG A 31 3.42 -4.87 15.34
N PRO A 32 2.51 -5.30 16.24
CA PRO A 32 2.04 -6.68 16.30
C PRO A 32 1.18 -7.05 15.10
N LYS A 33 0.48 -8.18 15.20
CA LYS A 33 -0.39 -8.64 14.13
C LYS A 33 -1.83 -8.14 14.33
N ARG A 34 -2.28 -7.27 13.43
CA ARG A 34 -3.63 -6.73 13.52
C ARG A 34 -4.21 -6.49 12.12
N ASN A 35 -5.52 -6.57 12.01
CA ASN A 35 -6.20 -6.36 10.73
C ASN A 35 -5.60 -5.18 9.99
N LEU A 36 -4.63 -5.45 9.13
CA LEU A 36 -3.97 -4.41 8.35
C LEU A 36 -4.93 -3.80 7.33
N SER A 37 -5.91 -4.59 6.89
CA SER A 37 -6.89 -4.14 5.92
C SER A 37 -7.47 -2.79 6.32
N ARG A 38 -7.80 -2.65 7.60
CA ARG A 38 -8.37 -1.40 8.11
C ARG A 38 -7.25 -0.43 8.51
N ASP A 39 -6.32 -0.90 9.31
CA ASP A 39 -5.21 -0.07 9.76
C ASP A 39 -4.62 0.72 8.60
N PHE A 40 -4.25 0.01 7.54
CA PHE A 40 -3.67 0.64 6.36
C PHE A 40 -4.49 1.85 5.94
N SER A 41 -5.80 1.70 5.93
CA SER A 41 -6.71 2.79 5.55
C SER A 41 -6.18 4.13 6.05
N ASP A 42 -5.53 4.11 7.21
CA ASP A 42 -4.98 5.32 7.80
C ASP A 42 -4.02 6.01 6.83
N GLY A 43 -3.07 5.25 6.30
CA GLY A 43 -2.11 5.81 5.36
C GLY A 43 -0.74 6.00 5.98
N VAL A 44 -0.72 6.51 7.21
CA VAL A 44 0.53 6.74 7.93
C VAL A 44 1.37 5.47 8.01
N LEU A 45 0.70 4.33 8.15
CA LEU A 45 1.37 3.04 8.24
C LEU A 45 2.10 2.72 6.94
N VAL A 46 1.39 2.84 5.83
CA VAL A 46 1.98 2.57 4.52
C VAL A 46 3.30 3.30 4.34
N ALA A 47 3.33 4.57 4.74
CA ALA A 47 4.54 5.38 4.63
C ALA A 47 5.72 4.69 5.30
N GLU A 48 5.46 4.02 6.42
CA GLU A 48 6.51 3.33 7.15
C GLU A 48 7.05 2.16 6.35
N VAL A 49 6.16 1.46 5.66
CA VAL A 49 6.55 0.31 4.84
C VAL A 49 7.59 0.71 3.80
N ILE A 50 7.42 1.89 3.22
CA ILE A 50 8.35 2.39 2.21
C ILE A 50 9.74 2.63 2.80
N LYS A 51 9.76 3.06 4.07
CA LYS A 51 11.01 3.33 4.76
C LYS A 51 12.04 2.25 4.48
N PHE A 52 11.65 0.99 4.73
CA PHE A 52 12.54 -0.14 4.50
C PHE A 52 13.25 -0.01 3.17
N TYR A 53 12.48 0.14 2.09
CA TYR A 53 13.04 0.26 0.76
C TYR A 53 13.85 1.56 0.63
N PHE A 54 13.20 2.69 0.91
CA PHE A 54 13.86 3.98 0.83
C PHE A 54 13.43 4.88 1.99
N PRO A 55 14.37 5.11 2.92
CA PRO A 55 14.10 5.96 4.10
C PRO A 55 13.96 7.43 3.74
N LYS A 56 14.68 7.85 2.69
CA LYS A 56 14.62 9.24 2.25
C LYS A 56 13.26 9.56 1.63
N MET A 57 12.76 8.65 0.79
CA MET A 57 11.47 8.83 0.14
C MET A 57 10.38 9.06 1.18
N VAL A 58 10.55 8.49 2.37
CA VAL A 58 9.58 8.63 3.44
C VAL A 58 9.79 9.92 4.21
N GLU A 59 8.73 10.70 4.37
CA GLU A 59 8.81 11.96 5.09
C GLU A 59 7.80 12.00 6.24
N MET A 60 8.18 11.43 7.37
CA MET A 60 7.32 11.40 8.54
C MET A 60 7.41 12.71 9.33
N HIS A 61 7.13 13.81 8.65
CA HIS A 61 7.18 15.12 9.29
C HIS A 61 5.91 15.92 8.99
N ASN A 62 5.35 15.71 7.80
CA ASN A 62 4.14 16.42 7.40
C ASN A 62 2.90 15.58 7.72
N TYR A 63 2.94 14.30 7.34
CA TYR A 63 1.82 13.40 7.59
C TYR A 63 1.59 13.21 9.08
N VAL A 64 0.37 13.48 9.53
CA VAL A 64 0.02 13.33 10.93
C VAL A 64 -1.12 12.34 11.11
N PRO A 65 -1.00 11.48 12.14
CA PRO A 65 -2.01 10.45 12.44
C PRO A 65 -3.30 11.07 12.98
N ALA A 66 -4.34 11.06 12.16
CA ALA A 66 -5.63 11.62 12.56
C ALA A 66 -6.67 10.52 12.75
N ASN A 67 -7.87 10.90 13.18
CA ASN A 67 -8.94 9.95 13.40
C ASN A 67 -10.12 10.23 12.48
N SER A 68 -10.42 11.51 12.28
CA SER A 68 -11.52 11.90 11.42
C SER A 68 -11.33 11.38 10.00
N LEU A 69 -12.35 11.54 9.17
CA LEU A 69 -12.30 11.08 7.79
C LEU A 69 -11.58 12.09 6.90
N GLN A 70 -12.09 13.31 6.88
CA GLN A 70 -11.49 14.37 6.07
C GLN A 70 -9.97 14.29 6.10
N GLN A 71 -9.42 14.13 7.29
CA GLN A 71 -7.97 14.03 7.46
C GLN A 71 -7.40 12.92 6.58
N LYS A 72 -8.02 11.76 6.63
CA LYS A 72 -7.58 10.62 5.84
C LYS A 72 -7.36 11.01 4.38
N LEU A 73 -8.45 11.40 3.71
CA LEU A 73 -8.37 11.81 2.32
C LEU A 73 -7.28 12.85 2.10
N SER A 74 -7.24 13.84 2.98
CA SER A 74 -6.24 14.90 2.89
C SER A 74 -4.82 14.32 2.88
N ASN A 75 -4.57 13.41 3.82
CA ASN A 75 -3.26 12.77 3.92
C ASN A 75 -2.93 12.01 2.64
N TRP A 76 -3.76 11.04 2.30
CA TRP A 76 -3.55 10.24 1.10
C TRP A 76 -3.27 11.13 -0.11
N GLY A 77 -4.15 12.11 -0.33
CA GLY A 77 -3.97 13.01 -1.46
C GLY A 77 -2.51 13.36 -1.69
N HIS A 78 -1.83 13.79 -0.64
CA HIS A 78 -0.42 14.17 -0.74
C HIS A 78 0.42 12.97 -1.15
N LEU A 79 0.32 11.88 -0.40
CA LEU A 79 1.08 10.67 -0.68
C LEU A 79 1.01 10.32 -2.16
N ASN A 80 -0.02 10.82 -2.84
CA ASN A 80 -0.20 10.56 -4.26
C ASN A 80 0.73 11.44 -5.10
N ARG A 81 0.90 12.69 -4.67
CA ARG A 81 1.77 13.63 -5.37
C ARG A 81 3.10 13.79 -4.65
N LYS A 82 3.28 13.01 -3.59
CA LYS A 82 4.51 13.08 -2.81
C LYS A 82 5.29 11.76 -2.90
N VAL A 83 4.56 10.66 -3.05
CA VAL A 83 5.17 9.35 -3.15
C VAL A 83 4.87 8.71 -4.50
N LEU A 84 3.64 8.24 -4.66
CA LEU A 84 3.22 7.60 -5.91
C LEU A 84 3.87 8.29 -7.12
N LYS A 85 3.61 9.59 -7.25
CA LYS A 85 4.18 10.36 -8.36
C LYS A 85 5.61 9.92 -8.67
N ARG A 86 6.45 9.91 -7.64
CA ARG A 86 7.84 9.51 -7.80
C ARG A 86 7.94 8.10 -8.37
N LEU A 87 7.04 7.23 -7.92
CA LEU A 87 7.03 5.84 -8.39
C LEU A 87 6.25 5.72 -9.69
N ASN A 88 6.25 6.78 -10.48
CA ASN A 88 5.54 6.80 -11.76
C ASN A 88 4.17 6.14 -11.63
N PHE A 89 3.55 6.33 -10.47
CA PHE A 89 2.23 5.74 -10.22
C PHE A 89 1.17 6.84 -10.13
N SER A 90 -0.04 6.54 -10.62
CA SER A 90 -1.13 7.50 -10.60
C SER A 90 -2.42 6.84 -10.12
N VAL A 91 -3.25 7.61 -9.44
CA VAL A 91 -4.52 7.09 -8.93
C VAL A 91 -5.59 8.18 -8.92
N PRO A 92 -6.81 7.82 -9.30
CA PRO A 92 -7.95 8.75 -9.34
C PRO A 92 -8.41 9.16 -7.95
N ASP A 93 -9.18 10.24 -7.87
CA ASP A 93 -9.69 10.73 -6.60
C ASP A 93 -10.80 9.83 -6.08
N ASP A 94 -11.40 9.06 -6.97
CA ASP A 94 -12.48 8.15 -6.59
C ASP A 94 -11.94 6.96 -5.82
N VAL A 95 -10.90 6.34 -6.34
CA VAL A 95 -10.29 5.18 -5.69
C VAL A 95 -9.76 5.55 -4.31
N MET A 96 -9.30 6.78 -4.17
CA MET A 96 -8.76 7.26 -2.90
C MET A 96 -9.84 7.26 -1.82
N ARG A 97 -11.03 7.75 -2.18
CA ARG A 97 -12.15 7.81 -1.23
C ARG A 97 -12.36 6.47 -0.56
N LYS A 98 -12.46 5.41 -1.35
CA LYS A 98 -12.66 4.07 -0.82
C LYS A 98 -11.60 3.73 0.21
N ILE A 99 -10.34 3.78 -0.20
CA ILE A 99 -9.23 3.49 0.69
C ILE A 99 -9.41 4.15 2.05
N ALA A 100 -9.59 5.47 2.04
CA ALA A 100 -9.79 6.22 3.28
C ALA A 100 -11.05 5.77 4.00
N GLN A 101 -11.98 5.19 3.24
CA GLN A 101 -13.24 4.72 3.81
C GLN A 101 -13.08 3.32 4.41
N CYS A 102 -11.82 2.92 4.63
CA CYS A 102 -11.53 1.61 5.19
C CYS A 102 -12.26 0.51 4.42
N ALA A 103 -12.05 0.49 3.11
CA ALA A 103 -12.69 -0.51 2.26
C ALA A 103 -11.75 -1.69 2.01
N PRO A 104 -12.21 -2.90 2.39
CA PRO A 104 -11.42 -4.13 2.21
C PRO A 104 -11.29 -4.53 0.75
N GLY A 105 -10.07 -4.78 0.31
CA GLY A 105 -9.83 -5.17 -1.06
C GLY A 105 -9.33 -4.03 -1.92
N VAL A 106 -10.04 -2.90 -1.87
CA VAL A 106 -9.67 -1.73 -2.64
C VAL A 106 -8.17 -1.43 -2.49
N VAL A 107 -7.80 -0.94 -1.32
CA VAL A 107 -6.39 -0.61 -1.05
C VAL A 107 -5.48 -1.77 -1.43
N GLU A 108 -5.96 -2.99 -1.25
CA GLU A 108 -5.19 -4.17 -1.57
C GLU A 108 -4.74 -4.15 -3.03
N LEU A 109 -5.65 -3.78 -3.92
CA LEU A 109 -5.34 -3.73 -5.35
C LEU A 109 -4.18 -2.77 -5.61
N VAL A 110 -3.91 -1.90 -4.65
CA VAL A 110 -2.81 -0.94 -4.78
C VAL A 110 -1.55 -1.46 -4.11
N LEU A 111 -1.70 -2.44 -3.24
CA LEU A 111 -0.57 -3.03 -2.54
C LEU A 111 0.15 -4.04 -3.41
N ILE A 112 -0.60 -4.68 -4.31
CA ILE A 112 -0.03 -5.68 -5.21
C ILE A 112 1.01 -5.05 -6.14
N PRO A 113 0.59 -4.03 -6.90
CA PRO A 113 1.47 -3.32 -7.84
C PRO A 113 2.52 -2.48 -7.12
N LEU A 114 2.13 -1.90 -5.99
CA LEU A 114 3.04 -1.07 -5.21
C LEU A 114 4.35 -1.78 -4.96
N ARG A 115 4.29 -2.93 -4.29
CA ARG A 115 5.48 -3.71 -3.99
C ARG A 115 6.26 -4.03 -5.26
N GLN A 116 5.53 -4.38 -6.32
CA GLN A 116 6.16 -4.71 -7.59
C GLN A 116 7.08 -3.58 -8.06
N ARG A 117 6.71 -2.35 -7.75
CA ARG A 117 7.50 -1.19 -8.13
C ARG A 117 8.72 -1.04 -7.23
N LEU A 118 8.52 -1.29 -5.94
CA LEU A 118 9.60 -1.18 -4.96
C LEU A 118 10.66 -2.25 -5.21
N GLU A 119 10.22 -3.42 -5.66
CA GLU A 119 11.13 -4.52 -5.94
C GLU A 119 12.05 -4.19 -7.12
N GLU A 120 11.56 -3.34 -8.02
CA GLU A 120 12.33 -2.94 -9.18
C GLU A 120 13.10 -1.64 -8.91
N ARG A 121 12.70 -0.93 -7.87
CA ARG A 121 13.34 0.32 -7.50
C ARG A 121 14.56 0.06 -6.62
N GLN A 122 14.44 -0.92 -5.72
CA GLN A 122 15.54 -1.26 -4.83
C GLN A 122 16.88 -1.21 -5.54
N ARG A 123 16.86 -1.55 -6.82
CA ARG A 123 18.09 -1.54 -7.63
C ARG A 123 19.01 -0.40 -7.21
N ARG A 124 18.43 0.76 -6.96
CA ARG A 124 19.20 1.93 -6.55
C ARG A 124 19.84 1.71 -5.18
N ARG A 125 21.12 1.37 -5.19
CA ARG A 125 21.86 1.13 -3.95
C ARG A 125 22.39 2.44 -3.37
N LYS A 126 21.85 2.84 -2.22
CA LYS A 126 22.28 4.07 -1.57
C LYS A 126 22.76 3.80 -0.15
N GLN A 127 23.50 4.73 0.42
CA GLN A 127 24.01 4.59 1.78
C GLN A 127 22.90 4.17 2.74
N GLY A 1 -11.54 -21.27 9.85
CA GLY A 1 -10.43 -21.10 8.93
C GLY A 1 -10.69 -21.73 7.59
N SER A 2 -11.07 -20.89 6.61
CA SER A 2 -11.36 -21.38 5.27
C SER A 2 -10.06 -21.76 4.54
N SER A 3 -10.20 -22.60 3.52
CA SER A 3 -9.05 -23.05 2.74
C SER A 3 -9.50 -23.82 1.50
N GLY A 4 -8.98 -23.41 0.35
CA GLY A 4 -9.33 -24.07 -0.89
C GLY A 4 -8.41 -23.69 -2.03
N SER A 5 -8.62 -24.32 -3.19
CA SER A 5 -7.79 -24.05 -4.36
C SER A 5 -8.62 -23.43 -5.49
N SER A 6 -7.97 -22.65 -6.34
CA SER A 6 -8.64 -22.00 -7.45
C SER A 6 -7.65 -21.64 -8.55
N GLY A 7 -7.87 -22.18 -9.75
CA GLY A 7 -7.00 -21.90 -10.87
C GLY A 7 -7.74 -21.76 -12.18
N MET A 8 -8.53 -20.69 -12.30
CA MET A 8 -9.31 -20.45 -13.51
C MET A 8 -9.18 -18.99 -13.96
N ALA A 9 -9.12 -18.78 -15.27
CA ALA A 9 -9.00 -17.44 -15.82
C ALA A 9 -10.11 -16.53 -15.29
N SER A 10 -9.81 -15.80 -14.22
CA SER A 10 -10.78 -14.89 -13.61
C SER A 10 -10.08 -13.81 -12.80
N SER A 11 -10.86 -12.84 -12.32
CA SER A 11 -10.31 -11.76 -11.52
C SER A 11 -9.48 -12.29 -10.36
N VAL A 12 -8.77 -11.39 -9.69
CA VAL A 12 -7.94 -11.77 -8.55
C VAL A 12 -8.70 -12.70 -7.60
N ASP A 13 -8.05 -13.79 -7.21
CA ASP A 13 -8.66 -14.76 -6.31
C ASP A 13 -8.33 -14.42 -4.85
N GLU A 14 -9.17 -14.91 -3.94
CA GLU A 14 -8.96 -14.66 -2.51
C GLU A 14 -7.57 -15.12 -2.07
N GLU A 15 -7.09 -16.22 -2.67
CA GLU A 15 -5.79 -16.75 -2.34
C GLU A 15 -4.69 -15.73 -2.64
N ALA A 16 -4.80 -15.06 -3.78
CA ALA A 16 -3.82 -14.05 -4.17
C ALA A 16 -3.67 -12.99 -3.09
N LEU A 17 -4.79 -12.50 -2.59
CA LEU A 17 -4.77 -11.48 -1.55
C LEU A 17 -3.88 -11.90 -0.38
N HIS A 18 -4.06 -13.13 0.08
CA HIS A 18 -3.26 -13.64 1.19
C HIS A 18 -1.78 -13.42 0.94
N GLN A 19 -1.31 -13.79 -0.24
CA GLN A 19 0.09 -13.64 -0.59
C GLN A 19 0.58 -12.23 -0.29
N LEU A 20 -0.31 -11.25 -0.45
CA LEU A 20 0.02 -9.86 -0.19
C LEU A 20 0.05 -9.57 1.30
N TYR A 21 -0.75 -10.33 2.06
CA TYR A 21 -0.81 -10.16 3.51
C TYR A 21 0.46 -10.69 4.18
N LEU A 22 1.14 -11.60 3.50
CA LEU A 22 2.37 -12.19 4.03
C LEU A 22 3.56 -11.26 3.78
N TRP A 23 3.69 -10.80 2.55
CA TRP A 23 4.78 -9.91 2.18
C TRP A 23 5.01 -8.84 3.24
N VAL A 24 3.93 -8.41 3.87
CA VAL A 24 4.00 -7.39 4.91
C VAL A 24 4.71 -7.93 6.16
N ASP A 25 4.38 -9.16 6.54
CA ASP A 25 4.99 -9.79 7.70
C ASP A 25 6.50 -9.75 7.60
N ASN A 26 7.04 -10.19 6.47
CA ASN A 26 8.48 -10.21 6.26
C ASN A 26 9.12 -8.91 6.73
N ILE A 27 8.57 -7.79 6.27
CA ILE A 27 9.08 -6.48 6.65
C ILE A 27 8.80 -6.18 8.11
N PRO A 28 9.82 -5.67 8.82
CA PRO A 28 9.72 -5.33 10.25
C PRO A 28 8.81 -4.12 10.48
N LEU A 29 7.59 -4.39 10.94
CA LEU A 29 6.63 -3.33 11.21
C LEU A 29 6.01 -3.50 12.60
N SER A 30 6.83 -3.34 13.62
CA SER A 30 6.36 -3.48 15.00
C SER A 30 4.96 -2.90 15.16
N ARG A 31 4.81 -1.63 14.81
CA ARG A 31 3.52 -0.96 14.91
C ARG A 31 2.37 -1.94 14.66
N PRO A 32 1.80 -2.47 15.74
CA PRO A 32 0.69 -3.43 15.65
C PRO A 32 -0.60 -2.77 15.18
N LYS A 33 -1.63 -3.59 14.96
CA LYS A 33 -2.92 -3.10 14.51
C LYS A 33 -4.00 -4.16 14.65
N ARG A 34 -5.20 -3.74 15.04
CA ARG A 34 -6.31 -4.67 15.21
C ARG A 34 -6.59 -5.43 13.92
N ASN A 35 -6.59 -4.71 12.81
CA ASN A 35 -6.84 -5.34 11.51
C ASN A 35 -5.79 -4.90 10.48
N LEU A 36 -5.88 -5.46 9.28
CA LEU A 36 -4.95 -5.12 8.22
C LEU A 36 -5.41 -3.89 7.44
N SER A 37 -6.63 -3.95 6.93
CA SER A 37 -7.20 -2.84 6.17
C SER A 37 -7.56 -1.68 7.09
N ARG A 38 -8.02 -2.00 8.29
CA ARG A 38 -8.40 -0.98 9.26
C ARG A 38 -7.33 0.11 9.36
N ASP A 39 -6.07 -0.30 9.30
CA ASP A 39 -4.96 0.63 9.39
C ASP A 39 -4.50 1.04 7.99
N PHE A 40 -4.00 0.08 7.22
CA PHE A 40 -3.51 0.33 5.87
C PHE A 40 -4.40 1.35 5.17
N SER A 41 -5.72 1.23 5.36
CA SER A 41 -6.67 2.13 4.74
C SER A 41 -6.10 3.54 4.66
N ASP A 42 -5.50 4.01 5.75
CA ASP A 42 -4.92 5.34 5.80
C ASP A 42 -3.55 5.36 5.13
N GLY A 43 -3.14 6.52 4.64
CA GLY A 43 -1.85 6.65 3.99
C GLY A 43 -0.72 6.87 4.96
N VAL A 44 -0.79 6.21 6.11
CA VAL A 44 0.24 6.33 7.14
C VAL A 44 0.99 5.02 7.34
N LEU A 45 0.24 3.92 7.35
CA LEU A 45 0.82 2.59 7.54
C LEU A 45 1.65 2.19 6.32
N VAL A 46 1.08 2.37 5.14
CA VAL A 46 1.77 2.02 3.90
C VAL A 46 3.16 2.64 3.87
N ALA A 47 3.24 3.94 4.09
CA ALA A 47 4.51 4.65 4.08
C ALA A 47 5.61 3.83 4.73
N GLU A 48 5.39 3.45 5.99
CA GLU A 48 6.37 2.65 6.72
C GLU A 48 6.94 1.54 5.84
N VAL A 49 6.05 0.78 5.21
CA VAL A 49 6.48 -0.31 4.33
C VAL A 49 7.58 0.14 3.38
N ILE A 50 7.47 1.37 2.89
CA ILE A 50 8.45 1.92 1.97
C ILE A 50 9.71 2.35 2.72
N LYS A 51 9.52 3.03 3.85
CA LYS A 51 10.64 3.50 4.66
C LYS A 51 11.78 2.50 4.64
N PHE A 52 11.45 1.21 4.71
CA PHE A 52 12.44 0.16 4.71
C PHE A 52 13.37 0.29 3.52
N TYR A 53 12.80 0.34 2.32
CA TYR A 53 13.58 0.47 1.10
C TYR A 53 14.09 1.90 0.92
N PHE A 54 13.19 2.86 1.10
CA PHE A 54 13.54 4.27 0.96
C PHE A 54 13.06 5.07 2.16
N PRO A 55 13.95 5.27 3.14
CA PRO A 55 13.64 6.01 4.36
C PRO A 55 13.46 7.51 4.09
N LYS A 56 14.20 8.02 3.13
CA LYS A 56 14.12 9.44 2.78
C LYS A 56 12.81 9.75 2.06
N MET A 57 12.50 8.96 1.03
CA MET A 57 11.28 9.16 0.27
C MET A 57 10.09 9.40 1.20
N VAL A 58 10.03 8.65 2.29
CA VAL A 58 8.95 8.78 3.25
C VAL A 58 9.20 9.95 4.20
N GLU A 59 8.25 10.87 4.25
CA GLU A 59 8.37 12.04 5.12
C GLU A 59 7.32 12.02 6.22
N MET A 60 7.63 11.33 7.31
CA MET A 60 6.71 11.23 8.44
C MET A 60 6.41 12.61 9.02
N HIS A 61 7.46 13.40 9.23
CA HIS A 61 7.30 14.74 9.79
C HIS A 61 6.06 15.42 9.23
N ASN A 62 5.71 15.09 7.99
CA ASN A 62 4.55 15.67 7.34
C ASN A 62 3.30 14.80 7.59
N TYR A 63 3.45 13.50 7.41
CA TYR A 63 2.34 12.58 7.61
C TYR A 63 2.13 12.28 9.08
N VAL A 64 0.90 12.41 9.55
CA VAL A 64 0.57 12.16 10.95
C VAL A 64 -0.71 11.32 11.06
N PRO A 65 -0.70 10.36 12.00
CA PRO A 65 -1.84 9.48 12.24
C PRO A 65 -3.02 10.22 12.88
N ALA A 66 -4.03 10.50 12.07
CA ALA A 66 -5.21 11.20 12.56
C ALA A 66 -6.33 10.22 12.89
N ASN A 67 -7.38 10.72 13.54
CA ASN A 67 -8.52 9.89 13.91
C ASN A 67 -9.81 10.43 13.31
N SER A 68 -9.76 10.78 12.02
CA SER A 68 -10.92 11.31 11.33
C SER A 68 -10.79 11.11 9.82
N LEU A 69 -11.75 10.38 9.25
CA LEU A 69 -11.75 10.12 7.82
C LEU A 69 -11.30 11.34 7.03
N GLN A 70 -12.05 12.44 7.16
CA GLN A 70 -11.72 13.68 6.47
C GLN A 70 -10.21 13.86 6.37
N GLN A 71 -9.52 13.68 7.50
CA GLN A 71 -8.07 13.83 7.54
C GLN A 71 -7.38 12.77 6.70
N LYS A 72 -7.77 11.52 6.90
CA LYS A 72 -7.19 10.40 6.16
C LYS A 72 -6.92 10.79 4.71
N LEU A 73 -7.98 11.06 3.96
CA LEU A 73 -7.86 11.45 2.56
C LEU A 73 -6.83 12.56 2.40
N SER A 74 -6.98 13.62 3.20
CA SER A 74 -6.07 14.75 3.14
C SER A 74 -4.63 14.29 2.97
N ASN A 75 -4.24 13.29 3.77
CA ASN A 75 -2.88 12.75 3.71
C ASN A 75 -2.65 12.02 2.39
N TRP A 76 -3.50 11.05 2.09
CA TRP A 76 -3.39 10.28 0.86
C TRP A 76 -3.06 11.19 -0.33
N GLY A 77 -3.80 12.28 -0.46
CA GLY A 77 -3.57 13.21 -1.55
C GLY A 77 -2.10 13.59 -1.68
N HIS A 78 -1.47 13.87 -0.54
CA HIS A 78 -0.06 14.26 -0.53
C HIS A 78 0.82 13.09 -0.95
N LEU A 79 0.41 11.88 -0.59
CA LEU A 79 1.16 10.68 -0.91
C LEU A 79 1.04 10.34 -2.40
N ASN A 80 0.14 11.04 -3.08
CA ASN A 80 -0.08 10.82 -4.50
C ASN A 80 0.86 11.70 -5.33
N ARG A 81 1.23 12.84 -4.79
CA ARG A 81 2.13 13.76 -5.47
C ARG A 81 3.50 13.80 -4.81
N LYS A 82 3.65 13.00 -3.75
CA LYS A 82 4.92 12.95 -3.03
C LYS A 82 5.60 11.60 -3.23
N VAL A 83 4.79 10.53 -3.32
CA VAL A 83 5.31 9.19 -3.52
C VAL A 83 4.95 8.66 -4.90
N LEU A 84 3.68 8.38 -5.11
CA LEU A 84 3.20 7.88 -6.39
C LEU A 84 3.87 8.61 -7.55
N LYS A 85 3.65 9.92 -7.63
CA LYS A 85 4.23 10.73 -8.69
C LYS A 85 5.69 10.34 -8.93
N ARG A 86 6.47 10.27 -7.86
CA ARG A 86 7.88 9.91 -7.97
C ARG A 86 8.03 8.49 -8.51
N LEU A 87 7.06 7.64 -8.20
CA LEU A 87 7.09 6.25 -8.66
C LEU A 87 6.26 6.07 -9.92
N ASN A 88 6.17 7.14 -10.72
CA ASN A 88 5.41 7.10 -11.96
C ASN A 88 4.08 6.37 -11.76
N PHE A 89 3.50 6.51 -10.57
CA PHE A 89 2.24 5.87 -10.25
C PHE A 89 1.11 6.90 -10.16
N SER A 90 -0.07 6.53 -10.66
CA SER A 90 -1.22 7.42 -10.63
C SER A 90 -2.45 6.68 -10.13
N VAL A 91 -3.17 7.31 -9.20
CA VAL A 91 -4.37 6.71 -8.63
C VAL A 91 -5.53 7.71 -8.66
N PRO A 92 -6.69 7.24 -9.15
CA PRO A 92 -7.90 8.07 -9.24
C PRO A 92 -8.49 8.38 -7.87
N ASP A 93 -9.11 9.55 -7.75
CA ASP A 93 -9.72 9.96 -6.50
C ASP A 93 -10.84 9.01 -6.10
N ASP A 94 -11.54 8.48 -7.08
CA ASP A 94 -12.63 7.55 -6.84
C ASP A 94 -12.14 6.32 -6.06
N VAL A 95 -10.93 5.88 -6.37
CA VAL A 95 -10.33 4.73 -5.70
C VAL A 95 -9.92 5.07 -4.28
N MET A 96 -9.32 6.24 -4.10
CA MET A 96 -8.87 6.68 -2.79
C MET A 96 -10.04 6.75 -1.81
N ARG A 97 -11.14 7.32 -2.26
CA ARG A 97 -12.33 7.44 -1.43
C ARG A 97 -12.66 6.12 -0.74
N LYS A 98 -12.52 5.03 -1.48
CA LYS A 98 -12.80 3.70 -0.96
C LYS A 98 -11.71 3.26 0.02
N ILE A 99 -10.46 3.47 -0.37
CA ILE A 99 -9.32 3.09 0.46
C ILE A 99 -9.47 3.67 1.87
N ALA A 100 -9.82 4.94 1.94
CA ALA A 100 -10.00 5.61 3.23
C ALA A 100 -11.20 5.05 3.98
N GLN A 101 -12.14 4.46 3.24
CA GLN A 101 -13.33 3.88 3.83
C GLN A 101 -13.06 2.50 4.40
N CYS A 102 -11.80 2.06 4.29
CA CYS A 102 -11.40 0.75 4.79
C CYS A 102 -12.15 -0.36 4.07
N ALA A 103 -12.19 -0.28 2.74
CA ALA A 103 -12.87 -1.29 1.93
C ALA A 103 -11.95 -2.46 1.61
N PRO A 104 -12.50 -3.68 1.68
CA PRO A 104 -11.75 -4.90 1.39
C PRO A 104 -11.39 -5.03 -0.09
N GLY A 105 -10.10 -5.18 -0.37
CA GLY A 105 -9.65 -5.31 -1.74
C GLY A 105 -9.09 -4.02 -2.30
N VAL A 106 -9.93 -2.98 -2.34
CA VAL A 106 -9.50 -1.69 -2.85
C VAL A 106 -8.04 -1.42 -2.53
N VAL A 107 -7.75 -1.14 -1.27
CA VAL A 107 -6.39 -0.86 -0.84
C VAL A 107 -5.41 -1.87 -1.43
N GLU A 108 -5.74 -3.15 -1.30
CA GLU A 108 -4.89 -4.20 -1.83
C GLU A 108 -4.56 -3.97 -3.30
N LEU A 109 -5.59 -3.63 -4.07
CA LEU A 109 -5.41 -3.37 -5.50
C LEU A 109 -4.32 -2.33 -5.73
N VAL A 110 -3.98 -1.59 -4.68
CA VAL A 110 -2.94 -0.57 -4.78
C VAL A 110 -1.65 -1.02 -4.10
N LEU A 111 -1.76 -2.01 -3.23
CA LEU A 111 -0.60 -2.55 -2.53
C LEU A 111 0.15 -3.56 -3.40
N ILE A 112 -0.60 -4.39 -4.09
CA ILE A 112 -0.01 -5.41 -4.97
C ILE A 112 1.04 -4.79 -5.89
N PRO A 113 0.61 -3.81 -6.69
CA PRO A 113 1.50 -3.11 -7.63
C PRO A 113 2.53 -2.23 -6.92
N LEU A 114 2.21 -1.85 -5.69
CA LEU A 114 3.10 -1.00 -4.90
C LEU A 114 4.49 -1.64 -4.78
N ARG A 115 4.54 -2.83 -4.20
CA ARG A 115 5.80 -3.54 -4.02
C ARG A 115 6.46 -3.81 -5.37
N GLN A 116 5.66 -4.16 -6.37
CA GLN A 116 6.17 -4.44 -7.70
C GLN A 116 7.06 -3.30 -8.20
N ARG A 117 6.91 -2.14 -7.57
CA ARG A 117 7.70 -0.97 -7.96
C ARG A 117 8.91 -0.81 -7.05
N LEU A 118 8.68 -0.87 -5.74
CA LEU A 118 9.75 -0.74 -4.76
C LEU A 118 10.81 -1.81 -4.96
N GLU A 119 10.36 -3.03 -5.25
CA GLU A 119 11.27 -4.16 -5.46
C GLU A 119 12.06 -3.98 -6.76
N GLU A 120 11.50 -3.18 -7.67
CA GLU A 120 12.15 -2.93 -8.95
C GLU A 120 13.20 -1.82 -8.83
N ARG A 121 12.88 -0.79 -8.06
CA ARG A 121 13.79 0.33 -7.87
C ARG A 121 14.95 -0.08 -6.96
N GLN A 122 14.62 -0.77 -5.87
CA GLN A 122 15.63 -1.22 -4.92
C GLN A 122 16.89 -1.70 -5.65
N ARG A 123 16.70 -2.63 -6.59
CA ARG A 123 17.82 -3.17 -7.35
C ARG A 123 18.25 -2.21 -8.45
N ARG A 124 17.27 -1.62 -9.13
CA ARG A 124 17.55 -0.68 -10.21
C ARG A 124 18.28 0.55 -9.68
N ARG A 125 19.47 0.80 -10.20
CA ARG A 125 20.27 1.95 -9.77
C ARG A 125 20.12 3.10 -10.75
N LYS A 126 19.85 2.78 -12.01
CA LYS A 126 19.68 3.79 -13.05
C LYS A 126 18.22 4.15 -13.23
N GLN A 127 17.93 5.44 -13.26
CA GLN A 127 16.55 5.92 -13.41
C GLN A 127 15.80 5.06 -14.42
N GLY A 1 5.38 -18.02 12.07
CA GLY A 1 6.05 -17.65 10.84
C GLY A 1 5.87 -18.68 9.74
N SER A 2 4.96 -18.40 8.81
CA SER A 2 4.68 -19.31 7.71
C SER A 2 5.24 -18.77 6.40
N SER A 3 5.41 -19.64 5.43
CA SER A 3 5.94 -19.26 4.12
C SER A 3 5.56 -20.28 3.05
N GLY A 4 5.72 -19.89 1.79
CA GLY A 4 5.40 -20.79 0.69
C GLY A 4 5.39 -20.08 -0.64
N SER A 5 6.30 -20.48 -1.53
CA SER A 5 6.39 -19.88 -2.85
C SER A 5 5.30 -20.40 -3.78
N SER A 6 5.17 -21.72 -3.85
CA SER A 6 4.16 -22.36 -4.70
C SER A 6 2.77 -21.83 -4.37
N GLY A 7 2.27 -20.94 -5.21
CA GLY A 7 0.95 -20.38 -5.00
C GLY A 7 0.55 -19.41 -6.09
N MET A 8 -0.18 -19.92 -7.08
CA MET A 8 -0.63 -19.10 -8.20
C MET A 8 -2.00 -19.56 -8.70
N ALA A 9 -2.98 -18.66 -8.66
CA ALA A 9 -4.32 -18.97 -9.12
C ALA A 9 -4.77 -18.02 -10.22
N SER A 10 -5.93 -18.30 -10.80
CA SER A 10 -6.48 -17.47 -11.87
C SER A 10 -7.07 -16.18 -11.31
N SER A 11 -8.02 -16.31 -10.39
CA SER A 11 -8.67 -15.16 -9.78
C SER A 11 -7.88 -14.69 -8.56
N VAL A 12 -8.34 -13.58 -7.98
CA VAL A 12 -7.68 -13.02 -6.81
C VAL A 12 -8.19 -13.67 -5.52
N ASP A 13 -8.46 -14.98 -5.60
CA ASP A 13 -8.95 -15.73 -4.45
C ASP A 13 -8.14 -15.39 -3.20
N GLU A 14 -8.59 -15.89 -2.06
CA GLU A 14 -7.91 -15.65 -0.79
C GLU A 14 -6.42 -15.94 -0.90
N GLU A 15 -6.07 -16.90 -1.76
CA GLU A 15 -4.68 -17.29 -1.96
C GLU A 15 -3.88 -16.13 -2.57
N ALA A 16 -4.46 -15.50 -3.60
CA ALA A 16 -3.81 -14.39 -4.26
C ALA A 16 -3.57 -13.23 -3.31
N LEU A 17 -4.56 -12.95 -2.46
CA LEU A 17 -4.46 -11.86 -1.49
C LEU A 17 -3.34 -12.14 -0.48
N HIS A 18 -3.33 -13.35 0.06
CA HIS A 18 -2.32 -13.74 1.04
C HIS A 18 -0.95 -13.23 0.62
N GLN A 19 -0.49 -13.66 -0.56
CA GLN A 19 0.80 -13.26 -1.08
C GLN A 19 1.13 -11.82 -0.69
N LEU A 20 0.13 -10.95 -0.77
CA LEU A 20 0.29 -9.55 -0.43
C LEU A 20 0.39 -9.36 1.08
N TYR A 21 -0.48 -10.06 1.81
CA TYR A 21 -0.50 -9.97 3.26
C TYR A 21 0.83 -10.45 3.85
N LEU A 22 1.23 -11.66 3.47
CA LEU A 22 2.48 -12.24 3.96
C LEU A 22 3.63 -11.24 3.84
N TRP A 23 3.79 -10.68 2.65
CA TRP A 23 4.86 -9.72 2.40
C TRP A 23 4.95 -8.71 3.54
N VAL A 24 3.84 -8.04 3.83
CA VAL A 24 3.80 -7.05 4.90
C VAL A 24 4.35 -7.63 6.20
N ASP A 25 3.71 -8.68 6.70
CA ASP A 25 4.15 -9.32 7.92
C ASP A 25 5.65 -9.53 7.93
N ASN A 26 6.17 -10.13 6.87
CA ASN A 26 7.59 -10.39 6.75
C ASN A 26 8.41 -9.16 7.15
N ILE A 27 7.84 -7.99 6.94
CA ILE A 27 8.51 -6.74 7.27
C ILE A 27 8.65 -6.58 8.79
N PRO A 28 9.82 -6.13 9.23
CA PRO A 28 10.11 -5.92 10.65
C PRO A 28 9.33 -4.75 11.24
N LEU A 29 8.36 -4.25 10.47
CA LEU A 29 7.55 -3.13 10.92
C LEU A 29 7.42 -3.11 12.45
N SER A 30 8.27 -2.34 13.09
CA SER A 30 8.26 -2.24 14.55
C SER A 30 7.04 -1.46 15.02
N ARG A 31 5.88 -2.11 14.98
CA ARG A 31 4.63 -1.50 15.41
C ARG A 31 3.64 -2.55 15.89
N PRO A 32 2.72 -2.13 16.79
CA PRO A 32 1.70 -3.03 17.34
C PRO A 32 0.65 -3.40 16.31
N LYS A 33 -0.04 -4.51 16.56
CA LYS A 33 -1.08 -4.99 15.65
C LYS A 33 -2.47 -4.75 16.25
N ARG A 34 -3.30 -4.03 15.51
CA ARG A 34 -4.66 -3.74 15.96
C ARG A 34 -5.67 -4.01 14.86
N ASN A 35 -5.45 -3.41 13.69
CA ASN A 35 -6.35 -3.60 12.56
C ASN A 35 -5.68 -3.14 11.26
N LEU A 36 -5.55 -4.05 10.31
CA LEU A 36 -4.94 -3.75 9.03
C LEU A 36 -5.82 -2.81 8.22
N SER A 37 -7.04 -3.24 7.95
CA SER A 37 -7.98 -2.43 7.17
C SER A 37 -7.89 -0.96 7.56
N ARG A 38 -7.55 -0.71 8.83
CA ARG A 38 -7.42 0.66 9.33
C ARG A 38 -5.99 1.16 9.16
N ASP A 39 -5.08 0.57 9.92
CA ASP A 39 -3.67 0.96 9.86
C ASP A 39 -3.27 1.35 8.44
N PHE A 40 -3.74 0.57 7.47
CA PHE A 40 -3.43 0.83 6.07
C PHE A 40 -4.32 1.93 5.51
N SER A 41 -5.61 1.85 5.82
CA SER A 41 -6.58 2.83 5.34
C SER A 41 -6.12 4.25 5.67
N ASP A 42 -5.48 4.40 6.83
CA ASP A 42 -4.99 5.71 7.26
C ASP A 42 -3.84 6.18 6.37
N GLY A 43 -2.98 5.24 5.97
CA GLY A 43 -1.86 5.57 5.12
C GLY A 43 -0.55 5.69 5.90
N VAL A 44 -0.62 6.32 7.08
CA VAL A 44 0.55 6.50 7.92
C VAL A 44 1.37 5.21 8.00
N LEU A 45 0.67 4.08 8.05
CA LEU A 45 1.33 2.78 8.13
C LEU A 45 2.00 2.43 6.81
N VAL A 46 1.29 2.63 5.71
CA VAL A 46 1.83 2.33 4.39
C VAL A 46 3.25 2.86 4.24
N ALA A 47 3.48 4.06 4.75
CA ALA A 47 4.80 4.67 4.68
C ALA A 47 5.87 3.77 5.29
N GLU A 48 5.63 3.33 6.52
CA GLU A 48 6.57 2.45 7.21
C GLU A 48 7.03 1.32 6.30
N VAL A 49 6.10 0.78 5.52
CA VAL A 49 6.40 -0.31 4.61
C VAL A 49 7.46 0.10 3.59
N ILE A 50 7.38 1.35 3.13
CA ILE A 50 8.34 1.87 2.16
C ILE A 50 9.73 1.97 2.77
N LYS A 51 9.79 2.20 4.07
CA LYS A 51 11.05 2.33 4.77
C LYS A 51 11.98 1.16 4.45
N PHE A 52 11.40 -0.04 4.37
CA PHE A 52 12.16 -1.24 4.06
C PHE A 52 12.86 -1.11 2.71
N TYR A 53 12.27 -0.31 1.82
CA TYR A 53 12.83 -0.10 0.49
C TYR A 53 13.68 1.16 0.44
N PHE A 54 13.02 2.31 0.60
CA PHE A 54 13.71 3.59 0.57
C PHE A 54 13.26 4.48 1.73
N PRO A 55 14.23 5.03 2.47
CA PRO A 55 13.95 5.90 3.62
C PRO A 55 13.39 7.25 3.20
N LYS A 56 14.06 7.90 2.26
CA LYS A 56 13.64 9.21 1.77
C LYS A 56 12.22 9.13 1.21
N MET A 57 11.83 7.95 0.73
CA MET A 57 10.51 7.75 0.17
C MET A 57 9.45 7.73 1.27
N VAL A 58 9.84 7.24 2.45
CA VAL A 58 8.93 7.18 3.58
C VAL A 58 8.33 8.54 3.89
N GLU A 59 9.18 9.45 4.38
CA GLU A 59 8.73 10.80 4.71
C GLU A 59 7.66 10.76 5.80
N MET A 60 7.97 10.09 6.91
CA MET A 60 7.03 9.97 8.02
C MET A 60 7.23 11.12 9.01
N HIS A 61 7.28 12.34 8.48
CA HIS A 61 7.46 13.53 9.32
C HIS A 61 6.29 14.49 9.15
N ASN A 62 5.95 14.79 7.90
CA ASN A 62 4.86 15.71 7.60
C ASN A 62 3.52 15.08 8.00
N TYR A 63 3.27 13.86 7.53
CA TYR A 63 2.04 13.17 7.83
C TYR A 63 1.84 13.02 9.34
N VAL A 64 0.59 12.90 9.76
CA VAL A 64 0.26 12.75 11.17
C VAL A 64 -0.95 11.84 11.37
N PRO A 65 -0.85 10.94 12.36
CA PRO A 65 -1.93 10.00 12.68
C PRO A 65 -3.15 10.69 13.28
N ALA A 66 -4.26 10.66 12.56
CA ALA A 66 -5.50 11.29 13.02
C ALA A 66 -6.62 10.26 13.11
N ASN A 67 -7.59 10.54 13.99
CA ASN A 67 -8.72 9.65 14.18
C ASN A 67 -9.98 10.21 13.53
N SER A 68 -9.81 10.84 12.37
CA SER A 68 -10.93 11.44 11.66
C SER A 68 -10.90 11.06 10.18
N LEU A 69 -12.02 10.57 9.68
CA LEU A 69 -12.12 10.17 8.28
C LEU A 69 -11.58 11.26 7.35
N GLN A 70 -12.17 12.45 7.46
CA GLN A 70 -11.74 13.58 6.63
C GLN A 70 -10.22 13.60 6.47
N GLN A 71 -9.51 13.60 7.58
CA GLN A 71 -8.05 13.61 7.56
C GLN A 71 -7.52 12.41 6.79
N LYS A 72 -7.96 11.22 7.17
CA LYS A 72 -7.53 9.99 6.52
C LYS A 72 -7.33 10.21 5.03
N LEU A 73 -8.37 10.68 4.36
CA LEU A 73 -8.30 10.93 2.92
C LEU A 73 -7.23 11.97 2.60
N SER A 74 -7.17 13.02 3.40
CA SER A 74 -6.19 14.09 3.20
C SER A 74 -4.79 13.50 2.99
N ASN A 75 -4.31 12.76 3.97
CA ASN A 75 -2.99 12.15 3.90
C ASN A 75 -2.78 11.48 2.54
N TRP A 76 -3.68 10.57 2.20
CA TRP A 76 -3.59 9.86 0.93
C TRP A 76 -3.34 10.82 -0.23
N GLY A 77 -4.24 11.77 -0.41
CA GLY A 77 -4.09 12.75 -1.48
C GLY A 77 -2.66 13.22 -1.63
N HIS A 78 -1.98 13.45 -0.50
CA HIS A 78 -0.60 13.90 -0.52
C HIS A 78 0.34 12.76 -0.92
N LEU A 79 0.15 11.60 -0.30
CA LEU A 79 0.98 10.45 -0.59
C LEU A 79 0.90 10.06 -2.07
N ASN A 80 -0.06 10.65 -2.77
CA ASN A 80 -0.24 10.38 -4.19
C ASN A 80 0.69 11.24 -5.03
N ARG A 81 0.93 12.46 -4.59
CA ARG A 81 1.80 13.39 -5.32
C ARG A 81 3.12 13.58 -4.57
N LYS A 82 3.26 12.90 -3.43
CA LYS A 82 4.46 13.00 -2.63
C LYS A 82 5.26 11.70 -2.69
N VAL A 83 4.56 10.58 -2.87
CA VAL A 83 5.21 9.28 -2.95
C VAL A 83 5.00 8.65 -4.33
N LEU A 84 3.79 8.16 -4.57
CA LEU A 84 3.46 7.53 -5.84
C LEU A 84 4.11 8.28 -7.00
N LYS A 85 3.92 9.59 -7.04
CA LYS A 85 4.49 10.41 -8.10
C LYS A 85 5.88 9.91 -8.49
N ARG A 86 6.73 9.70 -7.48
CA ARG A 86 8.09 9.23 -7.72
C ARG A 86 8.08 7.91 -8.51
N LEU A 87 7.13 7.04 -8.17
CA LEU A 87 7.01 5.76 -8.84
C LEU A 87 6.17 5.87 -10.10
N ASN A 88 6.18 7.07 -10.70
CA ASN A 88 5.42 7.31 -11.92
C ASN A 88 4.05 6.65 -11.85
N PHE A 89 3.51 6.54 -10.65
CA PHE A 89 2.20 5.92 -10.45
C PHE A 89 1.13 6.98 -10.20
N SER A 90 -0.02 6.80 -10.83
CA SER A 90 -1.12 7.75 -10.68
C SER A 90 -2.41 7.02 -10.33
N VAL A 91 -3.24 7.66 -9.50
CA VAL A 91 -4.51 7.08 -9.08
C VAL A 91 -5.60 8.14 -9.00
N PRO A 92 -6.79 7.80 -9.51
CA PRO A 92 -7.94 8.71 -9.51
C PRO A 92 -8.50 8.92 -8.10
N ASP A 93 -9.17 10.06 -7.90
CA ASP A 93 -9.75 10.39 -6.61
C ASP A 93 -10.81 9.37 -6.21
N ASP A 94 -11.32 8.64 -7.20
CA ASP A 94 -12.34 7.62 -6.96
C ASP A 94 -11.74 6.42 -6.22
N VAL A 95 -10.57 5.99 -6.67
CA VAL A 95 -9.89 4.85 -6.06
C VAL A 95 -9.49 5.14 -4.62
N MET A 96 -9.24 6.42 -4.33
CA MET A 96 -8.86 6.84 -2.99
C MET A 96 -10.05 6.79 -2.05
N ARG A 97 -11.16 7.41 -2.45
CA ARG A 97 -12.36 7.42 -1.63
C ARG A 97 -12.66 6.04 -1.08
N LYS A 98 -12.47 5.02 -1.90
CA LYS A 98 -12.72 3.64 -1.49
C LYS A 98 -11.77 3.22 -0.37
N ILE A 99 -10.47 3.35 -0.63
CA ILE A 99 -9.47 2.98 0.36
C ILE A 99 -9.78 3.59 1.72
N ALA A 100 -9.91 4.92 1.75
CA ALA A 100 -10.21 5.63 2.99
C ALA A 100 -11.54 5.16 3.58
N GLN A 101 -12.36 4.53 2.74
CA GLN A 101 -13.66 4.04 3.19
C GLN A 101 -13.55 2.60 3.67
N CYS A 102 -12.36 2.22 4.11
CA CYS A 102 -12.12 0.86 4.60
C CYS A 102 -12.83 -0.17 3.73
N ALA A 103 -12.81 0.06 2.42
CA ALA A 103 -13.44 -0.85 1.48
C ALA A 103 -12.54 -2.04 1.16
N PRO A 104 -13.08 -3.25 1.33
CA PRO A 104 -12.34 -4.50 1.08
C PRO A 104 -12.08 -4.71 -0.41
N GLY A 105 -10.85 -5.09 -0.74
CA GLY A 105 -10.48 -5.32 -2.13
C GLY A 105 -10.36 -4.03 -2.92
N VAL A 106 -9.70 -3.05 -2.33
CA VAL A 106 -9.51 -1.76 -2.99
C VAL A 106 -8.07 -1.28 -2.85
N VAL A 107 -7.62 -1.11 -1.62
CA VAL A 107 -6.26 -0.66 -1.36
C VAL A 107 -5.24 -1.65 -1.90
N GLU A 108 -5.55 -2.94 -1.79
CA GLU A 108 -4.66 -3.99 -2.27
C GLU A 108 -4.38 -3.82 -3.75
N LEU A 109 -5.40 -3.43 -4.51
CA LEU A 109 -5.27 -3.23 -5.94
C LEU A 109 -4.18 -2.21 -6.26
N VAL A 110 -3.82 -1.41 -5.26
CA VAL A 110 -2.79 -0.39 -5.43
C VAL A 110 -1.49 -0.82 -4.76
N LEU A 111 -1.58 -1.82 -3.89
CA LEU A 111 -0.41 -2.32 -3.18
C LEU A 111 0.33 -3.35 -4.02
N ILE A 112 -0.41 -4.10 -4.84
CA ILE A 112 0.18 -5.12 -5.69
C ILE A 112 1.20 -4.50 -6.65
N PRO A 113 0.76 -3.52 -7.45
CA PRO A 113 1.62 -2.84 -8.42
C PRO A 113 2.65 -1.94 -7.75
N LEU A 114 2.33 -1.47 -6.54
CA LEU A 114 3.23 -0.61 -5.79
C LEU A 114 4.52 -1.34 -5.43
N ARG A 115 4.37 -2.48 -4.75
CA ARG A 115 5.52 -3.28 -4.35
C ARG A 115 6.37 -3.66 -5.56
N GLN A 116 5.70 -4.08 -6.63
CA GLN A 116 6.39 -4.48 -7.85
C GLN A 116 7.37 -3.40 -8.30
N ARG A 117 6.94 -2.15 -8.24
CA ARG A 117 7.78 -1.03 -8.65
C ARG A 117 8.92 -0.81 -7.64
N LEU A 118 8.58 -0.85 -6.36
CA LEU A 118 9.57 -0.66 -5.30
C LEU A 118 10.75 -1.61 -5.49
N GLU A 119 10.45 -2.89 -5.67
CA GLU A 119 11.49 -3.90 -5.86
C GLU A 119 12.37 -3.56 -7.07
N GLU A 120 11.74 -3.03 -8.11
CA GLU A 120 12.47 -2.66 -9.32
C GLU A 120 13.53 -1.61 -9.01
N ARG A 121 13.14 -0.55 -8.31
CA ARG A 121 14.06 0.52 -7.97
C ARG A 121 15.10 0.03 -6.96
N GLN A 122 14.66 -0.76 -5.99
CA GLN A 122 15.55 -1.29 -4.97
C GLN A 122 16.90 -1.67 -5.57
N ARG A 123 16.87 -2.52 -6.60
CA ARG A 123 18.09 -2.96 -7.26
C ARG A 123 18.09 -2.57 -8.73
N ARG A 124 19.27 -2.40 -9.30
CA ARG A 124 19.41 -2.01 -10.70
C ARG A 124 20.35 -2.96 -11.43
N ARG A 125 20.24 -2.99 -12.75
CA ARG A 125 21.09 -3.85 -13.58
C ARG A 125 21.57 -3.10 -14.81
N LYS A 126 22.67 -3.60 -15.39
CA LYS A 126 23.24 -2.97 -16.59
C LYS A 126 23.58 -1.51 -16.33
N GLN A 127 24.13 -1.23 -15.16
CA GLN A 127 24.50 0.14 -14.79
C GLN A 127 25.21 0.83 -15.95
N GLY A 1 -0.48 1.31 -19.95
CA GLY A 1 -1.80 0.82 -19.67
C GLY A 1 -2.02 -0.60 -20.17
N SER A 2 -3.27 -0.91 -20.53
CA SER A 2 -3.61 -2.24 -21.02
C SER A 2 -2.57 -2.72 -22.03
N SER A 3 -2.15 -3.97 -21.89
CA SER A 3 -1.16 -4.56 -22.79
C SER A 3 -1.84 -5.46 -23.82
N GLY A 4 -2.63 -6.41 -23.35
CA GLY A 4 -3.33 -7.31 -24.25
C GLY A 4 -4.08 -8.40 -23.50
N SER A 5 -5.40 -8.27 -23.44
CA SER A 5 -6.23 -9.24 -22.74
C SER A 5 -7.56 -9.44 -23.47
N SER A 6 -7.96 -10.70 -23.63
CA SER A 6 -9.21 -11.02 -24.31
C SER A 6 -9.50 -12.52 -24.22
N GLY A 7 -10.70 -12.84 -23.74
CA GLY A 7 -11.09 -14.24 -23.62
C GLY A 7 -10.15 -15.02 -22.72
N MET A 8 -9.95 -14.54 -21.50
CA MET A 8 -9.07 -15.19 -20.54
C MET A 8 -9.68 -15.19 -19.15
N ALA A 9 -9.39 -16.23 -18.37
CA ALA A 9 -9.91 -16.33 -17.01
C ALA A 9 -9.43 -15.18 -16.14
N SER A 10 -10.26 -14.78 -15.19
CA SER A 10 -9.92 -13.67 -14.30
C SER A 10 -8.57 -13.92 -13.62
N SER A 11 -7.81 -12.84 -13.43
CA SER A 11 -6.50 -12.94 -12.80
C SER A 11 -6.49 -12.21 -11.46
N VAL A 12 -5.50 -12.52 -10.63
CA VAL A 12 -5.38 -11.90 -9.31
C VAL A 12 -6.59 -12.20 -8.45
N ASP A 13 -7.13 -13.41 -8.58
CA ASP A 13 -8.29 -13.81 -7.80
C ASP A 13 -8.07 -13.57 -6.31
N GLU A 14 -9.10 -13.82 -5.51
CA GLU A 14 -9.01 -13.62 -4.07
C GLU A 14 -7.70 -14.16 -3.53
N GLU A 15 -7.33 -15.37 -3.96
CA GLU A 15 -6.10 -15.99 -3.51
C GLU A 15 -4.93 -15.01 -3.55
N ALA A 16 -4.87 -14.23 -4.64
CA ALA A 16 -3.81 -13.24 -4.80
C ALA A 16 -3.64 -12.40 -3.55
N LEU A 17 -4.76 -11.89 -3.04
CA LEU A 17 -4.74 -11.05 -1.83
C LEU A 17 -3.83 -11.66 -0.77
N HIS A 18 -4.01 -12.95 -0.50
CA HIS A 18 -3.21 -13.65 0.49
C HIS A 18 -1.72 -13.34 0.30
N GLN A 19 -1.23 -13.55 -0.92
CA GLN A 19 0.17 -13.29 -1.21
C GLN A 19 0.62 -11.95 -0.65
N LEU A 20 -0.23 -10.94 -0.79
CA LEU A 20 0.07 -9.61 -0.28
C LEU A 20 0.13 -9.61 1.25
N TYR A 21 -0.66 -10.47 1.86
CA TYR A 21 -0.71 -10.57 3.32
C TYR A 21 0.59 -11.18 3.86
N LEU A 22 1.30 -11.91 3.01
CA LEU A 22 2.54 -12.56 3.40
C LEU A 22 3.70 -11.56 3.38
N TRP A 23 3.77 -10.78 2.31
CA TRP A 23 4.83 -9.78 2.16
C TRP A 23 5.01 -8.98 3.45
N VAL A 24 3.95 -8.29 3.87
CA VAL A 24 3.98 -7.49 5.08
C VAL A 24 4.61 -8.27 6.24
N ASP A 25 4.23 -9.55 6.35
CA ASP A 25 4.75 -10.40 7.41
C ASP A 25 6.25 -10.20 7.58
N ASN A 26 6.98 -10.19 6.46
CA ASN A 26 8.42 -10.02 6.48
C ASN A 26 8.81 -8.76 7.26
N ILE A 27 8.20 -7.63 6.90
CA ILE A 27 8.48 -6.37 7.57
C ILE A 27 7.81 -6.31 8.93
N PRO A 28 8.62 -6.06 9.97
CA PRO A 28 8.13 -5.97 11.35
C PRO A 28 7.27 -4.73 11.59
N LEU A 29 5.96 -4.88 11.42
CA LEU A 29 5.03 -3.77 11.62
C LEU A 29 4.29 -3.91 12.95
N SER A 30 4.97 -3.56 14.03
CA SER A 30 4.38 -3.64 15.36
C SER A 30 3.52 -2.42 15.64
N ARG A 31 3.95 -1.26 15.15
CA ARG A 31 3.21 -0.02 15.35
C ARG A 31 1.70 -0.27 15.32
N PRO A 32 1.22 -0.79 14.20
CA PRO A 32 -0.21 -1.09 14.01
C PRO A 32 -0.67 -2.26 14.87
N LYS A 33 0.24 -3.19 15.13
CA LYS A 33 -0.07 -4.37 15.95
C LYS A 33 -1.54 -4.76 15.79
N ARG A 34 -2.04 -4.66 14.56
CA ARG A 34 -3.43 -5.01 14.28
C ARG A 34 -3.59 -5.44 12.82
N ASN A 35 -4.72 -6.07 12.52
CA ASN A 35 -5.01 -6.53 11.17
C ASN A 35 -4.39 -5.60 10.13
N LEU A 36 -3.85 -6.18 9.07
CA LEU A 36 -3.23 -5.40 8.00
C LEU A 36 -4.27 -4.59 7.24
N SER A 37 -5.35 -5.24 6.83
CA SER A 37 -6.42 -4.58 6.10
C SER A 37 -6.84 -3.29 6.80
N ARG A 38 -7.36 -3.43 8.01
CA ARG A 38 -7.80 -2.27 8.78
C ARG A 38 -6.71 -1.20 8.84
N ASP A 39 -5.62 -1.51 9.54
CA ASP A 39 -4.51 -0.58 9.67
C ASP A 39 -4.21 0.10 8.33
N PHE A 40 -3.85 -0.72 7.35
CA PHE A 40 -3.53 -0.21 6.01
C PHE A 40 -4.40 0.99 5.66
N SER A 41 -5.64 0.99 6.18
CA SER A 41 -6.58 2.07 5.92
C SER A 41 -5.88 3.43 6.01
N ASP A 42 -5.13 3.62 7.09
CA ASP A 42 -4.41 4.87 7.30
C ASP A 42 -3.16 4.94 6.42
N GLY A 43 -2.97 6.07 5.75
CA GLY A 43 -1.81 6.24 4.89
C GLY A 43 -0.53 6.42 5.68
N VAL A 44 -0.62 7.12 6.81
CA VAL A 44 0.54 7.37 7.65
C VAL A 44 1.35 6.09 7.86
N LEU A 45 0.64 4.99 8.10
CA LEU A 45 1.29 3.71 8.32
C LEU A 45 2.04 3.24 7.07
N VAL A 46 1.32 3.16 5.96
CA VAL A 46 1.91 2.73 4.69
C VAL A 46 3.29 3.32 4.52
N ALA A 47 3.45 4.59 4.89
CA ALA A 47 4.73 5.27 4.77
C ALA A 47 5.86 4.43 5.38
N GLU A 48 5.61 3.87 6.55
CA GLU A 48 6.60 3.05 7.23
C GLU A 48 7.02 1.86 6.36
N VAL A 49 6.06 1.30 5.65
CA VAL A 49 6.32 0.17 4.78
C VAL A 49 7.41 0.49 3.77
N ILE A 50 7.47 1.74 3.35
CA ILE A 50 8.47 2.19 2.39
C ILE A 50 9.83 2.33 3.04
N LYS A 51 9.85 2.75 4.30
CA LYS A 51 11.09 2.92 5.04
C LYS A 51 12.03 1.75 4.80
N PHE A 52 11.50 0.53 4.86
CA PHE A 52 12.28 -0.67 4.66
C PHE A 52 13.04 -0.60 3.32
N TYR A 53 12.37 -0.08 2.30
CA TYR A 53 12.97 0.03 0.98
C TYR A 53 13.85 1.28 0.89
N PHE A 54 13.22 2.44 1.06
CA PHE A 54 13.95 3.71 1.00
C PHE A 54 13.55 4.62 2.16
N PRO A 55 14.55 5.02 2.96
CA PRO A 55 14.34 5.89 4.12
C PRO A 55 13.95 7.30 3.72
N LYS A 56 14.73 7.90 2.82
CA LYS A 56 14.47 9.25 2.35
C LYS A 56 13.05 9.38 1.83
N MET A 57 12.70 8.54 0.85
CA MET A 57 11.36 8.56 0.27
C MET A 57 10.31 8.85 1.33
N VAL A 58 10.52 8.32 2.53
CA VAL A 58 9.58 8.53 3.63
C VAL A 58 9.82 9.88 4.31
N GLU A 59 8.74 10.61 4.52
CA GLU A 59 8.82 11.93 5.16
C GLU A 59 7.76 12.07 6.25
N MET A 60 8.18 11.87 7.50
CA MET A 60 7.28 11.98 8.64
C MET A 60 7.35 13.37 9.26
N HIS A 61 7.12 14.39 8.44
CA HIS A 61 7.15 15.77 8.90
C HIS A 61 5.88 16.52 8.49
N ASN A 62 5.31 16.12 7.36
CA ASN A 62 4.09 16.74 6.85
C ASN A 62 2.85 15.98 7.30
N TYR A 63 2.80 14.70 6.95
CA TYR A 63 1.67 13.85 7.31
C TYR A 63 1.46 13.84 8.83
N VAL A 64 0.23 13.57 9.24
CA VAL A 64 -0.11 13.53 10.66
C VAL A 64 -1.20 12.51 10.94
N PRO A 65 -1.05 11.76 12.04
CA PRO A 65 -2.03 10.74 12.44
C PRO A 65 -3.35 11.35 12.92
N ALA A 66 -4.38 11.19 12.11
CA ALA A 66 -5.70 11.73 12.45
C ALA A 66 -6.77 10.64 12.40
N ASN A 67 -7.90 10.90 13.05
CA ASN A 67 -8.99 9.93 13.08
C ASN A 67 -10.24 10.51 12.41
N SER A 68 -10.04 11.46 11.50
CA SER A 68 -11.14 12.09 10.80
C SER A 68 -11.05 11.84 9.29
N LEU A 69 -12.16 11.39 8.70
CA LEU A 69 -12.19 11.10 7.27
C LEU A 69 -11.42 12.16 6.48
N GLN A 70 -11.78 13.42 6.69
CA GLN A 70 -11.13 14.52 5.99
C GLN A 70 -9.61 14.35 6.00
N GLN A 71 -9.03 14.28 7.20
CA GLN A 71 -7.60 14.11 7.35
C GLN A 71 -7.12 12.85 6.64
N LYS A 72 -7.82 11.74 6.89
CA LYS A 72 -7.47 10.46 6.28
C LYS A 72 -7.12 10.64 4.81
N LEU A 73 -8.11 11.04 4.01
CA LEU A 73 -7.92 11.24 2.58
C LEU A 73 -6.86 12.32 2.33
N SER A 74 -6.96 13.42 3.07
CA SER A 74 -6.03 14.52 2.93
C SER A 74 -4.61 14.01 2.75
N ASN A 75 -4.21 13.08 3.61
CA ASN A 75 -2.86 12.50 3.54
C ASN A 75 -2.66 11.75 2.23
N TRP A 76 -3.56 10.82 1.95
CA TRP A 76 -3.49 10.02 0.73
C TRP A 76 -3.21 10.90 -0.48
N GLY A 77 -4.01 11.95 -0.64
CA GLY A 77 -3.82 12.86 -1.77
C GLY A 77 -2.41 13.37 -1.86
N HIS A 78 -1.80 13.67 -0.72
CA HIS A 78 -0.43 14.18 -0.68
C HIS A 78 0.57 13.09 -1.06
N LEU A 79 0.33 11.88 -0.53
CA LEU A 79 1.21 10.75 -0.80
C LEU A 79 1.19 10.39 -2.28
N ASN A 80 0.11 10.76 -2.96
CA ASN A 80 -0.04 10.48 -4.38
C ASN A 80 0.87 11.39 -5.22
N ARG A 81 1.11 12.60 -4.71
CA ARG A 81 1.95 13.56 -5.41
C ARG A 81 3.31 13.68 -4.73
N LYS A 82 3.53 12.87 -3.69
CA LYS A 82 4.78 12.88 -2.96
C LYS A 82 5.48 11.54 -3.06
N VAL A 83 4.70 10.48 -3.20
CA VAL A 83 5.26 9.13 -3.32
C VAL A 83 4.91 8.50 -4.66
N LEU A 84 3.65 8.09 -4.81
CA LEU A 84 3.19 7.47 -6.05
C LEU A 84 3.87 8.13 -7.26
N LYS A 85 3.64 9.42 -7.43
CA LYS A 85 4.22 10.16 -8.54
C LYS A 85 5.63 9.65 -8.86
N ARG A 86 6.50 9.67 -7.87
CA ARG A 86 7.87 9.21 -8.04
C ARG A 86 7.90 7.79 -8.60
N LEU A 87 7.00 6.95 -8.11
CA LEU A 87 6.92 5.56 -8.57
C LEU A 87 6.04 5.45 -9.80
N ASN A 88 6.01 6.51 -10.61
CA ASN A 88 5.21 6.52 -11.83
C ASN A 88 3.86 5.85 -11.60
N PHE A 89 3.28 6.05 -10.42
CA PHE A 89 2.00 5.47 -10.08
C PHE A 89 0.92 6.54 -9.96
N SER A 90 -0.28 6.22 -10.42
CA SER A 90 -1.39 7.15 -10.37
C SER A 90 -2.70 6.43 -10.04
N VAL A 91 -3.59 7.13 -9.34
CA VAL A 91 -4.88 6.55 -8.96
C VAL A 91 -5.94 7.64 -8.84
N PRO A 92 -7.16 7.34 -9.32
CA PRO A 92 -8.28 8.27 -9.27
C PRO A 92 -8.80 8.48 -7.85
N ASP A 93 -9.62 9.50 -7.67
CA ASP A 93 -10.18 9.81 -6.37
C ASP A 93 -11.16 8.72 -5.92
N ASP A 94 -12.08 8.35 -6.83
CA ASP A 94 -13.07 7.32 -6.53
C ASP A 94 -12.42 6.14 -5.80
N VAL A 95 -11.24 5.74 -6.27
CA VAL A 95 -10.52 4.63 -5.67
C VAL A 95 -9.99 4.99 -4.29
N MET A 96 -9.49 6.22 -4.16
CA MET A 96 -8.95 6.70 -2.89
C MET A 96 -10.03 6.70 -1.81
N ARG A 97 -11.15 7.35 -2.10
CA ARG A 97 -12.25 7.43 -1.16
C ARG A 97 -12.50 6.08 -0.50
N LYS A 98 -12.66 5.04 -1.31
CA LYS A 98 -12.89 3.69 -0.81
C LYS A 98 -11.82 3.28 0.19
N ILE A 99 -10.56 3.55 -0.17
CA ILE A 99 -9.43 3.20 0.70
C ILE A 99 -9.61 3.81 2.09
N ALA A 100 -9.79 5.12 2.14
CA ALA A 100 -9.98 5.81 3.42
C ALA A 100 -11.23 5.31 4.13
N GLN A 101 -12.07 4.58 3.41
CA GLN A 101 -13.31 4.05 3.98
C GLN A 101 -13.11 2.61 4.44
N CYS A 102 -11.85 2.17 4.47
CA CYS A 102 -11.54 0.81 4.88
C CYS A 102 -12.27 -0.21 4.02
N ALA A 103 -12.09 -0.10 2.71
CA ALA A 103 -12.73 -1.01 1.77
C ALA A 103 -11.85 -2.22 1.48
N PRO A 104 -12.41 -3.42 1.70
CA PRO A 104 -11.68 -4.68 1.48
C PRO A 104 -11.44 -4.95 -0.01
N GLY A 105 -10.21 -5.31 -0.34
CA GLY A 105 -9.86 -5.59 -1.73
C GLY A 105 -9.54 -4.33 -2.51
N VAL A 106 -9.88 -3.19 -1.94
CA VAL A 106 -9.63 -1.90 -2.59
C VAL A 106 -8.18 -1.48 -2.42
N VAL A 107 -7.83 -1.07 -1.22
CA VAL A 107 -6.47 -0.63 -0.92
C VAL A 107 -5.44 -1.65 -1.42
N GLU A 108 -5.78 -2.92 -1.28
CA GLU A 108 -4.89 -4.00 -1.71
C GLU A 108 -4.54 -3.85 -3.19
N LEU A 109 -5.55 -3.58 -4.01
CA LEU A 109 -5.36 -3.41 -5.44
C LEU A 109 -4.19 -2.47 -5.73
N VAL A 110 -3.90 -1.59 -4.77
CA VAL A 110 -2.82 -0.63 -4.91
C VAL A 110 -1.54 -1.13 -4.24
N LEU A 111 -1.71 -2.03 -3.27
CA LEU A 111 -0.57 -2.59 -2.54
C LEU A 111 0.11 -3.67 -3.37
N ILE A 112 -0.69 -4.53 -3.99
CA ILE A 112 -0.17 -5.61 -4.82
C ILE A 112 1.00 -5.13 -5.69
N PRO A 113 0.73 -4.11 -6.53
CA PRO A 113 1.74 -3.53 -7.42
C PRO A 113 2.81 -2.75 -6.66
N LEU A 114 2.39 -2.08 -5.58
CA LEU A 114 3.31 -1.29 -4.77
C LEU A 114 4.63 -2.02 -4.57
N ARG A 115 4.56 -3.18 -3.90
CA ARG A 115 5.74 -3.98 -3.64
C ARG A 115 6.49 -4.28 -4.93
N GLN A 116 5.75 -4.67 -5.96
CA GLN A 116 6.34 -4.99 -7.26
C GLN A 116 7.18 -3.83 -7.78
N ARG A 117 6.73 -2.60 -7.49
CA ARG A 117 7.44 -1.41 -7.94
C ARG A 117 8.68 -1.17 -7.08
N LEU A 118 8.49 -1.15 -5.77
CA LEU A 118 9.59 -0.93 -4.84
C LEU A 118 10.77 -1.84 -5.17
N GLU A 119 10.47 -3.08 -5.58
CA GLU A 119 11.50 -4.04 -5.93
C GLU A 119 12.43 -3.48 -7.01
N GLU A 120 11.84 -3.02 -8.10
CA GLU A 120 12.60 -2.46 -9.21
C GLU A 120 13.41 -1.24 -8.75
N ARG A 121 12.75 -0.36 -8.02
CA ARG A 121 13.40 0.85 -7.53
C ARG A 121 14.69 0.51 -6.78
N GLN A 122 14.65 -0.56 -6.00
CA GLN A 122 15.81 -1.00 -5.23
C GLN A 122 16.96 -1.40 -6.16
N ARG A 123 16.83 -2.56 -6.78
CA ARG A 123 17.86 -3.05 -7.70
C ARG A 123 17.25 -3.46 -9.04
N ARG A 124 18.08 -3.48 -10.08
CA ARG A 124 17.62 -3.86 -11.41
C ARG A 124 18.59 -4.82 -12.07
N ARG A 125 18.10 -5.59 -13.03
CA ARG A 125 18.93 -6.56 -13.74
C ARG A 125 19.94 -5.85 -14.64
N LYS A 126 21.20 -6.25 -14.54
CA LYS A 126 22.27 -5.66 -15.34
C LYS A 126 23.41 -6.65 -15.55
N GLN A 127 23.80 -6.83 -16.80
CA GLN A 127 24.89 -7.75 -17.13
C GLN A 127 25.94 -7.07 -18.01
N GLY A 1 -10.81 -23.26 6.98
CA GLY A 1 -10.56 -21.89 7.40
C GLY A 1 -9.86 -21.09 6.32
N SER A 2 -10.57 -20.82 5.22
CA SER A 2 -9.99 -20.07 4.12
C SER A 2 -8.69 -20.69 3.63
N SER A 3 -8.69 -22.03 3.54
CA SER A 3 -7.50 -22.75 3.10
C SER A 3 -7.85 -23.72 1.98
N GLY A 4 -6.96 -23.84 1.00
CA GLY A 4 -7.19 -24.73 -0.12
C GLY A 4 -7.49 -23.98 -1.40
N SER A 5 -6.63 -24.17 -2.40
CA SER A 5 -6.81 -23.50 -3.69
C SER A 5 -6.31 -24.38 -4.83
N SER A 6 -7.05 -24.39 -5.93
CA SER A 6 -6.68 -25.19 -7.09
C SER A 6 -7.55 -24.84 -8.30
N GLY A 7 -7.07 -25.21 -9.48
CA GLY A 7 -7.83 -24.92 -10.69
C GLY A 7 -7.01 -24.14 -11.71
N MET A 8 -7.36 -24.28 -12.99
CA MET A 8 -6.65 -23.59 -14.05
C MET A 8 -6.51 -22.10 -13.74
N ALA A 9 -5.50 -21.48 -14.33
CA ALA A 9 -5.26 -20.06 -14.11
C ALA A 9 -6.53 -19.25 -14.33
N SER A 10 -6.73 -18.24 -13.47
CA SER A 10 -7.92 -17.39 -13.56
C SER A 10 -7.75 -16.15 -12.69
N SER A 11 -8.79 -15.31 -12.68
CA SER A 11 -8.75 -14.08 -11.90
C SER A 11 -8.08 -14.31 -10.55
N VAL A 12 -7.63 -13.22 -9.92
CA VAL A 12 -6.97 -13.31 -8.63
C VAL A 12 -7.67 -14.30 -7.72
N ASP A 13 -6.89 -15.14 -7.04
CA ASP A 13 -7.43 -16.15 -6.14
C ASP A 13 -6.84 -16.00 -4.74
N GLU A 14 -7.40 -16.73 -3.78
CA GLU A 14 -6.93 -16.68 -2.41
C GLU A 14 -5.42 -16.84 -2.34
N GLU A 15 -4.90 -17.83 -3.06
CA GLU A 15 -3.47 -18.08 -3.08
C GLU A 15 -2.69 -16.79 -3.33
N ALA A 16 -3.15 -16.01 -4.29
CA ALA A 16 -2.50 -14.74 -4.64
C ALA A 16 -2.60 -13.75 -3.48
N LEU A 17 -3.75 -13.75 -2.81
CA LEU A 17 -3.97 -12.85 -1.69
C LEU A 17 -2.94 -13.08 -0.57
N HIS A 18 -2.55 -14.34 -0.40
CA HIS A 18 -1.58 -14.70 0.62
C HIS A 18 -0.21 -14.07 0.32
N GLN A 19 0.31 -14.35 -0.87
CA GLN A 19 1.61 -13.82 -1.28
C GLN A 19 1.73 -12.35 -0.89
N LEU A 20 0.66 -11.59 -1.08
CA LEU A 20 0.65 -10.17 -0.75
C LEU A 20 0.69 -9.97 0.76
N TYR A 21 -0.05 -10.80 1.48
CA TYR A 21 -0.11 -10.71 2.93
C TYR A 21 1.26 -11.03 3.55
N LEU A 22 1.83 -12.16 3.15
CA LEU A 22 3.13 -12.58 3.66
C LEU A 22 4.17 -11.48 3.48
N TRP A 23 4.27 -10.98 2.25
CA TRP A 23 5.24 -9.92 1.94
C TRP A 23 5.29 -8.89 3.06
N VAL A 24 4.12 -8.49 3.54
CA VAL A 24 4.03 -7.50 4.61
C VAL A 24 4.29 -8.15 5.98
N ASP A 25 3.60 -9.25 6.24
CA ASP A 25 3.75 -9.96 7.51
C ASP A 25 5.23 -10.05 7.90
N ASN A 26 6.08 -10.33 6.92
CA ASN A 26 7.51 -10.44 7.17
C ASN A 26 8.08 -9.13 7.68
N ILE A 27 7.74 -8.03 6.99
CA ILE A 27 8.23 -6.71 7.39
C ILE A 27 7.68 -6.31 8.75
N PRO A 28 8.59 -5.94 9.67
CA PRO A 28 8.23 -5.53 11.03
C PRO A 28 7.51 -4.18 11.05
N LEU A 29 6.19 -4.21 11.17
CA LEU A 29 5.39 -3.00 11.21
C LEU A 29 4.78 -2.79 12.58
N SER A 30 5.33 -1.82 13.32
CA SER A 30 4.85 -1.52 14.66
C SER A 30 3.36 -1.18 14.64
N ARG A 31 2.52 -2.20 14.74
CA ARG A 31 1.07 -2.01 14.72
C ARG A 31 0.35 -3.25 15.26
N PRO A 32 -0.89 -3.06 15.73
CA PRO A 32 -1.70 -4.14 16.28
C PRO A 32 -2.16 -5.12 15.20
N LYS A 33 -2.89 -6.16 15.60
CA LYS A 33 -3.39 -7.16 14.67
C LYS A 33 -4.85 -6.88 14.32
N ARG A 34 -5.14 -5.67 13.88
CA ARG A 34 -6.50 -5.29 13.51
C ARG A 34 -6.76 -5.56 12.03
N ASN A 35 -8.02 -5.74 11.68
CA ASN A 35 -8.41 -6.01 10.30
C ASN A 35 -7.49 -5.27 9.33
N LEU A 36 -7.13 -5.95 8.24
CA LEU A 36 -6.25 -5.36 7.23
C LEU A 36 -7.00 -4.30 6.42
N SER A 37 -8.31 -4.29 6.54
CA SER A 37 -9.14 -3.33 5.82
C SER A 37 -8.93 -1.91 6.36
N ARG A 38 -8.91 -1.80 7.68
CA ARG A 38 -8.71 -0.50 8.33
C ARG A 38 -7.23 -0.25 8.60
N ASP A 39 -6.55 -1.25 9.13
CA ASP A 39 -5.13 -1.13 9.44
C ASP A 39 -4.38 -0.47 8.29
N PHE A 40 -4.70 -0.89 7.06
CA PHE A 40 -4.06 -0.34 5.87
C PHE A 40 -4.76 0.94 5.42
N SER A 41 -6.07 0.99 5.61
CA SER A 41 -6.86 2.15 5.22
C SER A 41 -6.13 3.45 5.55
N ASP A 42 -5.38 3.43 6.66
CA ASP A 42 -4.63 4.59 7.09
C ASP A 42 -3.29 4.67 6.36
N GLY A 43 -3.05 5.80 5.69
CA GLY A 43 -1.81 5.98 4.96
C GLY A 43 -0.61 6.12 5.89
N VAL A 44 -0.87 6.51 7.14
CA VAL A 44 0.19 6.68 8.12
C VAL A 44 1.04 5.43 8.24
N LEU A 45 0.51 4.30 7.76
CA LEU A 45 1.21 3.03 7.82
C LEU A 45 1.86 2.71 6.48
N VAL A 46 1.08 2.84 5.41
CA VAL A 46 1.56 2.57 4.06
C VAL A 46 2.93 3.20 3.83
N ALA A 47 3.12 4.40 4.39
CA ALA A 47 4.39 5.11 4.25
C ALA A 47 5.53 4.33 4.89
N GLU A 48 5.28 3.81 6.09
CA GLU A 48 6.29 3.05 6.83
C GLU A 48 6.87 1.94 5.95
N VAL A 49 5.99 1.16 5.33
CA VAL A 49 6.42 0.06 4.46
C VAL A 49 7.52 0.52 3.52
N ILE A 50 7.35 1.68 2.91
CA ILE A 50 8.33 2.23 1.98
C ILE A 50 9.67 2.45 2.68
N LYS A 51 9.60 2.86 3.94
CA LYS A 51 10.82 3.12 4.72
C LYS A 51 11.83 1.99 4.54
N PHE A 52 11.40 0.76 4.83
CA PHE A 52 12.27 -0.39 4.70
C PHE A 52 13.04 -0.36 3.38
N TYR A 53 12.32 -0.08 2.29
CA TYR A 53 12.93 -0.01 0.97
C TYR A 53 13.74 1.27 0.81
N PHE A 54 13.04 2.40 0.78
CA PHE A 54 13.68 3.70 0.63
C PHE A 54 13.30 4.63 1.77
N PRO A 55 14.25 4.85 2.70
CA PRO A 55 14.04 5.72 3.86
C PRO A 55 13.94 7.19 3.48
N LYS A 56 14.89 7.64 2.65
CA LYS A 56 14.91 9.03 2.20
C LYS A 56 13.60 9.41 1.54
N MET A 57 13.09 8.53 0.68
CA MET A 57 11.83 8.78 -0.02
C MET A 57 10.71 9.04 0.97
N VAL A 58 10.72 8.33 2.09
CA VAL A 58 9.69 8.50 3.12
C VAL A 58 9.89 9.82 3.87
N GLU A 59 8.84 10.63 3.89
CA GLU A 59 8.89 11.92 4.57
C GLU A 59 7.68 12.10 5.49
N MET A 60 7.40 11.09 6.29
CA MET A 60 6.27 11.13 7.22
C MET A 60 6.36 12.35 8.13
N HIS A 61 7.57 12.92 8.23
CA HIS A 61 7.79 14.10 9.07
C HIS A 61 6.66 15.11 8.89
N ASN A 62 5.99 15.04 7.75
CA ASN A 62 4.88 15.95 7.46
C ASN A 62 3.54 15.29 7.76
N TYR A 63 3.42 14.02 7.41
CA TYR A 63 2.19 13.27 7.63
C TYR A 63 2.00 12.96 9.11
N VAL A 64 0.76 13.03 9.57
CA VAL A 64 0.45 12.76 10.97
C VAL A 64 -0.87 11.98 11.10
N PRO A 65 -0.88 10.99 12.01
CA PRO A 65 -2.06 10.16 12.24
C PRO A 65 -3.18 10.92 12.93
N ALA A 66 -4.26 11.17 12.19
CA ALA A 66 -5.41 11.90 12.73
C ALA A 66 -6.66 11.04 12.71
N ASN A 67 -7.29 10.89 13.87
CA ASN A 67 -8.50 10.08 13.99
C ASN A 67 -9.57 10.55 13.01
N SER A 68 -9.57 11.85 12.74
CA SER A 68 -10.54 12.44 11.81
C SER A 68 -10.36 11.88 10.41
N LEU A 69 -11.48 11.61 9.73
CA LEU A 69 -11.45 11.07 8.38
C LEU A 69 -10.93 12.11 7.39
N GLN A 70 -11.60 13.26 7.33
CA GLN A 70 -11.20 14.33 6.43
C GLN A 70 -9.69 14.39 6.28
N GLN A 71 -8.98 14.29 7.40
CA GLN A 71 -7.53 14.32 7.40
C GLN A 71 -6.96 13.22 6.52
N LYS A 72 -7.36 11.98 6.80
CA LYS A 72 -6.89 10.83 6.03
C LYS A 72 -6.86 11.15 4.54
N LEU A 73 -8.01 11.48 3.98
CA LEU A 73 -8.10 11.81 2.56
C LEU A 73 -7.08 12.88 2.18
N SER A 74 -7.04 13.96 2.97
CA SER A 74 -6.12 15.05 2.71
C SER A 74 -4.68 14.54 2.60
N ASN A 75 -4.32 13.60 3.47
CA ASN A 75 -2.98 13.02 3.46
C ASN A 75 -2.74 12.21 2.19
N TRP A 76 -3.61 11.23 1.95
CA TRP A 76 -3.49 10.39 0.77
C TRP A 76 -3.21 11.22 -0.48
N GLY A 77 -4.02 12.25 -0.69
CA GLY A 77 -3.84 13.11 -1.85
C GLY A 77 -2.41 13.59 -2.00
N HIS A 78 -1.77 13.91 -0.88
CA HIS A 78 -0.40 14.38 -0.89
C HIS A 78 0.57 13.25 -1.26
N LEU A 79 0.35 12.08 -0.67
CA LEU A 79 1.19 10.93 -0.94
C LEU A 79 1.16 10.56 -2.41
N ASN A 80 0.16 11.07 -3.12
CA ASN A 80 0.01 10.80 -4.55
C ASN A 80 0.95 11.66 -5.37
N ARG A 81 1.12 12.91 -4.95
CA ARG A 81 2.00 13.84 -5.64
C ARG A 81 3.33 13.99 -4.90
N LYS A 82 3.51 13.21 -3.85
CA LYS A 82 4.73 13.25 -3.06
C LYS A 82 5.47 11.93 -3.12
N VAL A 83 4.72 10.83 -3.19
CA VAL A 83 5.30 9.50 -3.27
C VAL A 83 5.05 8.87 -4.63
N LEU A 84 3.82 8.42 -4.85
CA LEU A 84 3.44 7.79 -6.11
C LEU A 84 4.02 8.55 -7.29
N LYS A 85 3.95 9.88 -7.23
CA LYS A 85 4.48 10.73 -8.29
C LYS A 85 5.85 10.24 -8.75
N ARG A 86 6.72 9.95 -7.79
CA ARG A 86 8.06 9.48 -8.09
C ARG A 86 8.04 8.03 -8.54
N LEU A 87 6.96 7.33 -8.20
CA LEU A 87 6.82 5.92 -8.56
C LEU A 87 5.98 5.77 -9.84
N ASN A 88 5.91 6.85 -10.61
CA ASN A 88 5.15 6.85 -11.86
C ASN A 88 3.80 6.15 -11.67
N PHE A 89 3.25 6.26 -10.46
CA PHE A 89 1.97 5.65 -10.15
C PHE A 89 0.89 6.71 -9.93
N SER A 90 -0.25 6.55 -10.58
CA SER A 90 -1.35 7.50 -10.45
C SER A 90 -2.60 6.80 -9.93
N VAL A 91 -3.44 7.56 -9.22
CA VAL A 91 -4.68 7.03 -8.66
C VAL A 91 -5.73 8.12 -8.52
N PRO A 92 -6.94 7.83 -9.01
CA PRO A 92 -8.06 8.77 -8.95
C PRO A 92 -8.58 8.96 -7.53
N ASP A 93 -9.55 9.86 -7.38
CA ASP A 93 -10.13 10.13 -6.07
C ASP A 93 -11.16 9.07 -5.70
N ASP A 94 -11.96 8.65 -6.67
CA ASP A 94 -12.97 7.63 -6.44
C ASP A 94 -12.37 6.41 -5.74
N VAL A 95 -11.13 6.10 -6.08
CA VAL A 95 -10.44 4.95 -5.49
C VAL A 95 -9.92 5.29 -4.10
N MET A 96 -9.47 6.53 -3.92
CA MET A 96 -8.94 6.97 -2.63
C MET A 96 -10.06 7.03 -1.58
N ARG A 97 -11.15 7.70 -1.92
CA ARG A 97 -12.29 7.83 -1.02
C ARG A 97 -12.59 6.50 -0.33
N LYS A 98 -12.63 5.44 -1.12
CA LYS A 98 -12.92 4.10 -0.60
C LYS A 98 -11.83 3.66 0.38
N ILE A 99 -10.58 3.89 0.01
CA ILE A 99 -9.45 3.51 0.85
C ILE A 99 -9.61 4.09 2.26
N ALA A 100 -9.85 5.39 2.34
CA ALA A 100 -10.03 6.05 3.63
C ALA A 100 -11.32 5.61 4.30
N GLN A 101 -12.27 5.14 3.50
CA GLN A 101 -13.55 4.69 4.01
C GLN A 101 -13.45 3.26 4.56
N CYS A 102 -12.22 2.78 4.72
CA CYS A 102 -11.98 1.44 5.22
C CYS A 102 -12.74 0.40 4.41
N ALA A 103 -12.65 0.51 3.09
CA ALA A 103 -13.33 -0.41 2.19
C ALA A 103 -12.37 -1.49 1.69
N PRO A 104 -12.73 -2.76 1.97
CA PRO A 104 -11.92 -3.91 1.56
C PRO A 104 -11.94 -4.13 0.05
N GLY A 105 -10.85 -4.71 -0.47
CA GLY A 105 -10.77 -4.96 -1.89
C GLY A 105 -10.47 -3.71 -2.69
N VAL A 106 -10.03 -2.66 -2.00
CA VAL A 106 -9.71 -1.40 -2.65
C VAL A 106 -8.24 -1.03 -2.46
N VAL A 107 -7.86 -0.77 -1.21
CA VAL A 107 -6.49 -0.42 -0.89
C VAL A 107 -5.52 -1.50 -1.36
N GLU A 108 -5.95 -2.75 -1.29
CA GLU A 108 -5.11 -3.87 -1.72
C GLU A 108 -4.74 -3.73 -3.19
N LEU A 109 -5.70 -3.31 -4.00
CA LEU A 109 -5.46 -3.14 -5.43
C LEU A 109 -4.23 -2.27 -5.69
N VAL A 110 -3.85 -1.49 -4.69
CA VAL A 110 -2.68 -0.61 -4.80
C VAL A 110 -1.47 -1.24 -4.11
N LEU A 111 -1.72 -2.12 -3.15
CA LEU A 111 -0.64 -2.78 -2.42
C LEU A 111 0.05 -3.81 -3.29
N ILE A 112 -0.72 -4.55 -4.07
CA ILE A 112 -0.17 -5.57 -4.96
C ILE A 112 0.91 -4.99 -5.85
N PRO A 113 0.56 -3.96 -6.63
CA PRO A 113 1.49 -3.29 -7.55
C PRO A 113 2.56 -2.48 -6.81
N LEU A 114 2.16 -1.88 -5.69
CA LEU A 114 3.08 -1.09 -4.88
C LEU A 114 4.38 -1.83 -4.63
N ARG A 115 4.28 -2.97 -3.97
CA ARG A 115 5.45 -3.79 -3.67
C ARG A 115 6.22 -4.14 -4.94
N GLN A 116 5.48 -4.51 -5.99
CA GLN A 116 6.09 -4.85 -7.27
C GLN A 116 7.02 -3.75 -7.75
N ARG A 117 6.58 -2.50 -7.61
CA ARG A 117 7.37 -1.35 -8.03
C ARG A 117 8.61 -1.20 -7.16
N LEU A 118 8.39 -1.11 -5.85
CA LEU A 118 9.49 -0.95 -4.90
C LEU A 118 10.58 -1.99 -5.14
N GLU A 119 10.16 -3.23 -5.44
CA GLU A 119 11.09 -4.31 -5.69
C GLU A 119 12.06 -3.94 -6.81
N GLU A 120 11.51 -3.52 -7.94
CA GLU A 120 12.32 -3.13 -9.09
C GLU A 120 13.21 -1.94 -8.76
N ARG A 121 12.61 -0.90 -8.18
CA ARG A 121 13.34 0.30 -7.81
C ARG A 121 14.49 -0.03 -6.87
N GLN A 122 14.26 -0.99 -5.98
CA GLN A 122 15.27 -1.40 -5.01
C GLN A 122 16.64 -1.51 -5.67
N ARG A 123 16.64 -1.83 -6.96
CA ARG A 123 17.89 -1.96 -7.71
C ARG A 123 18.47 -0.59 -8.05
N ARG A 124 19.80 -0.54 -8.16
CA ARG A 124 20.47 0.72 -8.47
C ARG A 124 21.39 0.55 -9.68
N ARG A 125 22.00 1.65 -10.11
CA ARG A 125 22.89 1.63 -11.26
C ARG A 125 24.35 1.52 -10.82
N LYS A 126 25.11 0.68 -11.50
CA LYS A 126 26.52 0.49 -11.18
C LYS A 126 27.41 1.02 -12.28
N GLN A 127 28.63 1.44 -11.93
CA GLN A 127 29.57 1.97 -12.90
C GLN A 127 30.73 1.01 -13.11
N GLY A 1 15.06 -12.20 -3.35
CA GLY A 1 15.45 -13.42 -2.67
C GLY A 1 15.23 -14.65 -3.52
N SER A 2 15.23 -15.82 -2.88
CA SER A 2 15.04 -17.08 -3.59
C SER A 2 13.55 -17.35 -3.82
N SER A 3 12.82 -16.31 -4.23
CA SER A 3 11.39 -16.43 -4.47
C SER A 3 10.91 -15.33 -5.42
N GLY A 4 9.65 -15.42 -5.82
CA GLY A 4 9.08 -14.43 -6.72
C GLY A 4 7.94 -14.97 -7.53
N SER A 5 8.10 -16.19 -8.04
CA SER A 5 7.06 -16.83 -8.86
C SER A 5 5.67 -16.48 -8.33
N SER A 6 4.68 -16.52 -9.22
CA SER A 6 3.31 -16.21 -8.84
C SER A 6 2.34 -16.57 -9.97
N GLY A 7 1.07 -16.68 -9.62
CA GLY A 7 0.05 -17.02 -10.62
C GLY A 7 -0.84 -15.85 -10.96
N MET A 8 -1.03 -15.62 -12.26
CA MET A 8 -1.86 -14.51 -12.73
C MET A 8 -2.91 -15.01 -13.73
N ALA A 9 -4.13 -15.23 -13.24
CA ALA A 9 -5.21 -15.69 -14.09
C ALA A 9 -6.32 -14.65 -14.21
N SER A 10 -7.20 -14.83 -15.19
CA SER A 10 -8.31 -13.90 -15.40
C SER A 10 -8.81 -13.34 -14.08
N SER A 11 -9.01 -14.23 -13.11
CA SER A 11 -9.50 -13.83 -11.80
C SER A 11 -8.55 -14.27 -10.70
N VAL A 12 -8.28 -13.37 -9.75
CA VAL A 12 -7.37 -13.66 -8.65
C VAL A 12 -8.10 -14.39 -7.52
N ASP A 13 -7.48 -15.44 -7.01
CA ASP A 13 -8.08 -16.22 -5.92
C ASP A 13 -7.67 -15.65 -4.57
N GLU A 14 -8.32 -16.13 -3.51
CA GLU A 14 -8.02 -15.67 -2.16
C GLU A 14 -6.55 -15.89 -1.81
N GLU A 15 -6.07 -17.11 -2.06
CA GLU A 15 -4.68 -17.44 -1.78
C GLU A 15 -3.74 -16.35 -2.26
N ALA A 16 -4.04 -15.78 -3.42
CA ALA A 16 -3.23 -14.71 -3.99
C ALA A 16 -3.03 -13.58 -2.99
N LEU A 17 -4.09 -13.23 -2.27
CA LEU A 17 -4.02 -12.17 -1.27
C LEU A 17 -2.93 -12.45 -0.24
N HIS A 18 -2.93 -13.68 0.28
CA HIS A 18 -1.94 -14.09 1.27
C HIS A 18 -0.55 -13.57 0.91
N GLN A 19 -0.12 -13.86 -0.32
CA GLN A 19 1.19 -13.42 -0.79
C GLN A 19 1.48 -11.99 -0.34
N LEU A 20 0.46 -11.14 -0.43
CA LEU A 20 0.60 -9.73 -0.03
C LEU A 20 0.67 -9.61 1.48
N TYR A 21 -0.09 -10.45 2.18
CA TYR A 21 -0.11 -10.42 3.64
C TYR A 21 1.18 -10.98 4.22
N LEU A 22 1.87 -11.79 3.43
CA LEU A 22 3.14 -12.39 3.86
C LEU A 22 4.31 -11.44 3.60
N TRP A 23 4.29 -10.80 2.44
CA TRP A 23 5.36 -9.87 2.06
C TRP A 23 5.54 -8.80 3.14
N VAL A 24 4.43 -8.33 3.70
CA VAL A 24 4.49 -7.32 4.75
C VAL A 24 5.07 -7.88 6.04
N ASP A 25 4.51 -9.00 6.50
CA ASP A 25 4.97 -9.64 7.72
C ASP A 25 6.49 -9.49 7.87
N ASN A 26 7.22 -9.88 6.83
CA ASN A 26 8.68 -9.78 6.85
C ASN A 26 9.14 -8.52 7.56
N ILE A 27 8.62 -7.38 7.12
CA ILE A 27 8.97 -6.10 7.71
C ILE A 27 8.47 -6.00 9.15
N PRO A 28 9.37 -5.62 10.07
CA PRO A 28 9.04 -5.47 11.49
C PRO A 28 8.12 -4.28 11.75
N LEU A 29 6.83 -4.56 11.83
CA LEU A 29 5.83 -3.51 12.08
C LEU A 29 4.94 -3.88 13.26
N SER A 30 4.32 -5.06 13.19
CA SER A 30 3.44 -5.52 14.25
C SER A 30 2.59 -4.37 14.80
N ARG A 31 2.38 -3.36 13.98
CA ARG A 31 1.59 -2.19 14.37
C ARG A 31 0.18 -2.61 14.77
N PRO A 32 -0.54 -3.24 13.83
CA PRO A 32 -1.91 -3.70 14.07
C PRO A 32 -1.97 -4.87 15.04
N LYS A 33 -2.70 -4.68 16.15
CA LYS A 33 -2.83 -5.73 17.15
C LYS A 33 -3.93 -6.72 16.76
N ARG A 34 -4.59 -6.45 15.64
CA ARG A 34 -5.66 -7.32 15.16
C ARG A 34 -5.40 -7.76 13.72
N ASN A 35 -5.52 -6.82 12.78
CA ASN A 35 -5.30 -7.09 11.37
C ASN A 35 -4.63 -5.92 10.68
N LEU A 36 -3.97 -6.19 9.56
CA LEU A 36 -3.28 -5.16 8.80
C LEU A 36 -4.20 -4.55 7.75
N SER A 37 -4.93 -5.41 7.05
CA SER A 37 -5.86 -4.95 6.02
C SER A 37 -6.70 -3.79 6.52
N ARG A 38 -6.84 -3.68 7.83
CA ARG A 38 -7.63 -2.62 8.44
C ARG A 38 -6.77 -1.38 8.70
N ASP A 39 -5.50 -1.62 9.05
CA ASP A 39 -4.58 -0.53 9.32
C ASP A 39 -4.11 0.12 8.03
N PHE A 40 -3.51 -0.67 7.15
CA PHE A 40 -3.01 -0.17 5.87
C PHE A 40 -3.94 0.91 5.32
N SER A 41 -5.22 0.58 5.20
CA SER A 41 -6.20 1.52 4.67
C SER A 41 -5.91 2.94 5.15
N ASP A 42 -5.61 3.07 6.44
CA ASP A 42 -5.31 4.37 7.03
C ASP A 42 -4.38 5.17 6.13
N GLY A 43 -3.24 4.58 5.78
CA GLY A 43 -2.28 5.25 4.93
C GLY A 43 -0.95 5.51 5.62
N VAL A 44 -1.02 5.86 6.90
CA VAL A 44 0.20 6.13 7.68
C VAL A 44 1.07 4.88 7.79
N LEU A 45 0.42 3.73 7.99
CA LEU A 45 1.14 2.47 8.11
C LEU A 45 1.86 2.13 6.81
N VAL A 46 1.17 2.33 5.69
CA VAL A 46 1.75 2.04 4.38
C VAL A 46 3.12 2.69 4.22
N ALA A 47 3.20 3.96 4.58
CA ALA A 47 4.46 4.69 4.49
C ALA A 47 5.60 3.92 5.15
N GLU A 48 5.40 3.55 6.41
CA GLU A 48 6.41 2.81 7.15
C GLU A 48 6.97 1.67 6.32
N VAL A 49 6.09 0.88 5.71
CA VAL A 49 6.50 -0.24 4.88
C VAL A 49 7.56 0.19 3.86
N ILE A 50 7.23 1.20 3.08
CA ILE A 50 8.15 1.71 2.07
C ILE A 50 9.53 1.98 2.65
N LYS A 51 9.56 2.60 3.83
CA LYS A 51 10.81 2.90 4.50
C LYS A 51 11.81 1.76 4.33
N PHE A 52 11.44 0.57 4.77
CA PHE A 52 12.30 -0.59 4.66
C PHE A 52 13.07 -0.57 3.34
N TYR A 53 12.35 -0.43 2.24
CA TYR A 53 12.96 -0.40 0.92
C TYR A 53 13.71 0.91 0.70
N PHE A 54 13.00 2.03 0.87
CA PHE A 54 13.58 3.35 0.69
C PHE A 54 13.28 4.25 1.89
N PRO A 55 14.25 4.34 2.81
CA PRO A 55 14.12 5.16 4.02
C PRO A 55 14.13 6.66 3.70
N LYS A 56 14.70 7.01 2.55
CA LYS A 56 14.77 8.41 2.14
C LYS A 56 13.43 8.88 1.57
N MET A 57 12.70 7.97 0.95
CA MET A 57 11.40 8.29 0.37
C MET A 57 10.41 8.70 1.45
N VAL A 58 10.32 7.88 2.50
CA VAL A 58 9.41 8.18 3.61
C VAL A 58 9.96 9.28 4.51
N GLU A 59 9.08 10.17 4.93
CA GLU A 59 9.48 11.27 5.81
C GLU A 59 8.81 11.16 7.17
N MET A 60 7.50 10.95 7.17
CA MET A 60 6.74 10.82 8.41
C MET A 60 6.84 12.11 9.23
N HIS A 61 6.69 13.24 8.57
CA HIS A 61 6.76 14.53 9.25
C HIS A 61 5.48 15.33 9.03
N ASN A 62 4.89 15.18 7.85
CA ASN A 62 3.65 15.88 7.52
C ASN A 62 2.44 15.00 7.80
N TYR A 63 2.56 13.71 7.53
CA TYR A 63 1.49 12.77 7.74
C TYR A 63 1.24 12.54 9.23
N VAL A 64 -0.03 12.53 9.62
CA VAL A 64 -0.40 12.33 11.01
C VAL A 64 -1.61 11.39 11.13
N PRO A 65 -1.53 10.46 12.10
CA PRO A 65 -2.61 9.50 12.33
C PRO A 65 -3.85 10.14 12.92
N ALA A 66 -4.82 10.44 12.06
CA ALA A 66 -6.06 11.07 12.50
C ALA A 66 -7.25 10.15 12.22
N ASN A 67 -8.40 10.49 12.82
CA ASN A 67 -9.61 9.70 12.65
C ASN A 67 -10.55 10.37 11.64
N SER A 68 -10.65 11.69 11.72
CA SER A 68 -11.52 12.43 10.83
C SER A 68 -11.34 11.98 9.38
N LEU A 69 -12.46 11.90 8.65
CA LEU A 69 -12.42 11.48 7.25
C LEU A 69 -11.60 12.43 6.41
N GLN A 70 -11.85 13.73 6.57
CA GLN A 70 -11.11 14.75 5.81
C GLN A 70 -9.61 14.54 5.94
N GLN A 71 -9.14 14.34 7.17
CA GLN A 71 -7.73 14.13 7.42
C GLN A 71 -7.19 12.96 6.60
N LYS A 72 -7.87 11.81 6.71
CA LYS A 72 -7.47 10.61 5.98
C LYS A 72 -7.12 10.95 4.53
N LEU A 73 -8.15 11.34 3.76
CA LEU A 73 -7.96 11.69 2.36
C LEU A 73 -6.86 12.73 2.20
N SER A 74 -6.96 13.81 2.97
CA SER A 74 -5.98 14.88 2.92
C SER A 74 -4.56 14.32 2.93
N ASN A 75 -4.35 13.23 3.68
CA ASN A 75 -3.04 12.60 3.77
C ASN A 75 -2.75 11.77 2.53
N TRP A 76 -3.72 10.97 2.11
CA TRP A 76 -3.56 10.12 0.93
C TRP A 76 -3.22 10.97 -0.29
N GLY A 77 -4.05 11.96 -0.57
CA GLY A 77 -3.83 12.82 -1.72
C GLY A 77 -2.37 13.23 -1.85
N HIS A 78 -1.74 13.55 -0.72
CA HIS A 78 -0.34 13.96 -0.72
C HIS A 78 0.57 12.79 -1.11
N LEU A 79 0.37 11.65 -0.46
CA LEU A 79 1.17 10.47 -0.74
C LEU A 79 1.10 10.09 -2.22
N ASN A 80 0.15 10.70 -2.93
CA ASN A 80 -0.02 10.43 -4.36
C ASN A 80 0.95 11.26 -5.18
N ARG A 81 1.41 12.38 -4.62
CA ARG A 81 2.33 13.26 -5.31
C ARG A 81 3.71 13.23 -4.63
N LYS A 82 3.74 12.79 -3.38
CA LYS A 82 4.98 12.71 -2.63
C LYS A 82 5.62 11.33 -2.78
N VAL A 83 4.79 10.30 -2.90
CA VAL A 83 5.27 8.94 -3.04
C VAL A 83 4.95 8.39 -4.43
N LEU A 84 3.68 8.01 -4.63
CA LEU A 84 3.24 7.47 -5.90
C LEU A 84 4.00 8.11 -7.06
N LYS A 85 4.00 9.44 -7.10
CA LYS A 85 4.68 10.18 -8.15
C LYS A 85 6.06 9.58 -8.43
N ARG A 86 6.84 9.39 -7.37
CA ARG A 86 8.17 8.83 -7.50
C ARG A 86 8.12 7.43 -8.10
N LEU A 87 7.03 6.71 -7.84
CA LEU A 87 6.85 5.36 -8.36
C LEU A 87 6.11 5.39 -9.69
N ASN A 88 6.24 6.50 -10.42
CA ASN A 88 5.58 6.65 -11.71
C ASN A 88 4.17 6.10 -11.67
N PHE A 89 3.50 6.26 -10.52
CA PHE A 89 2.14 5.77 -10.35
C PHE A 89 1.16 6.94 -10.30
N SER A 90 -0.11 6.64 -10.53
CA SER A 90 -1.16 7.66 -10.51
C SER A 90 -2.52 7.04 -10.19
N VAL A 91 -3.22 7.66 -9.25
CA VAL A 91 -4.54 7.18 -8.84
C VAL A 91 -5.58 8.29 -8.90
N PRO A 92 -6.78 7.95 -9.40
CA PRO A 92 -7.89 8.91 -9.52
C PRO A 92 -8.45 9.32 -8.17
N ASP A 93 -9.13 10.47 -8.13
CA ASP A 93 -9.72 10.97 -6.90
C ASP A 93 -10.88 10.09 -6.46
N ASP A 94 -11.37 9.25 -7.37
CA ASP A 94 -12.47 8.34 -7.07
C ASP A 94 -12.00 7.17 -6.22
N VAL A 95 -10.86 6.60 -6.58
CA VAL A 95 -10.30 5.46 -5.87
C VAL A 95 -9.92 5.86 -4.44
N MET A 96 -9.58 7.13 -4.25
CA MET A 96 -9.20 7.64 -2.93
C MET A 96 -10.39 7.63 -1.99
N ARG A 97 -11.52 8.17 -2.45
CA ARG A 97 -12.72 8.23 -1.65
C ARG A 97 -13.03 6.87 -1.01
N LYS A 98 -12.79 5.81 -1.77
CA LYS A 98 -13.03 4.45 -1.28
C LYS A 98 -12.05 4.10 -0.16
N ILE A 99 -10.76 4.13 -0.49
CA ILE A 99 -9.73 3.81 0.49
C ILE A 99 -9.98 4.51 1.81
N ALA A 100 -10.29 5.80 1.75
CA ALA A 100 -10.56 6.58 2.94
C ALA A 100 -11.83 6.11 3.63
N GLN A 101 -12.75 5.55 2.85
CA GLN A 101 -14.01 5.05 3.40
C GLN A 101 -13.83 3.68 4.03
N CYS A 102 -12.58 3.23 4.11
CA CYS A 102 -12.27 1.93 4.70
C CYS A 102 -12.95 0.81 3.92
N ALA A 103 -12.72 0.78 2.62
CA ALA A 103 -13.32 -0.23 1.76
C ALA A 103 -12.35 -1.39 1.53
N PRO A 104 -12.79 -2.62 1.86
CA PRO A 104 -11.98 -3.82 1.70
C PRO A 104 -11.78 -4.19 0.23
N GLY A 105 -10.52 -4.25 -0.19
CA GLY A 105 -10.21 -4.59 -1.57
C GLY A 105 -9.61 -3.43 -2.34
N VAL A 106 -10.33 -2.32 -2.38
CA VAL A 106 -9.86 -1.13 -3.09
C VAL A 106 -8.41 -0.82 -2.74
N VAL A 107 -8.12 -0.74 -1.45
CA VAL A 107 -6.77 -0.45 -0.98
C VAL A 107 -5.80 -1.56 -1.37
N GLU A 108 -6.20 -2.80 -1.12
CA GLU A 108 -5.37 -3.96 -1.44
C GLU A 108 -4.96 -3.93 -2.92
N LEU A 109 -5.91 -3.58 -3.78
CA LEU A 109 -5.65 -3.51 -5.21
C LEU A 109 -4.52 -2.54 -5.51
N VAL A 110 -4.30 -1.59 -4.62
CA VAL A 110 -3.24 -0.60 -4.79
C VAL A 110 -1.94 -1.06 -4.13
N LEU A 111 -2.07 -1.90 -3.10
CA LEU A 111 -0.91 -2.41 -2.40
C LEU A 111 -0.17 -3.46 -3.24
N ILE A 112 -0.93 -4.25 -3.97
CA ILE A 112 -0.35 -5.29 -4.83
C ILE A 112 0.66 -4.70 -5.80
N PRO A 113 0.19 -3.73 -6.62
CA PRO A 113 1.03 -3.06 -7.62
C PRO A 113 2.07 -2.15 -6.98
N LEU A 114 1.66 -1.46 -5.92
CA LEU A 114 2.55 -0.54 -5.21
C LEU A 114 3.89 -1.20 -4.91
N ARG A 115 3.84 -2.43 -4.40
CA ARG A 115 5.04 -3.18 -4.08
C ARG A 115 5.87 -3.46 -5.33
N GLN A 116 5.18 -3.92 -6.39
CA GLN A 116 5.86 -4.24 -7.64
C GLN A 116 6.80 -3.11 -8.05
N ARG A 117 6.38 -1.88 -7.82
CA ARG A 117 7.19 -0.71 -8.16
C ARG A 117 8.37 -0.57 -7.20
N LEU A 118 8.07 -0.51 -5.91
CA LEU A 118 9.10 -0.37 -4.89
C LEU A 118 10.36 -1.16 -5.27
N GLU A 119 10.16 -2.37 -5.77
CA GLU A 119 11.27 -3.22 -6.18
C GLU A 119 11.86 -2.75 -7.50
N GLU A 120 11.00 -2.43 -8.45
CA GLU A 120 11.43 -1.95 -9.76
C GLU A 120 12.53 -0.90 -9.62
N ARG A 121 12.57 -0.24 -8.46
CA ARG A 121 13.56 0.79 -8.21
C ARG A 121 14.80 0.20 -7.54
N GLN A 122 14.58 -0.68 -6.56
CA GLN A 122 15.68 -1.31 -5.84
C GLN A 122 16.72 -1.85 -6.81
N ARG A 123 16.28 -2.70 -7.73
CA ARG A 123 17.17 -3.29 -8.72
C ARG A 123 17.72 -2.22 -9.67
N ARG A 124 18.78 -2.57 -10.40
CA ARG A 124 19.40 -1.65 -11.34
C ARG A 124 19.85 -2.37 -12.60
N ARG A 125 19.69 -1.71 -13.75
CA ARG A 125 20.08 -2.30 -15.02
C ARG A 125 21.60 -2.29 -15.18
N LYS A 126 22.23 -3.38 -14.77
CA LYS A 126 23.68 -3.51 -14.87
C LYS A 126 24.07 -4.34 -16.09
N GLN A 127 25.37 -4.48 -16.30
CA GLN A 127 25.88 -5.25 -17.44
C GLN A 127 26.85 -6.33 -16.98
N GLY A 1 -11.43 -13.06 11.79
CA GLY A 1 -11.55 -13.15 10.34
C GLY A 1 -12.96 -13.50 9.90
N SER A 2 -13.65 -12.54 9.29
CA SER A 2 -15.01 -12.75 8.83
C SER A 2 -15.40 -11.69 7.80
N SER A 3 -16.33 -12.04 6.92
CA SER A 3 -16.79 -11.12 5.89
C SER A 3 -18.30 -11.22 5.70
N GLY A 4 -18.85 -10.37 4.84
CA GLY A 4 -20.28 -10.39 4.59
C GLY A 4 -20.65 -11.24 3.39
N SER A 5 -21.94 -11.55 3.25
CA SER A 5 -22.41 -12.38 2.15
C SER A 5 -22.32 -11.61 0.83
N SER A 6 -21.44 -12.06 -0.05
CA SER A 6 -21.25 -11.42 -1.35
C SER A 6 -21.17 -12.46 -2.46
N GLY A 7 -21.70 -12.11 -3.63
CA GLY A 7 -21.68 -13.02 -4.75
C GLY A 7 -20.28 -13.23 -5.30
N MET A 8 -19.81 -14.47 -5.26
CA MET A 8 -18.48 -14.80 -5.75
C MET A 8 -18.48 -14.94 -7.28
N ALA A 9 -18.15 -13.83 -7.95
CA ALA A 9 -18.11 -13.82 -9.41
C ALA A 9 -17.12 -12.78 -9.91
N SER A 10 -16.21 -13.22 -10.79
CA SER A 10 -15.20 -12.33 -11.35
C SER A 10 -14.56 -11.47 -10.26
N SER A 11 -14.26 -12.10 -9.13
CA SER A 11 -13.64 -11.40 -8.01
C SER A 11 -12.42 -12.15 -7.50
N VAL A 12 -11.64 -11.49 -6.65
CA VAL A 12 -10.42 -12.09 -6.10
C VAL A 12 -10.75 -12.94 -4.88
N ASP A 13 -10.08 -14.08 -4.76
CA ASP A 13 -10.29 -14.99 -3.65
C ASP A 13 -9.43 -14.59 -2.45
N GLU A 14 -9.65 -15.25 -1.32
CA GLU A 14 -8.90 -14.96 -0.10
C GLU A 14 -7.44 -15.38 -0.26
N GLU A 15 -7.22 -16.57 -0.79
CA GLU A 15 -5.88 -17.10 -0.99
C GLU A 15 -5.00 -16.08 -1.73
N ALA A 16 -5.50 -15.60 -2.87
CA ALA A 16 -4.78 -14.63 -3.67
C ALA A 16 -4.24 -13.49 -2.79
N LEU A 17 -5.14 -12.88 -2.02
CA LEU A 17 -4.76 -11.77 -1.14
C LEU A 17 -3.65 -12.19 -0.20
N HIS A 18 -3.78 -13.36 0.40
CA HIS A 18 -2.78 -13.88 1.33
C HIS A 18 -1.37 -13.57 0.83
N GLN A 19 -1.08 -14.00 -0.40
CA GLN A 19 0.24 -13.77 -0.99
C GLN A 19 0.73 -12.35 -0.70
N LEU A 20 -0.16 -11.38 -0.85
CA LEU A 20 0.17 -9.98 -0.61
C LEU A 20 0.42 -9.74 0.88
N TYR A 21 -0.43 -10.30 1.73
CA TYR A 21 -0.31 -10.14 3.17
C TYR A 21 1.03 -10.70 3.66
N LEU A 22 1.38 -11.88 3.16
CA LEU A 22 2.63 -12.52 3.55
C LEU A 22 3.83 -11.65 3.19
N TRP A 23 3.75 -11.01 2.03
CA TRP A 23 4.83 -10.14 1.57
C TRP A 23 5.16 -9.06 2.60
N VAL A 24 4.12 -8.60 3.31
CA VAL A 24 4.29 -7.58 4.34
C VAL A 24 4.72 -8.20 5.67
N ASP A 25 4.00 -9.23 6.09
CA ASP A 25 4.31 -9.91 7.34
C ASP A 25 5.82 -9.95 7.59
N ASN A 26 6.57 -10.35 6.56
CA ASN A 26 8.02 -10.43 6.66
C ASN A 26 8.59 -9.16 7.28
N ILE A 27 8.18 -8.01 6.75
CA ILE A 27 8.66 -6.72 7.24
C ILE A 27 8.09 -6.43 8.63
N PRO A 28 8.99 -6.27 9.62
CA PRO A 28 8.60 -5.98 11.00
C PRO A 28 8.03 -4.58 11.16
N LEU A 29 6.78 -4.50 11.63
CA LEU A 29 6.13 -3.22 11.83
C LEU A 29 5.54 -3.11 13.24
N SER A 30 6.25 -3.70 14.20
CA SER A 30 5.79 -3.67 15.59
C SER A 30 4.27 -3.73 15.68
N ARG A 31 3.67 -4.52 14.79
CA ARG A 31 2.21 -4.65 14.75
C ARG A 31 1.81 -6.05 14.30
N PRO A 32 0.76 -6.60 14.93
CA PRO A 32 0.25 -7.94 14.60
C PRO A 32 -0.41 -7.99 13.23
N LYS A 33 -0.97 -9.14 12.89
CA LYS A 33 -1.65 -9.32 11.61
C LYS A 33 -3.11 -8.87 11.70
N ARG A 34 -3.91 -9.65 12.41
CA ARG A 34 -5.33 -9.33 12.57
C ARG A 34 -5.55 -7.83 12.61
N ASN A 35 -6.71 -7.39 12.13
CA ASN A 35 -7.04 -5.97 12.10
C ASN A 35 -6.18 -5.23 11.09
N LEU A 36 -6.20 -5.69 9.85
CA LEU A 36 -5.42 -5.08 8.79
C LEU A 36 -6.22 -3.97 8.11
N SER A 37 -7.52 -4.19 7.95
CA SER A 37 -8.40 -3.21 7.30
C SER A 37 -8.10 -1.80 7.82
N ARG A 38 -8.31 -1.59 9.11
CA ARG A 38 -8.08 -0.30 9.72
C ARG A 38 -6.60 0.04 9.73
N ASP A 39 -5.79 -0.85 10.31
CA ASP A 39 -4.35 -0.66 10.37
C ASP A 39 -3.83 0.00 9.10
N PHE A 40 -4.15 -0.60 7.96
CA PHE A 40 -3.72 -0.08 6.67
C PHE A 40 -4.57 1.12 6.25
N SER A 41 -5.87 1.02 6.50
CA SER A 41 -6.80 2.09 6.13
C SER A 41 -6.14 3.46 6.33
N ASP A 42 -5.25 3.55 7.30
CA ASP A 42 -4.54 4.80 7.59
C ASP A 42 -3.22 4.86 6.84
N GLY A 43 -3.21 5.57 5.71
CA GLY A 43 -2.00 5.69 4.92
C GLY A 43 -0.75 5.74 5.78
N VAL A 44 -0.86 6.38 6.95
CA VAL A 44 0.26 6.50 7.86
C VAL A 44 1.10 5.22 7.87
N LEU A 45 0.46 4.10 8.18
CA LEU A 45 1.14 2.81 8.23
C LEU A 45 1.78 2.49 6.88
N VAL A 46 1.03 2.68 5.81
CA VAL A 46 1.53 2.41 4.46
C VAL A 46 2.91 3.00 4.26
N ALA A 47 3.02 4.31 4.49
CA ALA A 47 4.29 5.01 4.34
C ALA A 47 5.43 4.24 5.01
N GLU A 48 5.18 3.78 6.23
CA GLU A 48 6.18 3.02 6.97
C GLU A 48 6.81 1.95 6.10
N VAL A 49 5.97 1.12 5.49
CA VAL A 49 6.45 0.04 4.63
C VAL A 49 7.53 0.54 3.68
N ILE A 50 7.20 1.54 2.88
CA ILE A 50 8.14 2.11 1.93
C ILE A 50 9.52 2.29 2.56
N LYS A 51 9.53 2.78 3.79
CA LYS A 51 10.78 3.00 4.52
C LYS A 51 11.75 1.83 4.31
N PHE A 52 11.34 0.64 4.73
CA PHE A 52 12.16 -0.55 4.59
C PHE A 52 12.97 -0.50 3.30
N TYR A 53 12.33 -0.06 2.22
CA TYR A 53 12.99 0.03 0.93
C TYR A 53 13.79 1.32 0.82
N PHE A 54 13.12 2.46 1.00
CA PHE A 54 13.76 3.75 0.93
C PHE A 54 13.34 4.64 2.09
N PRO A 55 14.31 4.97 2.97
CA PRO A 55 14.07 5.82 4.14
C PRO A 55 13.78 7.27 3.76
N LYS A 56 14.38 7.72 2.67
CA LYS A 56 14.20 9.08 2.20
C LYS A 56 12.78 9.27 1.64
N MET A 57 12.47 8.53 0.59
CA MET A 57 11.15 8.61 -0.03
C MET A 57 10.07 8.85 1.01
N VAL A 58 10.20 8.19 2.15
CA VAL A 58 9.23 8.32 3.24
C VAL A 58 9.30 9.71 3.85
N GLU A 59 8.17 10.44 3.77
CA GLU A 59 8.10 11.79 4.33
C GLU A 59 7.07 11.85 5.45
N MET A 60 7.07 10.84 6.31
CA MET A 60 6.14 10.79 7.43
C MET A 60 6.25 12.04 8.29
N HIS A 61 7.48 12.52 8.49
CA HIS A 61 7.72 13.71 9.29
C HIS A 61 6.60 14.74 9.09
N ASN A 62 6.07 14.80 7.87
CA ASN A 62 4.99 15.73 7.55
C ASN A 62 3.63 15.12 7.86
N TYR A 63 3.39 13.92 7.32
CA TYR A 63 2.12 13.23 7.54
C TYR A 63 1.85 13.04 9.03
N VAL A 64 0.59 12.79 9.36
CA VAL A 64 0.20 12.59 10.75
C VAL A 64 -1.04 11.69 10.85
N PRO A 65 -1.03 10.77 11.82
CA PRO A 65 -2.14 9.84 12.04
C PRO A 65 -3.38 10.55 12.58
N ALA A 66 -4.36 10.76 11.71
CA ALA A 66 -5.60 11.42 12.09
C ALA A 66 -6.68 10.40 12.45
N ASN A 67 -7.78 10.88 13.03
CA ASN A 67 -8.88 10.01 13.41
C ASN A 67 -10.11 10.26 12.55
N SER A 68 -10.34 11.53 12.21
CA SER A 68 -11.48 11.92 11.39
C SER A 68 -11.28 11.46 9.94
N LEU A 69 -12.11 10.50 9.51
CA LEU A 69 -12.03 9.98 8.15
C LEU A 69 -11.71 11.08 7.16
N GLN A 70 -12.29 12.26 7.39
CA GLN A 70 -12.07 13.40 6.51
C GLN A 70 -10.59 13.67 6.34
N GLN A 71 -9.89 13.89 7.45
CA GLN A 71 -8.46 14.17 7.41
C GLN A 71 -7.71 13.05 6.70
N LYS A 72 -8.01 11.80 7.07
CA LYS A 72 -7.36 10.65 6.46
C LYS A 72 -7.09 10.89 4.98
N LEU A 73 -8.16 11.12 4.22
CA LEU A 73 -8.04 11.37 2.79
C LEU A 73 -6.98 12.43 2.50
N SER A 74 -7.08 13.56 3.20
CA SER A 74 -6.12 14.65 3.02
C SER A 74 -4.70 14.11 2.89
N ASN A 75 -4.34 13.19 3.78
CA ASN A 75 -3.01 12.59 3.76
C ASN A 75 -2.77 11.83 2.47
N TRP A 76 -3.60 10.83 2.22
CA TRP A 76 -3.49 10.02 1.00
C TRP A 76 -3.23 10.89 -0.22
N GLY A 77 -4.15 11.82 -0.48
CA GLY A 77 -4.01 12.71 -1.61
C GLY A 77 -2.58 13.16 -1.83
N HIS A 78 -1.99 13.77 -0.81
CA HIS A 78 -0.61 14.25 -0.88
C HIS A 78 0.33 13.13 -1.32
N LEU A 79 0.13 11.95 -0.73
CA LEU A 79 0.96 10.79 -1.05
C LEU A 79 0.98 10.54 -2.55
N ASN A 80 -0.08 10.97 -3.24
CA ASN A 80 -0.17 10.79 -4.69
C ASN A 80 0.86 11.64 -5.42
N ARG A 81 1.11 12.84 -4.90
CA ARG A 81 2.08 13.74 -5.50
C ARG A 81 3.30 13.89 -4.62
N LYS A 82 3.31 13.19 -3.49
CA LYS A 82 4.43 13.23 -2.55
C LYS A 82 5.28 11.98 -2.65
N VAL A 83 4.66 10.87 -3.06
CA VAL A 83 5.37 9.61 -3.20
C VAL A 83 5.11 8.99 -4.57
N LEU A 84 3.88 8.53 -4.79
CA LEU A 84 3.50 7.91 -6.04
C LEU A 84 4.21 8.60 -7.22
N LYS A 85 4.04 9.92 -7.32
CA LYS A 85 4.66 10.69 -8.39
C LYS A 85 6.08 10.20 -8.66
N ARG A 86 6.86 10.07 -7.59
CA ARG A 86 8.24 9.62 -7.72
C ARG A 86 8.31 8.26 -8.41
N LEU A 87 7.37 7.38 -8.08
CA LEU A 87 7.33 6.06 -8.67
C LEU A 87 6.42 6.03 -9.90
N ASN A 88 6.38 7.15 -10.61
CA ASN A 88 5.56 7.27 -11.82
C ASN A 88 4.23 6.53 -11.63
N PHE A 89 3.69 6.58 -10.42
CA PHE A 89 2.43 5.92 -10.11
C PHE A 89 1.30 6.94 -10.00
N SER A 90 0.17 6.62 -10.62
CA SER A 90 -0.99 7.51 -10.59
C SER A 90 -2.22 6.78 -10.03
N VAL A 91 -3.08 7.53 -9.34
CA VAL A 91 -4.28 6.96 -8.76
C VAL A 91 -5.40 8.00 -8.70
N PRO A 92 -6.56 7.65 -9.28
CA PRO A 92 -7.73 8.54 -9.30
C PRO A 92 -8.36 8.71 -7.93
N ASP A 93 -8.69 9.95 -7.57
CA ASP A 93 -9.30 10.24 -6.28
C ASP A 93 -10.36 9.19 -5.93
N ASP A 94 -11.09 8.75 -6.95
CA ASP A 94 -12.15 7.75 -6.75
C ASP A 94 -11.61 6.55 -5.99
N VAL A 95 -10.54 5.95 -6.50
CA VAL A 95 -9.93 4.78 -5.87
C VAL A 95 -9.52 5.09 -4.43
N MET A 96 -9.02 6.31 -4.21
CA MET A 96 -8.60 6.73 -2.89
C MET A 96 -9.77 6.73 -1.91
N ARG A 97 -10.88 7.34 -2.33
CA ARG A 97 -12.07 7.42 -1.50
C ARG A 97 -12.36 6.07 -0.85
N LYS A 98 -12.37 5.02 -1.66
CA LYS A 98 -12.65 3.67 -1.16
C LYS A 98 -11.60 3.25 -0.13
N ILE A 99 -10.34 3.20 -0.56
CA ILE A 99 -9.26 2.81 0.32
C ILE A 99 -9.45 3.39 1.72
N ALA A 100 -9.36 4.71 1.83
CA ALA A 100 -9.52 5.39 3.11
C ALA A 100 -10.80 4.93 3.81
N GLN A 101 -11.81 4.59 3.02
CA GLN A 101 -13.08 4.14 3.57
C GLN A 101 -13.06 2.64 3.82
N CYS A 102 -11.89 2.12 4.19
CA CYS A 102 -11.74 0.70 4.46
C CYS A 102 -12.63 -0.14 3.53
N ALA A 103 -12.73 0.29 2.28
CA ALA A 103 -13.54 -0.41 1.30
C ALA A 103 -13.12 -1.88 1.19
N PRO A 104 -14.01 -2.70 0.60
CA PRO A 104 -13.75 -4.13 0.43
C PRO A 104 -12.66 -4.40 -0.61
N GLY A 105 -11.54 -4.96 -0.15
CA GLY A 105 -10.45 -5.27 -1.05
C GLY A 105 -10.29 -4.23 -2.14
N VAL A 106 -9.64 -3.12 -1.80
CA VAL A 106 -9.41 -2.04 -2.76
C VAL A 106 -7.98 -1.54 -2.71
N VAL A 107 -7.53 -1.16 -1.51
CA VAL A 107 -6.18 -0.66 -1.31
C VAL A 107 -5.15 -1.69 -1.76
N GLU A 108 -5.52 -2.96 -1.68
CA GLU A 108 -4.62 -4.04 -2.07
C GLU A 108 -4.25 -3.93 -3.55
N LEU A 109 -5.26 -3.68 -4.38
CA LEU A 109 -5.04 -3.55 -5.82
C LEU A 109 -3.87 -2.62 -6.11
N VAL A 110 -3.55 -1.76 -5.16
CA VAL A 110 -2.44 -0.82 -5.32
C VAL A 110 -1.20 -1.30 -4.59
N LEU A 111 -1.41 -2.09 -3.54
CA LEU A 111 -0.30 -2.63 -2.75
C LEU A 111 0.45 -3.71 -3.53
N ILE A 112 -0.30 -4.58 -4.20
CA ILE A 112 0.30 -5.65 -4.99
C ILE A 112 1.36 -5.11 -5.94
N PRO A 113 0.94 -4.18 -6.81
CA PRO A 113 1.84 -3.56 -7.79
C PRO A 113 2.86 -2.64 -7.14
N LEU A 114 2.55 -2.17 -5.92
CA LEU A 114 3.45 -1.28 -5.19
C LEU A 114 4.85 -1.88 -5.11
N ARG A 115 4.94 -3.11 -4.60
CA ARG A 115 6.22 -3.79 -4.46
C ARG A 115 6.93 -3.90 -5.81
N GLN A 116 6.17 -4.30 -6.83
CA GLN A 116 6.72 -4.45 -8.17
C GLN A 116 7.51 -3.21 -8.58
N ARG A 117 6.85 -2.05 -8.52
CA ARG A 117 7.49 -0.79 -8.88
C ARG A 117 8.72 -0.54 -8.03
N LEU A 118 8.56 -0.65 -6.72
CA LEU A 118 9.67 -0.43 -5.80
C LEU A 118 10.89 -1.25 -6.20
N GLU A 119 10.66 -2.53 -6.51
CA GLU A 119 11.74 -3.43 -6.92
C GLU A 119 12.63 -2.77 -7.98
N GLU A 120 11.99 -2.23 -9.02
CA GLU A 120 12.72 -1.57 -10.09
C GLU A 120 13.60 -0.45 -9.55
N ARG A 121 13.23 0.09 -8.40
CA ARG A 121 13.98 1.16 -7.77
C ARG A 121 15.07 0.61 -6.86
N GLN A 122 14.75 -0.48 -6.16
CA GLN A 122 15.71 -1.10 -5.25
C GLN A 122 17.09 -1.16 -5.88
N ARG A 123 17.22 -1.95 -6.94
CA ARG A 123 18.50 -2.10 -7.64
C ARG A 123 19.15 -0.74 -7.88
N ARG A 124 18.33 0.25 -8.22
CA ARG A 124 18.83 1.59 -8.48
C ARG A 124 18.77 2.45 -7.21
N ARG A 125 19.88 2.51 -6.50
CA ARG A 125 19.95 3.29 -5.26
C ARG A 125 21.27 4.07 -5.19
N LYS A 126 21.37 4.96 -4.19
CA LYS A 126 22.57 5.76 -4.00
C LYS A 126 23.25 5.42 -2.69
N GLN A 127 24.55 5.11 -2.76
CA GLN A 127 25.31 4.77 -1.56
C GLN A 127 25.79 6.02 -0.84
N GLY A 1 -20.76 -10.37 -9.85
CA GLY A 1 -21.26 -11.61 -9.27
C GLY A 1 -20.57 -12.83 -9.86
N SER A 2 -21.33 -13.91 -10.01
CA SER A 2 -20.80 -15.16 -10.56
C SER A 2 -20.30 -14.94 -11.99
N SER A 3 -19.32 -15.75 -12.38
CA SER A 3 -18.73 -15.65 -13.72
C SER A 3 -17.88 -16.87 -14.03
N GLY A 4 -18.12 -17.47 -15.20
CA GLY A 4 -17.37 -18.64 -15.59
C GLY A 4 -15.87 -18.45 -15.46
N SER A 5 -15.15 -19.54 -15.25
CA SER A 5 -13.70 -19.48 -15.09
C SER A 5 -13.01 -20.48 -16.02
N SER A 6 -13.40 -20.46 -17.29
CA SER A 6 -12.82 -21.37 -18.28
C SER A 6 -11.52 -20.81 -18.84
N GLY A 7 -10.88 -19.94 -18.07
CA GLY A 7 -9.64 -19.33 -18.51
C GLY A 7 -9.21 -18.18 -17.63
N MET A 8 -8.60 -17.16 -18.23
CA MET A 8 -8.14 -15.99 -17.50
C MET A 8 -9.16 -14.86 -17.59
N ALA A 9 -10.34 -15.09 -17.03
CA ALA A 9 -11.40 -14.09 -17.05
C ALA A 9 -11.91 -13.82 -15.63
N SER A 10 -11.01 -13.83 -14.66
CA SER A 10 -11.38 -13.60 -13.26
C SER A 10 -10.36 -12.70 -12.58
N SER A 11 -10.80 -11.98 -11.56
CA SER A 11 -9.93 -11.08 -10.81
C SER A 11 -9.14 -11.83 -9.75
N VAL A 12 -8.04 -11.23 -9.30
CA VAL A 12 -7.20 -11.86 -8.29
C VAL A 12 -8.04 -12.51 -7.20
N ASP A 13 -7.72 -13.77 -6.89
CA ASP A 13 -8.45 -14.51 -5.87
C ASP A 13 -7.76 -14.38 -4.51
N GLU A 14 -8.42 -14.91 -3.48
CA GLU A 14 -7.86 -14.86 -2.13
C GLU A 14 -6.47 -15.47 -2.08
N GLU A 15 -6.33 -16.66 -2.67
CA GLU A 15 -5.05 -17.36 -2.69
C GLU A 15 -3.93 -16.42 -3.15
N ALA A 16 -4.18 -15.69 -4.22
CA ALA A 16 -3.19 -14.75 -4.75
C ALA A 16 -3.01 -13.55 -3.83
N LEU A 17 -4.11 -13.08 -3.26
CA LEU A 17 -4.08 -11.93 -2.36
C LEU A 17 -3.20 -12.22 -1.15
N HIS A 18 -3.44 -13.37 -0.52
CA HIS A 18 -2.65 -13.77 0.65
C HIS A 18 -1.19 -13.40 0.48
N GLN A 19 -0.60 -13.83 -0.63
CA GLN A 19 0.80 -13.55 -0.91
C GLN A 19 1.14 -12.10 -0.57
N LEU A 20 0.24 -11.18 -0.93
CA LEU A 20 0.44 -9.76 -0.67
C LEU A 20 0.36 -9.47 0.83
N TYR A 21 -0.53 -10.17 1.52
CA TYR A 21 -0.70 -9.98 2.96
C TYR A 21 0.57 -10.36 3.71
N LEU A 22 1.19 -11.46 3.29
CA LEU A 22 2.42 -11.93 3.92
C LEU A 22 3.52 -10.88 3.82
N TRP A 23 3.78 -10.41 2.61
CA TRP A 23 4.81 -9.40 2.38
C TRP A 23 4.81 -8.36 3.50
N VAL A 24 3.61 -7.96 3.92
CA VAL A 24 3.48 -6.97 4.99
C VAL A 24 3.92 -7.54 6.33
N ASP A 25 3.61 -8.80 6.56
CA ASP A 25 3.97 -9.47 7.81
C ASP A 25 5.49 -9.56 7.94
N ASN A 26 6.16 -9.93 6.86
CA ASN A 26 7.61 -10.06 6.86
C ASN A 26 8.27 -8.78 7.37
N ILE A 27 7.87 -7.64 6.78
CA ILE A 27 8.42 -6.35 7.18
C ILE A 27 8.34 -6.16 8.69
N PRO A 28 9.44 -5.70 9.29
CA PRO A 28 9.53 -5.46 10.74
C PRO A 28 8.67 -4.27 11.17
N LEU A 29 7.40 -4.52 11.43
CA LEU A 29 6.48 -3.47 11.86
C LEU A 29 5.81 -3.84 13.18
N SER A 30 5.91 -2.94 14.15
CA SER A 30 5.31 -3.16 15.46
C SER A 30 3.79 -2.96 15.41
N ARG A 31 3.14 -3.59 14.44
CA ARG A 31 1.70 -3.46 14.29
C ARG A 31 1.04 -4.83 14.30
N PRO A 32 -0.23 -4.87 14.74
CA PRO A 32 -1.01 -6.11 14.80
C PRO A 32 -1.36 -6.67 13.42
N LYS A 33 -0.56 -7.62 12.96
CA LYS A 33 -0.79 -8.23 11.65
C LYS A 33 -2.28 -8.39 11.38
N ARG A 34 -3.07 -8.55 12.43
CA ARG A 34 -4.51 -8.72 12.31
C ARG A 34 -5.20 -7.36 12.24
N ASN A 35 -6.24 -7.27 11.42
CA ASN A 35 -6.98 -6.03 11.25
C ASN A 35 -6.07 -4.90 10.79
N LEU A 36 -5.07 -5.25 9.98
CA LEU A 36 -4.13 -4.26 9.46
C LEU A 36 -4.84 -3.25 8.56
N SER A 37 -5.78 -3.75 7.75
CA SER A 37 -6.53 -2.89 6.84
C SER A 37 -7.11 -1.69 7.57
N ARG A 38 -7.63 -1.93 8.77
CA ARG A 38 -8.22 -0.87 9.57
C ARG A 38 -7.26 0.31 9.72
N ASP A 39 -6.03 -0.01 10.10
CA ASP A 39 -5.00 1.02 10.27
C ASP A 39 -4.52 1.55 8.93
N PHE A 40 -4.14 0.63 8.05
CA PHE A 40 -3.66 1.00 6.72
C PHE A 40 -4.53 2.10 6.11
N SER A 41 -5.83 2.04 6.38
CA SER A 41 -6.76 3.01 5.85
C SER A 41 -6.25 4.44 6.07
N ASP A 42 -5.66 4.66 7.25
CA ASP A 42 -5.12 5.98 7.58
C ASP A 42 -4.09 6.42 6.56
N GLY A 43 -3.21 5.50 6.17
CA GLY A 43 -2.19 5.82 5.20
C GLY A 43 -0.80 5.78 5.80
N VAL A 44 -0.67 6.26 7.04
CA VAL A 44 0.61 6.29 7.72
C VAL A 44 1.34 4.97 7.56
N LEU A 45 0.66 3.87 7.88
CA LEU A 45 1.25 2.54 7.77
C LEU A 45 1.88 2.34 6.40
N VAL A 46 1.08 2.50 5.35
CA VAL A 46 1.57 2.34 3.99
C VAL A 46 2.93 3.00 3.80
N ALA A 47 3.12 4.15 4.45
CA ALA A 47 4.38 4.88 4.37
C ALA A 47 5.51 4.10 5.02
N GLU A 48 5.31 3.70 6.28
CA GLU A 48 6.31 2.96 7.02
C GLU A 48 6.83 1.78 6.20
N VAL A 49 5.90 1.05 5.57
CA VAL A 49 6.26 -0.10 4.76
C VAL A 49 7.37 0.24 3.78
N ILE A 50 7.18 1.33 3.03
CA ILE A 50 8.16 1.77 2.05
C ILE A 50 9.54 1.93 2.69
N LYS A 51 9.55 2.51 3.90
CA LYS A 51 10.79 2.72 4.62
C LYS A 51 11.77 1.56 4.40
N PHE A 52 11.32 0.35 4.72
CA PHE A 52 12.14 -0.83 4.55
C PHE A 52 12.89 -0.79 3.22
N TYR A 53 12.18 -0.43 2.16
CA TYR A 53 12.79 -0.35 0.83
C TYR A 53 13.66 0.89 0.69
N PHE A 54 13.12 2.03 1.14
CA PHE A 54 13.85 3.29 1.06
C PHE A 54 13.47 4.20 2.23
N PRO A 55 14.48 4.56 3.03
CA PRO A 55 14.30 5.43 4.20
C PRO A 55 13.95 6.87 3.80
N LYS A 56 14.59 7.35 2.74
CA LYS A 56 14.36 8.71 2.26
C LYS A 56 12.94 8.87 1.75
N MET A 57 12.55 8.00 0.81
CA MET A 57 11.21 8.05 0.23
C MET A 57 10.17 8.40 1.29
N VAL A 58 10.15 7.63 2.37
CA VAL A 58 9.21 7.86 3.46
C VAL A 58 9.49 9.19 4.15
N GLU A 59 8.54 10.11 4.03
CA GLU A 59 8.68 11.43 4.65
C GLU A 59 7.58 11.67 5.68
N MET A 60 7.91 11.49 6.95
CA MET A 60 6.96 11.67 8.03
C MET A 60 6.99 13.11 8.53
N HIS A 61 6.83 14.06 7.61
CA HIS A 61 6.85 15.47 7.96
C HIS A 61 5.47 16.10 7.75
N ASN A 62 4.80 15.70 6.67
CA ASN A 62 3.48 16.21 6.36
C ASN A 62 2.39 15.23 6.79
N TYR A 63 2.74 13.95 6.83
CA TYR A 63 1.80 12.91 7.22
C TYR A 63 1.64 12.86 8.74
N VAL A 64 0.44 12.52 9.20
CA VAL A 64 0.16 12.43 10.62
C VAL A 64 -1.03 11.51 10.89
N PRO A 65 -0.91 10.69 11.94
CA PRO A 65 -1.96 9.75 12.34
C PRO A 65 -3.19 10.46 12.90
N ALA A 66 -4.32 10.30 12.23
CA ALA A 66 -5.56 10.93 12.67
C ALA A 66 -6.70 9.90 12.73
N ASN A 67 -7.89 10.37 13.11
CA ASN A 67 -9.05 9.50 13.22
C ASN A 67 -10.16 9.96 12.26
N SER A 68 -10.39 11.26 12.23
CA SER A 68 -11.42 11.83 11.36
C SER A 68 -11.19 11.44 9.90
N LEU A 69 -12.21 10.91 9.26
CA LEU A 69 -12.11 10.50 7.87
C LEU A 69 -11.58 11.63 7.00
N GLN A 70 -12.11 12.83 7.21
CA GLN A 70 -11.69 14.00 6.45
C GLN A 70 -10.18 14.00 6.23
N GLN A 71 -9.44 13.80 7.32
CA GLN A 71 -7.97 13.77 7.24
C GLN A 71 -7.51 12.62 6.37
N LYS A 72 -8.06 11.43 6.60
CA LYS A 72 -7.69 10.25 5.84
C LYS A 72 -7.43 10.61 4.38
N LEU A 73 -8.47 11.09 3.69
CA LEU A 73 -8.35 11.47 2.30
C LEU A 73 -7.21 12.48 2.09
N SER A 74 -7.17 13.49 2.94
CA SER A 74 -6.14 14.51 2.87
C SER A 74 -4.75 13.89 2.77
N ASN A 75 -4.39 13.11 3.79
CA ASN A 75 -3.09 12.46 3.83
C ASN A 75 -2.81 11.74 2.50
N TRP A 76 -3.60 10.71 2.22
CA TRP A 76 -3.44 9.94 0.99
C TRP A 76 -3.12 10.86 -0.18
N GLY A 77 -3.98 11.84 -0.41
CA GLY A 77 -3.77 12.77 -1.50
C GLY A 77 -2.31 13.14 -1.68
N HIS A 78 -1.72 13.73 -0.65
CA HIS A 78 -0.32 14.13 -0.70
C HIS A 78 0.58 12.95 -1.09
N LEU A 79 0.22 11.77 -0.60
CA LEU A 79 0.98 10.56 -0.89
C LEU A 79 0.99 10.27 -2.39
N ASN A 80 0.02 10.83 -3.09
CA ASN A 80 -0.09 10.62 -4.53
C ASN A 80 0.89 11.53 -5.28
N ARG A 81 1.19 12.67 -4.69
CA ARG A 81 2.11 13.63 -5.31
C ARG A 81 3.42 13.70 -4.54
N LYS A 82 3.53 12.87 -3.49
CA LYS A 82 4.73 12.83 -2.68
C LYS A 82 5.48 11.52 -2.86
N VAL A 83 4.72 10.43 -3.03
CA VAL A 83 5.31 9.11 -3.22
C VAL A 83 5.05 8.60 -4.63
N LEU A 84 3.80 8.23 -4.91
CA LEU A 84 3.43 7.73 -6.22
C LEU A 84 4.22 8.42 -7.32
N LYS A 85 4.10 9.74 -7.38
CA LYS A 85 4.81 10.53 -8.38
C LYS A 85 6.19 9.93 -8.67
N ARG A 86 7.00 9.81 -7.63
CA ARG A 86 8.34 9.26 -7.77
C ARG A 86 8.30 7.90 -8.48
N LEU A 87 7.36 7.05 -8.07
CA LEU A 87 7.22 5.74 -8.67
C LEU A 87 6.33 5.79 -9.91
N ASN A 88 6.38 6.92 -10.62
CA ASN A 88 5.59 7.09 -11.82
C ASN A 88 4.22 6.42 -11.69
N PHE A 89 3.64 6.52 -10.49
CA PHE A 89 2.34 5.92 -10.22
C PHE A 89 1.27 6.99 -10.07
N SER A 90 0.05 6.67 -10.49
CA SER A 90 -1.07 7.61 -10.40
C SER A 90 -2.33 6.90 -9.92
N VAL A 91 -3.16 7.63 -9.18
CA VAL A 91 -4.40 7.08 -8.66
C VAL A 91 -5.47 8.16 -8.54
N PRO A 92 -6.67 7.87 -9.06
CA PRO A 92 -7.80 8.80 -9.02
C PRO A 92 -8.35 8.99 -7.61
N ASP A 93 -9.33 9.88 -7.47
CA ASP A 93 -9.94 10.15 -6.18
C ASP A 93 -10.89 9.02 -5.78
N ASP A 94 -11.73 8.61 -6.72
CA ASP A 94 -12.69 7.53 -6.47
C ASP A 94 -12.02 6.37 -5.74
N VAL A 95 -10.89 5.91 -6.27
CA VAL A 95 -10.16 4.80 -5.67
C VAL A 95 -9.72 5.14 -4.25
N MET A 96 -9.24 6.35 -4.05
CA MET A 96 -8.78 6.80 -2.74
C MET A 96 -9.94 6.79 -1.75
N ARG A 97 -11.09 7.31 -2.16
CA ARG A 97 -12.26 7.37 -1.30
C ARG A 97 -12.52 6.00 -0.66
N LYS A 98 -12.51 4.95 -1.48
CA LYS A 98 -12.74 3.60 -1.00
C LYS A 98 -11.75 3.22 0.09
N ILE A 99 -10.46 3.33 -0.23
CA ILE A 99 -9.41 3.01 0.72
C ILE A 99 -9.67 3.67 2.08
N ALA A 100 -9.83 4.98 2.07
CA ALA A 100 -10.09 5.73 3.29
C ALA A 100 -11.37 5.24 3.97
N GLN A 101 -12.24 4.62 3.19
CA GLN A 101 -13.50 4.11 3.72
C GLN A 101 -13.32 2.71 4.31
N CYS A 102 -12.06 2.33 4.52
CA CYS A 102 -11.74 1.02 5.08
C CYS A 102 -12.31 -0.10 4.20
N ALA A 103 -12.20 0.08 2.89
CA ALA A 103 -12.70 -0.91 1.95
C ALA A 103 -11.73 -2.09 1.83
N PRO A 104 -12.22 -3.29 2.19
CA PRO A 104 -11.41 -4.51 2.14
C PRO A 104 -11.12 -4.95 0.71
N GLY A 105 -9.84 -5.01 0.36
CA GLY A 105 -9.44 -5.42 -0.98
C GLY A 105 -8.97 -4.25 -1.82
N VAL A 106 -9.79 -3.20 -1.90
CA VAL A 106 -9.45 -2.02 -2.67
C VAL A 106 -8.00 -1.62 -2.46
N VAL A 107 -7.68 -1.26 -1.21
CA VAL A 107 -6.33 -0.85 -0.86
C VAL A 107 -5.30 -1.80 -1.45
N GLU A 108 -5.61 -3.09 -1.45
CA GLU A 108 -4.71 -4.10 -2.00
C GLU A 108 -4.51 -3.90 -3.49
N LEU A 109 -5.56 -3.48 -4.18
CA LEU A 109 -5.51 -3.26 -5.61
C LEU A 109 -4.36 -2.31 -5.98
N VAL A 110 -3.90 -1.56 -4.99
CA VAL A 110 -2.80 -0.62 -5.20
C VAL A 110 -1.50 -1.13 -4.57
N LEU A 111 -1.65 -1.99 -3.56
CA LEU A 111 -0.48 -2.55 -2.89
C LEU A 111 0.21 -3.59 -3.77
N ILE A 112 -0.57 -4.38 -4.49
CA ILE A 112 -0.03 -5.40 -5.37
C ILE A 112 0.95 -4.80 -6.38
N PRO A 113 0.46 -3.83 -7.16
CA PRO A 113 1.27 -3.15 -8.17
C PRO A 113 2.33 -2.24 -7.56
N LEU A 114 1.99 -1.61 -6.44
CA LEU A 114 2.91 -0.72 -5.74
C LEU A 114 4.19 -1.45 -5.35
N ARG A 115 4.04 -2.54 -4.60
CA ARG A 115 5.18 -3.35 -4.18
C ARG A 115 6.04 -3.75 -5.36
N GLN A 116 5.40 -4.11 -6.46
CA GLN A 116 6.11 -4.52 -7.67
C GLN A 116 7.14 -3.47 -8.07
N ARG A 117 6.67 -2.24 -8.27
CA ARG A 117 7.54 -1.14 -8.67
C ARG A 117 8.73 -1.03 -7.73
N LEU A 118 8.45 -0.94 -6.44
CA LEU A 118 9.51 -0.83 -5.43
C LEU A 118 10.72 -1.68 -5.80
N GLU A 119 10.49 -2.97 -6.00
CA GLU A 119 11.56 -3.88 -6.37
C GLU A 119 12.44 -3.28 -7.47
N GLU A 120 11.79 -2.64 -8.44
CA GLU A 120 12.50 -2.02 -9.56
C GLU A 120 13.56 -1.04 -9.05
N ARG A 121 13.14 -0.15 -8.15
CA ARG A 121 14.05 0.84 -7.59
C ARG A 121 15.09 0.19 -6.69
N GLN A 122 14.68 -0.84 -5.96
CA GLN A 122 15.58 -1.56 -5.07
C GLN A 122 16.77 -2.14 -5.84
N ARG A 123 16.48 -3.11 -6.70
CA ARG A 123 17.52 -3.75 -7.50
C ARG A 123 18.12 -2.77 -8.50
N ARG A 124 19.16 -3.21 -9.19
CA ARG A 124 19.84 -2.37 -10.18
C ARG A 124 20.76 -3.20 -11.06
N ARG A 125 20.60 -3.06 -12.37
CA ARG A 125 21.41 -3.80 -13.33
C ARG A 125 22.76 -3.12 -13.52
N LYS A 126 23.79 -3.92 -13.80
CA LYS A 126 25.14 -3.40 -14.02
C LYS A 126 25.60 -3.69 -15.44
N GLN A 127 24.70 -3.54 -16.40
CA GLN A 127 25.03 -3.77 -17.80
C GLN A 127 24.92 -2.49 -18.60
N GLY A 1 -6.30 -41.64 -13.62
CA GLY A 1 -5.88 -40.30 -13.27
C GLY A 1 -6.92 -39.25 -13.65
N SER A 2 -7.00 -38.19 -12.86
CA SER A 2 -7.95 -37.12 -13.11
C SER A 2 -7.33 -35.75 -12.85
N SER A 3 -7.20 -34.95 -13.90
CA SER A 3 -6.61 -33.62 -13.78
C SER A 3 -7.69 -32.57 -13.55
N GLY A 4 -7.31 -31.49 -12.87
CA GLY A 4 -8.25 -30.43 -12.59
C GLY A 4 -8.74 -29.73 -13.85
N SER A 5 -9.96 -29.23 -13.82
CA SER A 5 -10.55 -28.55 -14.97
C SER A 5 -11.60 -27.54 -14.52
N SER A 6 -11.25 -26.26 -14.58
CA SER A 6 -12.16 -25.19 -14.18
C SER A 6 -12.43 -24.25 -15.34
N GLY A 7 -13.58 -23.57 -15.30
CA GLY A 7 -13.93 -22.63 -16.36
C GLY A 7 -13.95 -21.19 -15.88
N MET A 8 -15.14 -20.62 -15.78
CA MET A 8 -15.28 -19.24 -15.34
C MET A 8 -14.64 -19.04 -13.97
N ALA A 9 -13.59 -18.21 -13.94
CA ALA A 9 -12.88 -17.93 -12.69
C ALA A 9 -12.58 -16.44 -12.56
N SER A 10 -12.51 -15.96 -11.32
CA SER A 10 -12.23 -14.56 -11.06
C SER A 10 -10.75 -14.35 -10.78
N SER A 11 -10.37 -13.08 -10.58
CA SER A 11 -8.97 -12.75 -10.32
C SER A 11 -8.80 -12.22 -8.89
N VAL A 12 -7.56 -12.22 -8.42
CA VAL A 12 -7.26 -11.75 -7.07
C VAL A 12 -8.04 -12.53 -6.03
N ASP A 13 -8.23 -13.82 -6.28
CA ASP A 13 -8.96 -14.68 -5.36
C ASP A 13 -8.37 -14.60 -3.95
N GLU A 14 -9.01 -15.29 -3.01
CA GLU A 14 -8.54 -15.29 -1.62
C GLU A 14 -7.03 -15.48 -1.56
N GLU A 15 -6.52 -16.36 -2.40
CA GLU A 15 -5.08 -16.64 -2.44
C GLU A 15 -4.28 -15.35 -2.62
N ALA A 16 -4.64 -14.57 -3.63
CA ALA A 16 -3.96 -13.31 -3.91
C ALA A 16 -3.73 -12.53 -2.62
N LEU A 17 -4.72 -12.52 -1.75
CA LEU A 17 -4.62 -11.81 -0.48
C LEU A 17 -3.59 -12.46 0.43
N HIS A 18 -3.94 -13.64 0.96
CA HIS A 18 -3.04 -14.37 1.85
C HIS A 18 -1.59 -14.19 1.43
N GLN A 19 -1.31 -14.41 0.15
CA GLN A 19 0.04 -14.27 -0.37
C GLN A 19 0.62 -12.89 -0.02
N LEU A 20 -0.18 -11.85 -0.25
CA LEU A 20 0.26 -10.49 0.04
C LEU A 20 0.50 -10.30 1.54
N TYR A 21 -0.33 -10.96 2.35
CA TYR A 21 -0.21 -10.86 3.80
C TYR A 21 1.12 -11.43 4.28
N LEU A 22 1.80 -12.16 3.40
CA LEU A 22 3.09 -12.76 3.73
C LEU A 22 4.23 -11.81 3.37
N TRP A 23 4.19 -11.26 2.16
CA TRP A 23 5.23 -10.34 1.71
C TRP A 23 5.54 -9.30 2.77
N VAL A 24 4.49 -8.70 3.32
CA VAL A 24 4.67 -7.68 4.35
C VAL A 24 5.33 -8.27 5.60
N ASP A 25 4.86 -9.43 6.02
CA ASP A 25 5.42 -10.09 7.20
C ASP A 25 6.92 -9.89 7.27
N ASN A 26 7.62 -10.28 6.20
CA ASN A 26 9.07 -10.15 6.14
C ASN A 26 9.52 -8.82 6.73
N ILE A 27 8.94 -7.73 6.22
CA ILE A 27 9.28 -6.40 6.70
C ILE A 27 8.82 -6.18 8.13
N PRO A 28 9.76 -5.83 9.02
CA PRO A 28 9.47 -5.60 10.43
C PRO A 28 8.65 -4.33 10.66
N LEU A 29 7.35 -4.49 10.83
CA LEU A 29 6.47 -3.34 11.05
C LEU A 29 5.91 -3.35 12.46
N SER A 30 6.50 -2.54 13.33
CA SER A 30 6.07 -2.45 14.73
C SER A 30 4.58 -2.12 14.80
N ARG A 31 3.76 -3.16 15.00
CA ARG A 31 2.32 -2.98 15.11
C ARG A 31 1.70 -4.05 16.00
N PRO A 32 1.03 -3.60 17.07
CA PRO A 32 0.38 -4.50 18.03
C PRO A 32 -0.85 -5.19 17.44
N LYS A 33 -1.66 -5.78 18.31
CA LYS A 33 -2.87 -6.47 17.86
C LYS A 33 -3.95 -5.47 17.44
N ARG A 34 -4.24 -5.45 16.15
CA ARG A 34 -5.25 -4.54 15.61
C ARG A 34 -5.66 -4.95 14.20
N ASN A 35 -6.79 -4.42 13.73
CA ASN A 35 -7.29 -4.74 12.40
C ASN A 35 -6.22 -4.49 11.34
N LEU A 36 -6.23 -5.30 10.30
CA LEU A 36 -5.26 -5.18 9.22
C LEU A 36 -5.76 -4.22 8.14
N SER A 37 -7.01 -4.42 7.72
CA SER A 37 -7.60 -3.57 6.69
C SER A 37 -7.77 -2.14 7.19
N ARG A 38 -7.92 -1.99 8.51
CA ARG A 38 -8.08 -0.67 9.11
C ARG A 38 -6.75 0.07 9.16
N ASP A 39 -5.69 -0.64 9.54
CA ASP A 39 -4.37 -0.04 9.62
C ASP A 39 -3.89 0.42 8.25
N PHE A 40 -4.17 -0.38 7.22
CA PHE A 40 -3.77 -0.06 5.86
C PHE A 40 -4.68 1.00 5.27
N SER A 41 -5.98 0.89 5.54
CA SER A 41 -6.96 1.84 5.03
C SER A 41 -6.45 3.27 5.16
N ASP A 42 -5.63 3.51 6.19
CA ASP A 42 -5.07 4.83 6.43
C ASP A 42 -3.74 5.01 5.72
N GLY A 43 -3.55 6.17 5.10
CA GLY A 43 -2.31 6.43 4.38
C GLY A 43 -1.19 6.85 5.30
N VAL A 44 -1.04 6.14 6.42
CA VAL A 44 0.00 6.44 7.38
C VAL A 44 1.00 5.29 7.49
N LEU A 45 0.48 4.06 7.46
CA LEU A 45 1.33 2.88 7.55
C LEU A 45 2.01 2.60 6.22
N VAL A 46 1.25 2.70 5.14
CA VAL A 46 1.79 2.46 3.80
C VAL A 46 3.18 3.07 3.65
N ALA A 47 3.37 4.23 4.24
CA ALA A 47 4.66 4.91 4.16
C ALA A 47 5.76 4.08 4.82
N GLU A 48 5.45 3.51 5.98
CA GLU A 48 6.40 2.69 6.71
C GLU A 48 7.00 1.62 5.80
N VAL A 49 6.14 0.94 5.05
CA VAL A 49 6.58 -0.11 4.14
C VAL A 49 7.66 0.39 3.20
N ILE A 50 7.61 1.68 2.87
CA ILE A 50 8.58 2.29 1.98
C ILE A 50 9.94 2.44 2.67
N LYS A 51 9.91 2.83 3.94
CA LYS A 51 11.14 3.01 4.71
C LYS A 51 12.12 1.88 4.43
N PHE A 52 11.64 0.64 4.54
CA PHE A 52 12.48 -0.52 4.31
C PHE A 52 13.30 -0.35 3.03
N TYR A 53 12.65 0.15 1.98
CA TYR A 53 13.31 0.36 0.69
C TYR A 53 14.03 1.71 0.67
N PHE A 54 13.25 2.78 0.71
CA PHE A 54 13.80 4.14 0.69
C PHE A 54 13.32 4.94 1.90
N PRO A 55 14.28 5.41 2.71
CA PRO A 55 13.99 6.20 3.90
C PRO A 55 13.45 7.59 3.57
N LYS A 56 14.17 8.29 2.69
CA LYS A 56 13.77 9.63 2.28
C LYS A 56 12.33 9.63 1.76
N MET A 57 12.10 8.85 0.71
CA MET A 57 10.77 8.76 0.11
C MET A 57 9.68 8.86 1.18
N VAL A 58 9.91 8.20 2.31
CA VAL A 58 8.96 8.21 3.41
C VAL A 58 8.60 9.63 3.82
N GLU A 59 9.54 10.32 4.45
CA GLU A 59 9.33 11.69 4.89
C GLU A 59 8.01 11.82 5.66
N MET A 60 7.83 10.94 6.64
CA MET A 60 6.62 10.95 7.46
C MET A 60 6.69 12.05 8.52
N HIS A 61 7.05 13.26 8.09
CA HIS A 61 7.15 14.39 9.00
C HIS A 61 5.98 15.35 8.80
N ASN A 62 5.11 15.03 7.86
CA ASN A 62 3.95 15.86 7.56
C ASN A 62 2.65 15.11 7.85
N TYR A 63 2.70 13.79 7.76
CA TYR A 63 1.54 12.95 7.99
C TYR A 63 1.31 12.74 9.49
N VAL A 64 0.08 12.41 9.86
CA VAL A 64 -0.27 12.18 11.26
C VAL A 64 -1.48 11.26 11.37
N PRO A 65 -1.42 10.32 12.31
CA PRO A 65 -2.50 9.36 12.55
C PRO A 65 -3.73 10.02 13.17
N ALA A 66 -4.69 10.39 12.33
CA ALA A 66 -5.91 11.02 12.79
C ALA A 66 -7.07 10.03 12.84
N ASN A 67 -8.04 10.31 13.70
CA ASN A 67 -9.20 9.44 13.85
C ASN A 67 -10.30 9.81 12.86
N SER A 68 -10.41 11.11 12.60
CA SER A 68 -11.44 11.62 11.67
C SER A 68 -11.21 11.08 10.27
N LEU A 69 -12.06 11.49 9.33
CA LEU A 69 -11.95 11.04 7.94
C LEU A 69 -11.30 12.11 7.07
N GLN A 70 -11.74 13.35 7.26
CA GLN A 70 -11.19 14.47 6.50
C GLN A 70 -9.68 14.38 6.39
N GLN A 71 -9.04 14.04 7.51
CA GLN A 71 -7.59 13.93 7.55
C GLN A 71 -7.12 12.73 6.73
N LYS A 72 -7.80 11.61 6.86
CA LYS A 72 -7.46 10.40 6.13
C LYS A 72 -7.13 10.72 4.67
N LEU A 73 -8.13 11.21 3.94
CA LEU A 73 -7.96 11.57 2.54
C LEU A 73 -6.86 12.63 2.38
N SER A 74 -6.92 13.66 3.22
CA SER A 74 -5.95 14.74 3.17
C SER A 74 -4.53 14.19 2.95
N ASN A 75 -4.16 13.21 3.77
CA ASN A 75 -2.84 12.60 3.68
C ASN A 75 -2.66 11.90 2.34
N TRP A 76 -3.50 10.88 2.09
CA TRP A 76 -3.43 10.13 0.85
C TRP A 76 -3.12 11.04 -0.33
N GLY A 77 -3.91 12.09 -0.49
CA GLY A 77 -3.71 13.02 -1.59
C GLY A 77 -2.26 13.50 -1.67
N HIS A 78 -1.65 13.73 -0.52
CA HIS A 78 -0.26 14.18 -0.47
C HIS A 78 0.69 13.04 -0.82
N LEU A 79 0.32 11.83 -0.44
CA LEU A 79 1.15 10.66 -0.72
C LEU A 79 1.11 10.30 -2.20
N ASN A 80 0.16 10.90 -2.93
CA ASN A 80 0.02 10.64 -4.36
C ASN A 80 1.14 11.31 -5.14
N ARG A 81 1.54 12.50 -4.71
CA ARG A 81 2.60 13.24 -5.38
C ARG A 81 3.91 13.15 -4.59
N LYS A 82 3.88 12.38 -3.51
CA LYS A 82 5.06 12.22 -2.66
C LYS A 82 5.62 10.80 -2.78
N VAL A 83 4.77 9.86 -3.19
CA VAL A 83 5.17 8.47 -3.34
C VAL A 83 4.82 7.95 -4.73
N LEU A 84 3.54 7.72 -4.97
CA LEU A 84 3.06 7.23 -6.26
C LEU A 84 3.79 7.91 -7.40
N LYS A 85 3.57 9.20 -7.55
CA LYS A 85 4.21 9.98 -8.61
C LYS A 85 5.69 9.60 -8.75
N ARG A 86 6.41 9.63 -7.63
CA ARG A 86 7.83 9.29 -7.63
C ARG A 86 8.04 7.87 -8.15
N LEU A 87 7.10 6.99 -7.85
CA LEU A 87 7.18 5.59 -8.28
C LEU A 87 6.47 5.40 -9.61
N ASN A 88 6.41 6.46 -10.40
CA ASN A 88 5.76 6.39 -11.71
C ASN A 88 4.36 5.79 -11.59
N PHE A 89 3.75 5.94 -10.42
CA PHE A 89 2.41 5.41 -10.18
C PHE A 89 1.37 6.53 -10.16
N SER A 90 0.10 6.15 -10.20
CA SER A 90 -0.98 7.12 -10.19
C SER A 90 -2.26 6.50 -9.64
N VAL A 91 -3.09 7.32 -8.99
CA VAL A 91 -4.33 6.85 -8.41
C VAL A 91 -5.42 7.91 -8.53
N PRO A 92 -6.60 7.50 -9.00
CA PRO A 92 -7.75 8.40 -9.18
C PRO A 92 -8.34 8.84 -7.84
N ASP A 93 -9.06 9.96 -7.85
CA ASP A 93 -9.68 10.50 -6.65
C ASP A 93 -10.87 9.65 -6.23
N ASP A 94 -11.31 8.77 -7.13
CA ASP A 94 -12.45 7.90 -6.85
C ASP A 94 -12.01 6.67 -6.07
N VAL A 95 -10.78 6.23 -6.30
CA VAL A 95 -10.24 5.07 -5.61
C VAL A 95 -9.81 5.42 -4.19
N MET A 96 -9.48 6.69 -3.98
CA MET A 96 -9.04 7.15 -2.67
C MET A 96 -10.23 7.29 -1.72
N ARG A 97 -11.28 7.96 -2.17
CA ARG A 97 -12.48 8.15 -1.36
C ARG A 97 -12.98 6.83 -0.81
N LYS A 98 -12.71 5.75 -1.53
CA LYS A 98 -13.12 4.42 -1.11
C LYS A 98 -12.20 3.87 -0.02
N ILE A 99 -10.92 3.79 -0.34
CA ILE A 99 -9.93 3.29 0.61
C ILE A 99 -10.13 3.90 1.99
N ALA A 100 -10.10 5.23 2.05
CA ALA A 100 -10.29 5.94 3.32
C ALA A 100 -11.65 5.63 3.92
N GLN A 101 -12.56 5.12 3.09
CA GLN A 101 -13.90 4.78 3.55
C GLN A 101 -14.02 3.29 3.85
N CYS A 102 -12.95 2.71 4.37
CA CYS A 102 -12.93 1.29 4.71
C CYS A 102 -13.63 0.47 3.62
N ALA A 103 -13.32 0.78 2.36
CA ALA A 103 -13.92 0.08 1.24
C ALA A 103 -13.44 -1.37 1.18
N PRO A 104 -14.27 -2.25 0.61
CA PRO A 104 -13.95 -3.67 0.48
C PRO A 104 -12.84 -3.93 -0.53
N GLY A 105 -11.74 -4.50 -0.05
CA GLY A 105 -10.61 -4.78 -0.92
C GLY A 105 -10.45 -3.75 -2.01
N VAL A 106 -9.82 -2.63 -1.68
CA VAL A 106 -9.60 -1.55 -2.65
C VAL A 106 -8.14 -1.11 -2.65
N VAL A 107 -7.60 -0.87 -1.45
CA VAL A 107 -6.20 -0.44 -1.32
C VAL A 107 -5.24 -1.59 -1.61
N GLU A 108 -5.75 -2.82 -1.49
CA GLU A 108 -4.94 -4.00 -1.74
C GLU A 108 -4.49 -4.05 -3.20
N LEU A 109 -5.41 -3.78 -4.10
CA LEU A 109 -5.11 -3.80 -5.53
C LEU A 109 -3.97 -2.84 -5.86
N VAL A 110 -3.76 -1.87 -4.99
CA VAL A 110 -2.70 -0.88 -5.18
C VAL A 110 -1.40 -1.33 -4.51
N LEU A 111 -1.52 -2.23 -3.55
CA LEU A 111 -0.36 -2.74 -2.82
C LEU A 111 0.43 -3.72 -3.68
N ILE A 112 -0.28 -4.65 -4.31
CA ILE A 112 0.36 -5.65 -5.17
C ILE A 112 1.40 -5.00 -6.07
N PRO A 113 0.95 -4.03 -6.88
CA PRO A 113 1.84 -3.32 -7.82
C PRO A 113 2.83 -2.41 -7.09
N LEU A 114 2.44 -1.94 -5.90
CA LEU A 114 3.29 -1.07 -5.11
C LEU A 114 4.68 -1.67 -4.91
N ARG A 115 4.70 -2.95 -4.52
CA ARG A 115 5.96 -3.64 -4.28
C ARG A 115 6.72 -3.84 -5.60
N GLN A 116 5.99 -4.17 -6.65
CA GLN A 116 6.58 -4.38 -7.97
C GLN A 116 7.47 -3.19 -8.36
N ARG A 117 7.07 -2.00 -7.94
CA ARG A 117 7.81 -0.79 -8.25
C ARG A 117 8.97 -0.60 -7.26
N LEU A 118 8.64 -0.55 -5.98
CA LEU A 118 9.65 -0.37 -4.93
C LEU A 118 10.89 -1.21 -5.23
N GLU A 119 10.67 -2.43 -5.72
CA GLU A 119 11.77 -3.33 -6.04
C GLU A 119 12.42 -2.94 -7.36
N GLU A 120 11.62 -2.41 -8.28
CA GLU A 120 12.12 -2.00 -9.59
C GLU A 120 13.14 -0.87 -9.45
N ARG A 121 13.05 -0.13 -8.34
CA ARG A 121 13.96 0.98 -8.09
C ARG A 121 15.01 0.59 -7.05
N GLN A 122 14.66 -0.35 -6.18
CA GLN A 122 15.56 -0.81 -5.13
C GLN A 122 16.89 -1.28 -5.74
N ARG A 123 16.83 -2.30 -6.58
CA ARG A 123 18.02 -2.84 -7.22
C ARG A 123 18.74 -1.77 -8.03
N ARG A 124 17.97 -0.98 -8.78
CA ARG A 124 18.53 0.08 -9.59
C ARG A 124 19.43 0.99 -8.76
N ARG A 125 20.73 0.96 -9.06
CA ARG A 125 21.69 1.78 -8.34
C ARG A 125 21.97 3.08 -9.08
N LYS A 126 21.25 4.13 -8.71
CA LYS A 126 21.41 5.43 -9.33
C LYS A 126 22.17 6.39 -8.42
N GLN A 127 22.79 7.41 -9.02
CA GLN A 127 23.54 8.39 -8.25
C GLN A 127 22.61 9.27 -7.42
N GLY A 1 -3.42 -26.05 6.44
CA GLY A 1 -2.31 -26.10 5.49
C GLY A 1 -2.42 -25.03 4.42
N SER A 2 -1.79 -25.27 3.29
CA SER A 2 -1.81 -24.33 2.17
C SER A 2 -2.22 -25.02 0.87
N SER A 3 -3.02 -24.33 0.07
CA SER A 3 -3.49 -24.88 -1.20
C SER A 3 -2.69 -24.30 -2.37
N GLY A 4 -2.91 -24.86 -3.55
CA GLY A 4 -2.21 -24.39 -4.73
C GLY A 4 -2.94 -23.26 -5.44
N SER A 5 -3.48 -23.57 -6.63
CA SER A 5 -4.21 -22.58 -7.40
C SER A 5 -3.31 -21.39 -7.76
N SER A 6 -2.07 -21.69 -8.13
CA SER A 6 -1.11 -20.65 -8.50
C SER A 6 -0.82 -20.67 -9.99
N GLY A 7 -1.69 -20.05 -10.77
CA GLY A 7 -1.52 -20.01 -12.21
C GLY A 7 -2.72 -20.54 -12.95
N MET A 8 -3.32 -21.60 -12.43
CA MET A 8 -4.48 -22.22 -13.05
C MET A 8 -5.73 -21.35 -12.85
N ALA A 9 -5.58 -20.29 -12.07
CA ALA A 9 -6.68 -19.37 -11.79
C ALA A 9 -6.32 -17.95 -12.16
N SER A 10 -7.17 -17.30 -12.95
CA SER A 10 -6.94 -15.94 -13.37
C SER A 10 -7.66 -14.95 -12.45
N SER A 11 -8.95 -15.14 -12.28
CA SER A 11 -9.77 -14.27 -11.43
C SER A 11 -9.24 -14.29 -9.99
N VAL A 12 -8.78 -13.12 -9.53
CA VAL A 12 -8.27 -13.00 -8.17
C VAL A 12 -9.24 -13.55 -7.14
N ASP A 13 -8.70 -14.19 -6.11
CA ASP A 13 -9.53 -14.77 -5.05
C ASP A 13 -8.87 -14.60 -3.69
N GLU A 14 -9.57 -15.04 -2.65
CA GLU A 14 -9.05 -14.94 -1.28
C GLU A 14 -7.65 -15.54 -1.20
N GLU A 15 -7.41 -16.60 -1.97
CA GLU A 15 -6.11 -17.27 -1.96
C GLU A 15 -5.02 -16.33 -2.45
N ALA A 16 -5.28 -15.65 -3.56
CA ALA A 16 -4.31 -14.71 -4.13
C ALA A 16 -3.99 -13.59 -3.14
N LEU A 17 -5.04 -12.94 -2.64
CA LEU A 17 -4.86 -11.84 -1.69
C LEU A 17 -3.89 -12.22 -0.59
N HIS A 18 -4.16 -13.33 0.09
CA HIS A 18 -3.31 -13.80 1.17
C HIS A 18 -1.84 -13.61 0.82
N GLN A 19 -1.45 -14.07 -0.36
CA GLN A 19 -0.07 -13.95 -0.82
C GLN A 19 0.46 -12.54 -0.57
N LEU A 20 -0.37 -11.54 -0.87
CA LEU A 20 0.01 -10.15 -0.67
C LEU A 20 0.17 -9.82 0.81
N TYR A 21 -0.68 -10.42 1.64
CA TYR A 21 -0.64 -10.20 3.07
C TYR A 21 0.68 -10.70 3.67
N LEU A 22 0.98 -11.97 3.44
CA LEU A 22 2.20 -12.57 3.95
C LEU A 22 3.40 -11.64 3.73
N TRP A 23 3.59 -11.23 2.48
CA TRP A 23 4.70 -10.34 2.14
C TRP A 23 4.89 -9.27 3.21
N VAL A 24 3.77 -8.79 3.76
CA VAL A 24 3.82 -7.76 4.80
C VAL A 24 4.26 -8.35 6.14
N ASP A 25 3.72 -9.52 6.47
CA ASP A 25 4.04 -10.20 7.71
C ASP A 25 5.56 -10.34 7.88
N ASN A 26 6.26 -10.42 6.75
CA ASN A 26 7.71 -10.56 6.76
C ASN A 26 8.38 -9.23 7.06
N ILE A 27 7.92 -8.18 6.39
CA ILE A 27 8.48 -6.84 6.59
C ILE A 27 8.36 -6.41 8.05
N PRO A 28 9.45 -5.85 8.58
CA PRO A 28 9.50 -5.38 9.97
C PRO A 28 8.64 -4.14 10.19
N LEU A 29 7.53 -4.31 10.90
CA LEU A 29 6.62 -3.21 11.18
C LEU A 29 6.24 -3.17 12.66
N SER A 30 6.55 -2.06 13.31
CA SER A 30 6.24 -1.91 14.73
C SER A 30 4.78 -2.24 15.01
N ARG A 31 3.94 -2.11 13.99
CA ARG A 31 2.51 -2.39 14.13
C ARG A 31 2.30 -3.72 14.86
N PRO A 32 1.36 -3.70 15.82
CA PRO A 32 1.03 -4.90 16.60
C PRO A 32 0.32 -5.97 15.78
N LYS A 33 -0.29 -6.92 16.46
CA LYS A 33 -1.02 -8.00 15.80
C LYS A 33 -2.47 -7.63 15.57
N ARG A 34 -2.87 -7.55 14.30
CA ARG A 34 -4.25 -7.20 13.95
C ARG A 34 -4.45 -7.30 12.44
N ASN A 35 -5.67 -6.98 12.00
CA ASN A 35 -6.01 -7.02 10.58
C ASN A 35 -5.02 -6.19 9.76
N LEU A 36 -5.10 -6.34 8.44
CA LEU A 36 -4.22 -5.59 7.54
C LEU A 36 -4.84 -4.24 7.16
N SER A 37 -6.01 -4.30 6.50
CA SER A 37 -6.70 -3.09 6.08
C SER A 37 -6.93 -2.16 7.26
N ARG A 38 -7.34 -2.72 8.39
CA ARG A 38 -7.59 -1.94 9.60
C ARG A 38 -6.44 -0.97 9.87
N ASP A 39 -5.23 -1.41 9.58
CA ASP A 39 -4.04 -0.59 9.79
C ASP A 39 -3.66 0.16 8.52
N PHE A 40 -3.32 -0.59 7.48
CA PHE A 40 -2.94 0.00 6.20
C PHE A 40 -3.85 1.17 5.85
N SER A 41 -5.16 0.98 6.05
CA SER A 41 -6.13 2.01 5.76
C SER A 41 -5.56 3.40 6.03
N ASP A 42 -4.85 3.53 7.14
CA ASP A 42 -4.25 4.80 7.52
C ASP A 42 -3.01 5.09 6.68
N GLY A 43 -3.13 6.06 5.77
CA GLY A 43 -2.02 6.41 4.91
C GLY A 43 -0.68 6.28 5.61
N VAL A 44 -0.57 6.85 6.81
CA VAL A 44 0.65 6.79 7.58
C VAL A 44 1.27 5.39 7.53
N LEU A 45 0.47 4.39 7.88
CA LEU A 45 0.93 3.01 7.88
C LEU A 45 1.63 2.67 6.57
N VAL A 46 0.92 2.86 5.46
CA VAL A 46 1.47 2.57 4.14
C VAL A 46 2.86 3.20 3.98
N ALA A 47 2.98 4.46 4.39
CA ALA A 47 4.24 5.18 4.30
C ALA A 47 5.36 4.40 4.97
N GLU A 48 5.04 3.76 6.09
CA GLU A 48 6.02 2.98 6.83
C GLU A 48 6.58 1.84 5.99
N VAL A 49 5.69 1.20 5.23
CA VAL A 49 6.09 0.09 4.36
C VAL A 49 7.22 0.50 3.42
N ILE A 50 7.31 1.80 3.14
CA ILE A 50 8.33 2.33 2.26
C ILE A 50 9.65 2.51 2.99
N LYS A 51 9.57 2.99 4.23
CA LYS A 51 10.76 3.20 5.05
C LYS A 51 11.74 2.05 4.90
N PHE A 52 11.24 0.83 5.11
CA PHE A 52 12.07 -0.37 5.00
C PHE A 52 12.97 -0.29 3.77
N TYR A 53 12.36 -0.05 2.61
CA TYR A 53 13.09 0.04 1.35
C TYR A 53 13.89 1.34 1.28
N PHE A 54 13.17 2.46 1.28
CA PHE A 54 13.82 3.77 1.20
C PHE A 54 13.32 4.68 2.34
N PRO A 55 14.27 5.17 3.15
CA PRO A 55 13.96 6.05 4.28
C PRO A 55 13.49 7.43 3.83
N LYS A 56 14.24 8.04 2.92
CA LYS A 56 13.90 9.36 2.40
C LYS A 56 12.49 9.36 1.82
N MET A 57 12.24 8.46 0.88
CA MET A 57 10.94 8.36 0.24
C MET A 57 9.82 8.59 1.25
N VAL A 58 10.09 8.31 2.52
CA VAL A 58 9.12 8.50 3.58
C VAL A 58 9.25 9.88 4.21
N GLU A 59 8.11 10.52 4.46
CA GLU A 59 8.10 11.85 5.05
C GLU A 59 7.09 11.93 6.19
N MET A 60 7.55 11.69 7.41
CA MET A 60 6.68 11.73 8.58
C MET A 60 6.63 13.13 9.17
N HIS A 61 6.77 14.14 8.32
CA HIS A 61 6.75 15.53 8.76
C HIS A 61 5.42 16.19 8.41
N ASN A 62 4.93 15.93 7.20
CA ASN A 62 3.68 16.50 6.73
C ASN A 62 2.50 15.59 7.10
N TYR A 63 2.72 14.28 6.97
CA TYR A 63 1.68 13.30 7.27
C TYR A 63 1.37 13.29 8.78
N VAL A 64 0.12 12.99 9.11
CA VAL A 64 -0.31 12.94 10.51
C VAL A 64 -1.38 11.88 10.72
N PRO A 65 -1.20 11.04 11.75
CA PRO A 65 -2.14 9.98 12.08
C PRO A 65 -3.47 10.52 12.63
N ALA A 66 -4.56 10.10 12.02
CA ALA A 66 -5.89 10.54 12.44
C ALA A 66 -6.91 9.40 12.32
N ASN A 67 -8.13 9.67 12.78
CA ASN A 67 -9.20 8.67 12.72
C ASN A 67 -10.43 9.25 12.04
N SER A 68 -10.24 10.31 11.26
CA SER A 68 -11.34 10.94 10.56
C SER A 68 -11.13 10.88 9.04
N LEU A 69 -12.21 10.62 8.31
CA LEU A 69 -12.14 10.53 6.87
C LEU A 69 -11.38 11.72 6.28
N GLN A 70 -12.01 12.89 6.30
CA GLN A 70 -11.40 14.09 5.76
C GLN A 70 -9.90 14.10 6.01
N GLN A 71 -9.51 13.82 7.25
CA GLN A 71 -8.10 13.79 7.62
C GLN A 71 -7.34 12.76 6.80
N LYS A 72 -7.89 11.55 6.71
CA LYS A 72 -7.25 10.48 5.94
C LYS A 72 -7.05 10.90 4.49
N LEU A 73 -8.14 11.25 3.81
CA LEU A 73 -8.08 11.67 2.43
C LEU A 73 -7.05 12.79 2.24
N SER A 74 -7.04 13.74 3.18
CA SER A 74 -6.12 14.86 3.12
C SER A 74 -4.69 14.38 2.97
N ASN A 75 -4.30 13.43 3.83
CA ASN A 75 -2.95 12.88 3.80
C ASN A 75 -2.70 12.14 2.50
N TRP A 76 -3.52 11.14 2.22
CA TRP A 76 -3.37 10.35 1.00
C TRP A 76 -3.10 11.24 -0.20
N GLY A 77 -3.94 12.26 -0.38
CA GLY A 77 -3.76 13.18 -1.49
C GLY A 77 -2.31 13.60 -1.69
N HIS A 78 -1.64 13.90 -0.58
CA HIS A 78 -0.24 14.31 -0.63
C HIS A 78 0.65 13.16 -1.09
N LEU A 79 0.43 11.98 -0.51
CA LEU A 79 1.21 10.80 -0.86
C LEU A 79 1.10 10.49 -2.35
N ASN A 80 0.03 10.99 -2.97
CA ASN A 80 -0.20 10.77 -4.39
C ASN A 80 0.73 11.63 -5.24
N ARG A 81 1.11 12.78 -4.69
CA ARG A 81 2.00 13.70 -5.40
C ARG A 81 3.38 13.75 -4.74
N LYS A 82 3.56 12.91 -3.72
CA LYS A 82 4.83 12.85 -3.00
C LYS A 82 5.50 11.49 -3.19
N VAL A 83 4.69 10.44 -3.25
CA VAL A 83 5.19 9.09 -3.43
C VAL A 83 4.89 8.56 -4.82
N LEU A 84 3.62 8.22 -5.05
CA LEU A 84 3.19 7.70 -6.34
C LEU A 84 3.92 8.41 -7.49
N LYS A 85 3.78 9.73 -7.54
CA LYS A 85 4.42 10.52 -8.57
C LYS A 85 5.81 9.97 -8.91
N ARG A 86 6.65 9.86 -7.90
CA ARG A 86 8.00 9.34 -8.08
C ARG A 86 7.96 7.93 -8.67
N LEU A 87 6.98 7.15 -8.25
CA LEU A 87 6.83 5.77 -8.73
C LEU A 87 6.03 5.73 -10.04
N ASN A 88 6.10 6.83 -10.80
CA ASN A 88 5.38 6.92 -12.06
C ASN A 88 4.01 6.26 -11.96
N PHE A 89 3.39 6.39 -10.79
CA PHE A 89 2.07 5.81 -10.55
C PHE A 89 1.00 6.90 -10.50
N SER A 90 -0.27 6.49 -10.54
CA SER A 90 -1.38 7.44 -10.51
C SER A 90 -2.64 6.75 -9.99
N VAL A 91 -3.41 7.48 -9.19
CA VAL A 91 -4.65 6.96 -8.62
C VAL A 91 -5.73 8.03 -8.57
N PRO A 92 -6.93 7.68 -9.06
CA PRO A 92 -8.07 8.61 -9.07
C PRO A 92 -8.61 8.88 -7.67
N ASP A 93 -9.34 9.99 -7.53
CA ASP A 93 -9.91 10.36 -6.24
C ASP A 93 -10.92 9.32 -5.77
N ASP A 94 -11.67 8.75 -6.72
CA ASP A 94 -12.66 7.74 -6.40
C ASP A 94 -12.04 6.58 -5.63
N VAL A 95 -11.03 5.96 -6.22
CA VAL A 95 -10.33 4.83 -5.60
C VAL A 95 -9.78 5.22 -4.23
N MET A 96 -9.22 6.42 -4.15
CA MET A 96 -8.65 6.91 -2.91
C MET A 96 -9.68 6.89 -1.79
N ARG A 97 -10.88 7.40 -2.08
CA ARG A 97 -11.96 7.44 -1.10
C ARG A 97 -12.11 6.09 -0.41
N LYS A 98 -12.34 5.05 -1.20
CA LYS A 98 -12.51 3.71 -0.66
C LYS A 98 -11.33 3.33 0.23
N ILE A 99 -10.12 3.58 -0.25
CA ILE A 99 -8.91 3.26 0.50
C ILE A 99 -8.99 3.81 1.92
N ALA A 100 -9.23 5.11 2.04
CA ALA A 100 -9.35 5.75 3.35
C ALA A 100 -10.47 5.13 4.17
N GLN A 101 -11.39 4.45 3.48
CA GLN A 101 -12.53 3.82 4.15
C GLN A 101 -12.20 2.39 4.54
N CYS A 102 -10.92 2.12 4.75
CA CYS A 102 -10.46 0.79 5.14
C CYS A 102 -11.25 -0.29 4.38
N ALA A 103 -11.34 -0.12 3.06
CA ALA A 103 -12.06 -1.07 2.22
C ALA A 103 -11.16 -2.24 1.83
N PRO A 104 -11.62 -3.47 2.12
CA PRO A 104 -10.87 -4.68 1.80
C PRO A 104 -10.81 -4.95 0.30
N GLY A 105 -9.63 -5.32 -0.18
CA GLY A 105 -9.47 -5.60 -1.61
C GLY A 105 -9.16 -4.36 -2.41
N VAL A 106 -9.64 -3.21 -1.94
CA VAL A 106 -9.41 -1.95 -2.62
C VAL A 106 -7.95 -1.53 -2.54
N VAL A 107 -7.54 -1.07 -1.35
CA VAL A 107 -6.17 -0.64 -1.13
C VAL A 107 -5.18 -1.68 -1.65
N GLU A 108 -5.62 -2.92 -1.75
CA GLU A 108 -4.77 -4.00 -2.24
C GLU A 108 -4.42 -3.80 -3.71
N LEU A 109 -5.40 -3.36 -4.49
CA LEU A 109 -5.19 -3.11 -5.91
C LEU A 109 -4.04 -2.14 -6.14
N VAL A 110 -3.70 -1.37 -5.10
CA VAL A 110 -2.62 -0.41 -5.19
C VAL A 110 -1.33 -0.98 -4.61
N LEU A 111 -1.47 -1.90 -3.66
CA LEU A 111 -0.32 -2.52 -3.02
C LEU A 111 0.39 -3.46 -3.98
N ILE A 112 -0.38 -4.34 -4.62
CA ILE A 112 0.17 -5.29 -5.57
C ILE A 112 1.17 -4.63 -6.52
N PRO A 113 0.69 -3.61 -7.25
CA PRO A 113 1.53 -2.85 -8.19
C PRO A 113 2.56 -2.00 -7.49
N LEU A 114 2.12 -1.21 -6.52
CA LEU A 114 3.02 -0.33 -5.77
C LEU A 114 4.27 -1.09 -5.32
N ARG A 115 4.07 -2.24 -4.68
CA ARG A 115 5.18 -3.05 -4.21
C ARG A 115 6.08 -3.47 -5.36
N GLN A 116 5.47 -3.95 -6.44
CA GLN A 116 6.22 -4.39 -7.61
C GLN A 116 7.26 -3.36 -8.00
N ARG A 117 6.94 -2.08 -7.78
CA ARG A 117 7.86 -1.00 -8.12
C ARG A 117 8.99 -0.91 -7.11
N LEU A 118 8.63 -0.88 -5.82
CA LEU A 118 9.63 -0.80 -4.75
C LEU A 118 10.84 -1.69 -5.07
N GLU A 119 10.56 -2.93 -5.46
CA GLU A 119 11.62 -3.88 -5.79
C GLU A 119 12.48 -3.36 -6.94
N GLU A 120 11.83 -2.76 -7.94
CA GLU A 120 12.52 -2.22 -9.10
C GLU A 120 13.51 -1.14 -8.68
N ARG A 121 13.08 -0.25 -7.79
CA ARG A 121 13.92 0.84 -7.32
C ARG A 121 15.02 0.31 -6.40
N GLN A 122 14.68 -0.69 -5.59
CA GLN A 122 15.64 -1.29 -4.67
C GLN A 122 16.94 -1.64 -5.39
N ARG A 123 16.86 -2.60 -6.31
CA ARG A 123 18.03 -3.02 -7.07
C ARG A 123 18.38 -2.01 -8.14
N ARG A 124 19.47 -2.28 -8.87
CA ARG A 124 19.92 -1.38 -9.93
C ARG A 124 20.88 -2.10 -10.87
N ARG A 125 21.28 -1.41 -11.93
CA ARG A 125 22.21 -1.98 -12.91
C ARG A 125 23.57 -1.30 -12.83
N LYS A 126 24.59 -2.07 -12.44
CA LYS A 126 25.94 -1.55 -12.31
C LYS A 126 26.53 -1.25 -13.69
N GLN A 127 27.10 -0.06 -13.83
CA GLN A 127 27.70 0.36 -15.10
C GLN A 127 29.10 -0.23 -15.26
N GLY A 1 -22.25 -14.66 -13.54
CA GLY A 1 -22.28 -16.10 -13.53
C GLY A 1 -20.91 -16.71 -13.79
N SER A 2 -20.91 -17.95 -14.29
CA SER A 2 -19.66 -18.65 -14.57
C SER A 2 -19.55 -18.95 -16.07
N SER A 3 -18.39 -18.61 -16.63
CA SER A 3 -18.15 -18.83 -18.05
C SER A 3 -17.10 -19.92 -18.26
N GLY A 4 -17.20 -20.64 -19.38
CA GLY A 4 -16.26 -21.70 -19.68
C GLY A 4 -14.87 -21.17 -19.98
N SER A 5 -14.15 -20.76 -18.94
CA SER A 5 -12.80 -20.23 -19.11
C SER A 5 -11.83 -20.90 -18.15
N SER A 6 -10.61 -21.11 -18.62
CA SER A 6 -9.58 -21.76 -17.81
C SER A 6 -8.72 -20.73 -17.09
N GLY A 7 -9.38 -19.70 -16.55
CA GLY A 7 -8.66 -18.66 -15.85
C GLY A 7 -8.13 -17.58 -16.78
N MET A 8 -8.93 -16.55 -17.00
CA MET A 8 -8.54 -15.45 -17.88
C MET A 8 -9.47 -14.25 -17.69
N ALA A 9 -8.93 -13.05 -17.92
CA ALA A 9 -9.70 -11.83 -17.78
C ALA A 9 -10.52 -11.84 -16.49
N SER A 10 -9.87 -12.20 -15.39
CA SER A 10 -10.53 -12.26 -14.09
C SER A 10 -9.70 -11.54 -13.03
N SER A 11 -10.38 -10.87 -12.11
CA SER A 11 -9.70 -10.14 -11.04
C SER A 11 -8.70 -11.03 -10.33
N VAL A 12 -7.93 -10.43 -9.42
CA VAL A 12 -6.92 -11.18 -8.67
C VAL A 12 -7.55 -12.36 -7.94
N ASP A 13 -6.94 -13.52 -8.10
CA ASP A 13 -7.44 -14.74 -7.45
C ASP A 13 -7.24 -14.68 -5.93
N GLU A 14 -7.89 -15.59 -5.22
CA GLU A 14 -7.78 -15.62 -3.76
C GLU A 14 -6.36 -15.98 -3.33
N GLU A 15 -5.82 -17.03 -3.93
CA GLU A 15 -4.46 -17.48 -3.61
C GLU A 15 -3.47 -16.31 -3.68
N ALA A 16 -3.58 -15.52 -4.73
CA ALA A 16 -2.69 -14.37 -4.91
C ALA A 16 -2.66 -13.50 -3.66
N LEU A 17 -3.83 -13.08 -3.21
CA LEU A 17 -3.92 -12.24 -2.01
C LEU A 17 -2.90 -12.67 -0.97
N HIS A 18 -2.94 -13.94 -0.58
CA HIS A 18 -2.01 -14.47 0.41
C HIS A 18 -0.59 -13.98 0.15
N GLN A 19 -0.10 -14.25 -1.06
CA GLN A 19 1.24 -13.85 -1.45
C GLN A 19 1.54 -12.42 -0.98
N LEU A 20 0.57 -11.54 -1.15
CA LEU A 20 0.72 -10.14 -0.75
C LEU A 20 0.78 -10.02 0.77
N TYR A 21 -0.03 -10.82 1.45
CA TYR A 21 -0.06 -10.81 2.91
C TYR A 21 1.30 -11.18 3.50
N LEU A 22 2.03 -12.02 2.78
CA LEU A 22 3.36 -12.46 3.23
C LEU A 22 4.35 -11.30 3.19
N TRP A 23 4.49 -10.68 2.02
CA TRP A 23 5.40 -9.55 1.86
C TRP A 23 5.34 -8.62 3.05
N VAL A 24 4.14 -8.17 3.39
CA VAL A 24 3.95 -7.27 4.51
C VAL A 24 4.24 -7.97 5.84
N ASP A 25 3.55 -9.09 6.07
CA ASP A 25 3.74 -9.86 7.29
C ASP A 25 5.21 -9.89 7.70
N ASN A 26 6.09 -10.02 6.72
CA ASN A 26 7.52 -10.06 6.97
C ASN A 26 8.01 -8.74 7.56
N ILE A 27 7.55 -7.63 6.97
CA ILE A 27 7.95 -6.31 7.44
C ILE A 27 7.48 -6.08 8.88
N PRO A 28 8.45 -5.79 9.76
CA PRO A 28 8.17 -5.54 11.18
C PRO A 28 7.43 -4.22 11.40
N LEU A 29 6.12 -4.24 11.22
CA LEU A 29 5.30 -3.05 11.40
C LEU A 29 4.97 -2.84 12.88
N SER A 30 5.54 -1.79 13.46
CA SER A 30 5.31 -1.47 14.87
C SER A 30 3.90 -0.93 15.07
N ARG A 31 2.93 -1.84 15.14
CA ARG A 31 1.53 -1.46 15.34
C ARG A 31 0.87 -2.34 16.39
N PRO A 32 -0.15 -1.80 17.06
CA PRO A 32 -0.89 -2.52 18.11
C PRO A 32 -1.74 -3.64 17.53
N LYS A 33 -2.65 -4.16 18.35
CA LYS A 33 -3.53 -5.24 17.93
C LYS A 33 -4.81 -4.69 17.31
N ARG A 34 -5.01 -4.96 16.02
CA ARG A 34 -6.19 -4.49 15.31
C ARG A 34 -6.25 -5.08 13.91
N ASN A 35 -7.45 -5.07 13.32
CA ASN A 35 -7.65 -5.61 11.98
C ASN A 35 -6.61 -5.04 11.01
N LEU A 36 -6.61 -5.58 9.79
CA LEU A 36 -5.66 -5.13 8.76
C LEU A 36 -6.18 -3.89 8.06
N SER A 37 -7.43 -3.95 7.60
CA SER A 37 -8.05 -2.82 6.91
C SER A 37 -8.13 -1.60 7.82
N ARG A 38 -8.58 -1.83 9.06
CA ARG A 38 -8.72 -0.75 10.03
C ARG A 38 -7.46 0.10 10.08
N ASP A 39 -6.30 -0.54 9.89
CA ASP A 39 -5.03 0.17 9.92
C ASP A 39 -4.64 0.63 8.52
N PHE A 40 -4.43 -0.32 7.62
CA PHE A 40 -4.06 -0.01 6.24
C PHE A 40 -4.78 1.24 5.75
N SER A 41 -6.07 1.32 6.05
CA SER A 41 -6.89 2.46 5.64
C SER A 41 -6.07 3.75 5.67
N ASP A 42 -5.45 4.01 6.82
CA ASP A 42 -4.64 5.21 6.99
C ASP A 42 -3.33 5.11 6.21
N GLY A 43 -3.08 6.09 5.36
CA GLY A 43 -1.86 6.08 4.57
C GLY A 43 -0.60 6.07 5.42
N VAL A 44 -0.60 6.91 6.45
CA VAL A 44 0.55 6.99 7.35
C VAL A 44 1.19 5.63 7.55
N LEU A 45 0.37 4.61 7.80
CA LEU A 45 0.85 3.25 8.01
C LEU A 45 1.50 2.70 6.74
N VAL A 46 0.80 2.82 5.62
CA VAL A 46 1.29 2.34 4.34
C VAL A 46 2.74 2.80 4.11
N ALA A 47 2.97 4.10 4.27
CA ALA A 47 4.30 4.67 4.09
C ALA A 47 5.35 3.82 4.78
N GLU A 48 5.10 3.49 6.05
CA GLU A 48 6.04 2.69 6.83
C GLU A 48 6.53 1.49 6.02
N VAL A 49 5.62 0.86 5.28
CA VAL A 49 5.96 -0.29 4.46
C VAL A 49 7.04 0.05 3.44
N ILE A 50 6.97 1.27 2.91
CA ILE A 50 7.94 1.72 1.92
C ILE A 50 9.29 2.02 2.57
N LYS A 51 9.24 2.62 3.77
CA LYS A 51 10.45 2.96 4.50
C LYS A 51 11.50 1.85 4.38
N PHE A 52 11.09 0.64 4.73
CA PHE A 52 12.00 -0.52 4.67
C PHE A 52 12.81 -0.49 3.37
N TYR A 53 12.16 -0.07 2.29
CA TYR A 53 12.83 -0.01 0.98
C TYR A 53 13.54 1.32 0.80
N PHE A 54 12.90 2.40 1.26
CA PHE A 54 13.47 3.73 1.15
C PHE A 54 13.11 4.58 2.36
N PRO A 55 14.09 4.79 3.26
CA PRO A 55 13.91 5.58 4.47
C PRO A 55 13.74 7.06 4.18
N LYS A 56 14.35 7.52 3.09
CA LYS A 56 14.27 8.92 2.69
C LYS A 56 12.88 9.26 2.17
N MET A 57 12.40 8.47 1.21
CA MET A 57 11.09 8.68 0.63
C MET A 57 10.06 9.04 1.71
N VAL A 58 10.00 8.20 2.75
CA VAL A 58 9.07 8.43 3.85
C VAL A 58 9.45 9.65 4.66
N GLU A 59 8.50 10.54 4.88
CA GLU A 59 8.74 11.77 5.64
C GLU A 59 7.65 11.97 6.69
N MET A 60 7.84 11.36 7.86
CA MET A 60 6.88 11.49 8.95
C MET A 60 6.82 12.92 9.46
N HIS A 61 7.98 13.57 9.53
CA HIS A 61 8.05 14.94 10.01
C HIS A 61 6.86 15.76 9.51
N ASN A 62 6.32 15.36 8.36
CA ASN A 62 5.18 16.05 7.78
C ASN A 62 3.89 15.27 8.00
N TYR A 63 3.82 14.07 7.42
CA TYR A 63 2.64 13.23 7.55
C TYR A 63 2.25 13.06 9.01
N VAL A 64 0.95 13.05 9.28
CA VAL A 64 0.45 12.89 10.63
C VAL A 64 -0.82 12.06 10.65
N PRO A 65 -0.88 11.08 11.58
CA PRO A 65 -2.05 10.20 11.72
C PRO A 65 -3.27 10.92 12.28
N ALA A 66 -4.36 10.88 11.53
CA ALA A 66 -5.59 11.53 11.96
C ALA A 66 -6.69 10.51 12.25
N ASN A 67 -7.80 10.97 12.79
CA ASN A 67 -8.92 10.11 13.13
C ASN A 67 -10.20 10.57 12.45
N SER A 68 -10.05 11.46 11.47
CA SER A 68 -11.20 11.99 10.75
C SER A 68 -11.05 11.73 9.24
N LEU A 69 -11.97 10.93 8.70
CA LEU A 69 -11.94 10.61 7.28
C LEU A 69 -11.48 11.80 6.45
N GLN A 70 -12.22 12.90 6.55
CA GLN A 70 -11.88 14.12 5.81
C GLN A 70 -10.38 14.36 5.82
N GLN A 71 -9.79 14.36 7.02
CA GLN A 71 -8.36 14.59 7.17
C GLN A 71 -7.56 13.52 6.43
N LYS A 72 -7.86 12.25 6.71
CA LYS A 72 -7.18 11.14 6.07
C LYS A 72 -6.99 11.40 4.59
N LEU A 73 -8.11 11.47 3.85
CA LEU A 73 -8.07 11.70 2.42
C LEU A 73 -7.08 12.81 2.08
N SER A 74 -7.11 13.88 2.86
CA SER A 74 -6.21 15.02 2.64
C SER A 74 -4.76 14.54 2.54
N ASN A 75 -4.30 13.85 3.57
CA ASN A 75 -2.92 13.34 3.59
C ASN A 75 -2.63 12.51 2.35
N TRP A 76 -3.45 11.47 2.13
CA TRP A 76 -3.27 10.60 0.97
C TRP A 76 -2.96 11.41 -0.28
N GLY A 77 -3.68 12.53 -0.45
CA GLY A 77 -3.46 13.37 -1.62
C GLY A 77 -2.02 13.74 -1.81
N HIS A 78 -1.33 14.06 -0.71
CA HIS A 78 0.08 14.43 -0.78
C HIS A 78 0.94 13.22 -1.14
N LEU A 79 0.80 12.15 -0.38
CA LEU A 79 1.57 10.93 -0.64
C LEU A 79 1.42 10.47 -2.09
N ASN A 80 0.38 10.98 -2.75
CA ASN A 80 0.12 10.62 -4.14
C ASN A 80 1.08 11.35 -5.08
N ARG A 81 1.29 12.64 -4.81
CA ARG A 81 2.19 13.44 -5.63
C ARG A 81 3.59 13.48 -5.03
N LYS A 82 3.78 12.75 -3.94
CA LYS A 82 5.08 12.69 -3.27
C LYS A 82 5.70 11.30 -3.43
N VAL A 83 4.86 10.28 -3.53
CA VAL A 83 5.33 8.91 -3.68
C VAL A 83 4.86 8.31 -5.00
N LEU A 84 3.58 7.96 -5.05
CA LEU A 84 3.00 7.39 -6.26
C LEU A 84 3.57 8.04 -7.51
N LYS A 85 3.50 9.37 -7.56
CA LYS A 85 4.02 10.12 -8.70
C LYS A 85 5.49 9.80 -8.95
N ARG A 86 6.26 9.76 -7.86
CA ARG A 86 7.69 9.47 -7.96
C ARG A 86 7.92 8.03 -8.46
N LEU A 87 6.90 7.19 -8.31
CA LEU A 87 6.99 5.80 -8.74
C LEU A 87 6.19 5.58 -10.02
N ASN A 88 6.05 6.63 -10.82
CA ASN A 88 5.31 6.55 -12.08
C ASN A 88 3.98 5.85 -11.87
N PHE A 89 3.37 6.08 -10.71
CA PHE A 89 2.08 5.47 -10.39
C PHE A 89 0.99 6.53 -10.28
N SER A 90 -0.24 6.16 -10.63
CA SER A 90 -1.37 7.08 -10.58
C SER A 90 -2.59 6.40 -9.98
N VAL A 91 -3.34 7.13 -9.16
CA VAL A 91 -4.54 6.60 -8.53
C VAL A 91 -5.67 7.62 -8.54
N PRO A 92 -6.86 7.18 -8.97
CA PRO A 92 -8.05 8.05 -9.03
C PRO A 92 -8.56 8.42 -7.64
N ASP A 93 -9.23 9.57 -7.56
CA ASP A 93 -9.78 10.04 -6.30
C ASP A 93 -10.87 9.10 -5.79
N ASP A 94 -11.47 8.37 -6.71
CA ASP A 94 -12.53 7.42 -6.36
C ASP A 94 -11.97 6.26 -5.55
N VAL A 95 -10.74 5.86 -5.87
CA VAL A 95 -10.09 4.75 -5.18
C VAL A 95 -9.61 5.17 -3.80
N MET A 96 -9.03 6.37 -3.72
CA MET A 96 -8.53 6.90 -2.44
C MET A 96 -9.64 6.94 -1.40
N ARG A 97 -10.81 7.42 -1.81
CA ARG A 97 -11.95 7.53 -0.91
C ARG A 97 -12.24 6.19 -0.25
N LYS A 98 -12.27 5.12 -1.05
CA LYS A 98 -12.54 3.78 -0.54
C LYS A 98 -11.51 3.38 0.51
N ILE A 99 -10.24 3.62 0.21
CA ILE A 99 -9.16 3.29 1.13
C ILE A 99 -9.40 3.91 2.51
N ALA A 100 -9.49 5.24 2.55
CA ALA A 100 -9.72 5.95 3.79
C ALA A 100 -11.00 5.46 4.48
N GLN A 101 -11.86 4.81 3.71
CA GLN A 101 -13.12 4.30 4.23
C GLN A 101 -12.95 2.87 4.74
N CYS A 102 -11.71 2.50 5.05
CA CYS A 102 -11.41 1.16 5.55
C CYS A 102 -12.18 0.10 4.76
N ALA A 103 -12.23 0.28 3.44
CA ALA A 103 -12.93 -0.65 2.58
C ALA A 103 -11.99 -1.75 2.07
N PRO A 104 -12.25 -2.99 2.50
CA PRO A 104 -11.45 -4.15 2.10
C PRO A 104 -11.62 -4.50 0.63
N GLY A 105 -10.51 -4.83 -0.04
CA GLY A 105 -10.56 -5.18 -1.45
C GLY A 105 -10.22 -4.02 -2.35
N VAL A 106 -9.97 -2.86 -1.75
CA VAL A 106 -9.62 -1.66 -2.51
C VAL A 106 -8.15 -1.32 -2.37
N VAL A 107 -7.74 -0.96 -1.16
CA VAL A 107 -6.35 -0.61 -0.89
C VAL A 107 -5.41 -1.68 -1.42
N GLU A 108 -5.78 -2.95 -1.26
CA GLU A 108 -4.97 -4.06 -1.72
C GLU A 108 -4.61 -3.89 -3.20
N LEU A 109 -5.63 -3.61 -4.02
CA LEU A 109 -5.43 -3.43 -5.45
C LEU A 109 -4.26 -2.49 -5.72
N VAL A 110 -3.91 -1.69 -4.71
CA VAL A 110 -2.82 -0.73 -4.84
C VAL A 110 -1.54 -1.28 -4.22
N LEU A 111 -1.70 -2.13 -3.21
CA LEU A 111 -0.57 -2.74 -2.52
C LEU A 111 0.12 -3.78 -3.41
N ILE A 112 -0.69 -4.53 -4.15
CA ILE A 112 -0.15 -5.56 -5.04
C ILE A 112 0.92 -5.00 -5.96
N PRO A 113 0.55 -3.97 -6.73
CA PRO A 113 1.47 -3.31 -7.67
C PRO A 113 2.55 -2.50 -6.96
N LEU A 114 2.13 -1.66 -6.02
CA LEU A 114 3.05 -0.83 -5.26
C LEU A 114 4.34 -1.59 -4.96
N ARG A 115 4.21 -2.69 -4.21
CA ARG A 115 5.36 -3.50 -3.86
C ARG A 115 6.15 -3.92 -5.10
N GLN A 116 5.44 -4.40 -6.11
CA GLN A 116 6.07 -4.83 -7.35
C GLN A 116 6.96 -3.73 -7.91
N ARG A 117 6.46 -2.51 -7.90
CA ARG A 117 7.21 -1.36 -8.41
C ARG A 117 8.42 -1.07 -7.54
N LEU A 118 8.18 -0.93 -6.23
CA LEU A 118 9.26 -0.64 -5.29
C LEU A 118 10.50 -1.46 -5.61
N GLU A 119 10.32 -2.78 -5.71
CA GLU A 119 11.44 -3.68 -6.01
C GLU A 119 12.32 -3.09 -7.11
N GLU A 120 11.74 -2.88 -8.29
CA GLU A 120 12.47 -2.32 -9.42
C GLU A 120 13.30 -1.12 -8.99
N ARG A 121 12.75 -0.33 -8.08
CA ARG A 121 13.43 0.86 -7.59
C ARG A 121 14.50 0.49 -6.57
N GLN A 122 14.25 -0.58 -5.81
CA GLN A 122 15.20 -1.04 -4.81
C GLN A 122 16.53 -1.42 -5.43
N ARG A 123 16.55 -2.55 -6.14
CA ARG A 123 17.76 -3.02 -6.79
C ARG A 123 18.41 -1.91 -7.61
N ARG A 124 17.58 -1.12 -8.28
CA ARG A 124 18.07 -0.02 -9.11
C ARG A 124 19.02 0.87 -8.31
N ARG A 125 20.13 1.25 -8.93
CA ARG A 125 21.12 2.09 -8.29
C ARG A 125 20.85 3.57 -8.60
N LYS A 126 21.59 4.45 -7.91
CA LYS A 126 21.44 5.88 -8.12
C LYS A 126 22.47 6.41 -9.11
N GLN A 127 22.20 7.58 -9.67
CA GLN A 127 23.11 8.19 -10.64
C GLN A 127 24.54 8.21 -10.11
N GLY A 1 3.07 -44.69 -10.39
CA GLY A 1 3.34 -43.92 -11.59
C GLY A 1 3.93 -42.56 -11.28
N SER A 2 4.84 -42.10 -12.13
CA SER A 2 5.49 -40.80 -11.94
C SER A 2 5.10 -39.83 -13.05
N SER A 3 4.96 -38.56 -12.69
CA SER A 3 4.59 -37.53 -13.66
C SER A 3 5.02 -36.16 -13.18
N GLY A 4 5.58 -35.37 -14.10
CA GLY A 4 6.04 -34.04 -13.75
C GLY A 4 6.23 -33.15 -14.97
N SER A 5 5.26 -32.28 -15.22
CA SER A 5 5.31 -31.37 -16.36
C SER A 5 5.84 -30.01 -15.94
N SER A 6 6.01 -29.13 -16.93
CA SER A 6 6.51 -27.78 -16.66
C SER A 6 5.65 -26.74 -17.36
N GLY A 7 5.46 -25.59 -16.71
CA GLY A 7 4.65 -24.53 -17.29
C GLY A 7 4.50 -23.35 -16.35
N MET A 8 4.93 -22.18 -16.79
CA MET A 8 4.84 -20.97 -15.99
C MET A 8 3.83 -19.99 -16.59
N ALA A 9 3.07 -19.34 -15.72
CA ALA A 9 2.06 -18.38 -16.16
C ALA A 9 1.90 -17.25 -15.15
N SER A 10 1.13 -16.22 -15.53
CA SER A 10 0.91 -15.08 -14.65
C SER A 10 -0.59 -14.78 -14.54
N SER A 11 -1.14 -14.98 -13.36
CA SER A 11 -2.56 -14.73 -13.12
C SER A 11 -2.84 -14.53 -11.63
N VAL A 12 -3.99 -13.96 -11.33
CA VAL A 12 -4.38 -13.72 -9.94
C VAL A 12 -5.39 -14.76 -9.45
N ASP A 13 -5.21 -15.21 -8.22
CA ASP A 13 -6.10 -16.20 -7.63
C ASP A 13 -6.11 -16.11 -6.11
N GLU A 14 -7.06 -16.78 -5.49
CA GLU A 14 -7.17 -16.77 -4.03
C GLU A 14 -5.80 -16.74 -3.38
N GLU A 15 -4.84 -17.45 -3.98
CA GLU A 15 -3.49 -17.52 -3.46
C GLU A 15 -2.82 -16.14 -3.50
N ALA A 16 -2.91 -15.49 -4.64
CA ALA A 16 -2.32 -14.16 -4.81
C ALA A 16 -2.53 -13.31 -3.57
N LEU A 17 -3.74 -13.34 -3.04
CA LEU A 17 -4.07 -12.56 -1.84
C LEU A 17 -3.08 -12.84 -0.72
N HIS A 18 -3.00 -14.10 -0.31
CA HIS A 18 -2.08 -14.49 0.76
C HIS A 18 -0.71 -13.88 0.54
N GLN A 19 -0.14 -14.11 -0.63
CA GLN A 19 1.19 -13.59 -0.96
C GLN A 19 1.33 -12.14 -0.47
N LEU A 20 0.34 -11.32 -0.80
CA LEU A 20 0.35 -9.92 -0.40
C LEU A 20 0.31 -9.78 1.12
N TYR A 21 -0.51 -10.61 1.77
CA TYR A 21 -0.64 -10.58 3.21
C TYR A 21 0.70 -10.91 3.88
N LEU A 22 1.28 -12.03 3.50
CA LEU A 22 2.57 -12.46 4.05
C LEU A 22 3.63 -11.37 3.88
N TRP A 23 3.68 -10.79 2.69
CA TRP A 23 4.65 -9.75 2.39
C TRP A 23 4.70 -8.71 3.51
N VAL A 24 3.53 -8.43 4.10
CA VAL A 24 3.43 -7.46 5.19
C VAL A 24 4.17 -7.96 6.43
N ASP A 25 3.81 -9.14 6.90
CA ASP A 25 4.44 -9.72 8.08
C ASP A 25 5.95 -9.68 7.96
N ASN A 26 6.46 -10.03 6.78
CA ASN A 26 7.89 -10.03 6.53
C ASN A 26 8.56 -8.80 7.13
N ILE A 27 7.85 -7.67 7.06
CA ILE A 27 8.38 -6.42 7.59
C ILE A 27 8.29 -6.40 9.12
N PRO A 28 9.37 -5.91 9.76
CA PRO A 28 9.43 -5.82 11.22
C PRO A 28 8.50 -4.76 11.78
N LEU A 29 7.66 -4.21 10.92
CA LEU A 29 6.70 -3.18 11.33
C LEU A 29 6.31 -3.35 12.79
N SER A 30 6.91 -2.54 13.66
CA SER A 30 6.62 -2.60 15.09
C SER A 30 5.15 -2.89 15.33
N ARG A 31 4.28 -2.10 14.70
CA ARG A 31 2.84 -2.27 14.85
C ARG A 31 2.47 -3.75 14.99
N PRO A 32 1.57 -4.05 15.93
CA PRO A 32 1.12 -5.42 16.19
C PRO A 32 0.27 -5.97 15.06
N LYS A 33 -0.39 -7.10 15.31
CA LYS A 33 -1.25 -7.73 14.31
C LYS A 33 -2.71 -7.35 14.53
N ARG A 34 -3.39 -6.98 13.45
CA ARG A 34 -4.79 -6.59 13.52
C ARG A 34 -5.35 -6.33 12.13
N ASN A 35 -6.67 -6.14 12.05
CA ASN A 35 -7.33 -5.89 10.78
C ASN A 35 -6.45 -5.06 9.85
N LEU A 36 -6.05 -5.66 8.75
CA LEU A 36 -5.19 -4.98 7.77
C LEU A 36 -5.93 -3.83 7.12
N SER A 37 -7.14 -4.09 6.64
CA SER A 37 -7.94 -3.07 5.98
C SER A 37 -7.90 -1.76 6.77
N ARG A 38 -8.11 -1.85 8.08
CA ARG A 38 -8.11 -0.68 8.93
C ARG A 38 -6.68 -0.17 9.14
N ASP A 39 -5.82 -1.01 9.70
CA ASP A 39 -4.44 -0.65 9.94
C ASP A 39 -3.88 0.19 8.80
N PHE A 40 -3.86 -0.39 7.60
CA PHE A 40 -3.36 0.29 6.42
C PHE A 40 -4.17 1.56 6.14
N SER A 41 -5.47 1.47 6.35
CA SER A 41 -6.37 2.60 6.12
C SER A 41 -5.66 3.92 6.45
N ASP A 42 -4.87 3.90 7.51
CA ASP A 42 -4.14 5.08 7.95
C ASP A 42 -2.84 5.24 7.18
N GLY A 43 -2.85 6.07 6.15
CA GLY A 43 -1.66 6.29 5.35
C GLY A 43 -0.40 6.33 6.18
N VAL A 44 -0.48 7.03 7.32
CA VAL A 44 0.68 7.15 8.21
C VAL A 44 1.50 5.86 8.23
N LEU A 45 0.81 4.73 8.24
CA LEU A 45 1.47 3.43 8.26
C LEU A 45 2.10 3.12 6.90
N VAL A 46 1.29 3.20 5.85
CA VAL A 46 1.76 2.92 4.50
C VAL A 46 3.15 3.50 4.28
N ALA A 47 3.36 4.72 4.75
CA ALA A 47 4.66 5.38 4.61
C ALA A 47 5.77 4.56 5.26
N GLU A 48 5.49 4.04 6.45
CA GLU A 48 6.46 3.24 7.17
C GLU A 48 6.97 2.08 6.32
N VAL A 49 6.03 1.32 5.74
CA VAL A 49 6.38 0.19 4.90
C VAL A 49 7.46 0.56 3.89
N ILE A 50 7.28 1.70 3.23
CA ILE A 50 8.25 2.17 2.24
C ILE A 50 9.66 2.20 2.82
N LYS A 51 9.77 2.65 4.07
CA LYS A 51 11.06 2.73 4.74
C LYS A 51 11.93 1.52 4.39
N PHE A 52 11.42 0.33 4.68
CA PHE A 52 12.14 -0.90 4.39
C PHE A 52 12.94 -0.78 3.09
N TYR A 53 12.24 -0.42 2.02
CA TYR A 53 12.87 -0.27 0.71
C TYR A 53 13.70 1.02 0.66
N PHE A 54 13.03 2.14 0.87
CA PHE A 54 13.70 3.45 0.84
C PHE A 54 13.25 4.31 2.01
N PRO A 55 14.22 4.65 2.89
CA PRO A 55 13.94 5.47 4.07
C PRO A 55 13.63 6.92 3.71
N LYS A 56 14.35 7.45 2.72
CA LYS A 56 14.15 8.82 2.28
C LYS A 56 12.74 9.01 1.70
N MET A 57 12.37 8.13 0.77
CA MET A 57 11.05 8.20 0.14
C MET A 57 9.96 8.31 1.20
N VAL A 58 10.08 7.50 2.25
CA VAL A 58 9.10 7.50 3.32
C VAL A 58 8.54 8.91 3.56
N GLU A 59 9.37 9.77 4.14
CA GLU A 59 8.95 11.15 4.41
C GLU A 59 7.57 11.18 5.06
N MET A 60 7.39 10.37 6.09
CA MET A 60 6.12 10.31 6.79
C MET A 60 6.00 11.42 7.84
N HIS A 61 7.15 11.79 8.41
CA HIS A 61 7.18 12.84 9.42
C HIS A 61 6.16 13.94 9.10
N ASN A 62 6.32 14.56 7.94
CA ASN A 62 5.42 15.63 7.52
C ASN A 62 3.98 15.29 7.88
N TYR A 63 3.53 14.12 7.45
CA TYR A 63 2.17 13.69 7.73
C TYR A 63 1.90 13.65 9.23
N VAL A 64 0.62 13.52 9.60
CA VAL A 64 0.23 13.47 11.00
C VAL A 64 -0.91 12.49 11.22
N PRO A 65 -0.76 11.64 12.25
CA PRO A 65 -1.77 10.63 12.59
C PRO A 65 -3.04 11.25 13.15
N ALA A 66 -4.17 11.02 12.48
CA ALA A 66 -5.44 11.56 12.92
C ALA A 66 -6.48 10.45 13.08
N ASN A 67 -7.62 10.79 13.67
CA ASN A 67 -8.68 9.82 13.89
C ASN A 67 -9.97 10.27 13.21
N SER A 68 -9.83 11.02 12.12
CA SER A 68 -11.00 11.52 11.39
C SER A 68 -10.89 11.13 9.91
N LEU A 69 -12.05 11.04 9.26
CA LEU A 69 -12.11 10.67 7.84
C LEU A 69 -11.42 11.73 6.98
N GLN A 70 -11.98 12.93 6.98
CA GLN A 70 -11.42 14.03 6.19
C GLN A 70 -9.90 14.00 6.23
N GLN A 71 -9.35 13.87 7.43
CA GLN A 71 -7.90 13.84 7.60
C GLN A 71 -7.27 12.80 6.68
N LYS A 72 -7.66 11.53 6.86
CA LYS A 72 -7.13 10.45 6.04
C LYS A 72 -6.95 10.90 4.60
N LEU A 73 -8.06 11.19 3.93
CA LEU A 73 -8.03 11.63 2.53
C LEU A 73 -6.96 12.70 2.33
N SER A 74 -6.91 13.68 3.22
CA SER A 74 -5.94 14.76 3.13
C SER A 74 -4.54 14.21 2.96
N ASN A 75 -4.18 13.23 3.79
CA ASN A 75 -2.86 12.62 3.73
C ASN A 75 -2.70 11.80 2.45
N TRP A 76 -3.57 10.81 2.27
CA TRP A 76 -3.53 9.96 1.09
C TRP A 76 -3.32 10.79 -0.17
N GLY A 77 -4.08 11.88 -0.29
CA GLY A 77 -3.95 12.74 -1.46
C GLY A 77 -2.53 13.20 -1.69
N HIS A 78 -1.89 13.72 -0.64
CA HIS A 78 -0.52 14.21 -0.74
C HIS A 78 0.42 13.08 -1.13
N LEU A 79 0.28 11.94 -0.46
CA LEU A 79 1.13 10.78 -0.74
C LEU A 79 1.02 10.37 -2.21
N ASN A 80 -0.09 10.73 -2.84
CA ASN A 80 -0.32 10.40 -4.24
C ASN A 80 0.57 11.25 -5.15
N ARG A 81 0.91 12.45 -4.68
CA ARG A 81 1.74 13.36 -5.46
C ARG A 81 3.14 13.46 -4.84
N LYS A 82 3.37 12.71 -3.77
CA LYS A 82 4.66 12.72 -3.09
C LYS A 82 5.36 11.37 -3.22
N VAL A 83 4.56 10.30 -3.22
CA VAL A 83 5.10 8.95 -3.34
C VAL A 83 4.75 8.34 -4.69
N LEU A 84 3.49 7.99 -4.87
CA LEU A 84 3.02 7.40 -6.13
C LEU A 84 3.73 8.04 -7.32
N LYS A 85 3.63 9.36 -7.41
CA LYS A 85 4.26 10.09 -8.51
C LYS A 85 5.68 9.59 -8.76
N ARG A 86 6.46 9.49 -7.68
CA ARG A 86 7.84 9.03 -7.79
C ARG A 86 7.90 7.61 -8.33
N LEU A 87 6.86 6.83 -8.05
CA LEU A 87 6.79 5.45 -8.51
C LEU A 87 5.96 5.34 -9.78
N ASN A 88 5.95 6.42 -10.57
CA ASN A 88 5.20 6.44 -11.81
C ASN A 88 3.80 5.84 -11.62
N PHE A 89 3.28 5.94 -10.41
CA PHE A 89 1.96 5.42 -10.09
C PHE A 89 0.94 6.54 -9.99
N SER A 90 -0.27 6.28 -10.46
CA SER A 90 -1.35 7.27 -10.42
C SER A 90 -2.67 6.62 -10.03
N VAL A 91 -3.45 7.33 -9.23
CA VAL A 91 -4.75 6.82 -8.78
C VAL A 91 -5.80 7.94 -8.75
N PRO A 92 -6.98 7.65 -9.31
CA PRO A 92 -8.09 8.61 -9.36
C PRO A 92 -8.69 8.88 -7.99
N ASP A 93 -9.14 10.11 -7.77
CA ASP A 93 -9.74 10.50 -6.50
C ASP A 93 -10.82 9.50 -6.09
N ASP A 94 -11.61 9.05 -7.07
CA ASP A 94 -12.69 8.10 -6.81
C ASP A 94 -12.17 6.91 -6.00
N VAL A 95 -11.14 6.26 -6.51
CA VAL A 95 -10.56 5.10 -5.83
C VAL A 95 -10.08 5.47 -4.43
N MET A 96 -9.51 6.66 -4.30
CA MET A 96 -9.02 7.12 -3.01
C MET A 96 -10.16 7.28 -2.01
N ARG A 97 -11.24 7.91 -2.46
CA ARG A 97 -12.41 8.11 -1.60
C ARG A 97 -12.83 6.82 -0.92
N LYS A 98 -12.70 5.71 -1.65
CA LYS A 98 -13.07 4.40 -1.12
C LYS A 98 -12.03 3.91 -0.12
N ILE A 99 -10.76 4.02 -0.48
CA ILE A 99 -9.68 3.60 0.38
C ILE A 99 -9.87 4.12 1.80
N ALA A 100 -10.01 5.43 1.94
CA ALA A 100 -10.21 6.06 3.24
C ALA A 100 -11.44 5.50 3.94
N GLN A 101 -12.42 5.07 3.15
CA GLN A 101 -13.65 4.50 3.69
C GLN A 101 -13.43 3.06 4.15
N CYS A 102 -12.18 2.63 4.16
CA CYS A 102 -11.83 1.27 4.57
C CYS A 102 -12.49 0.25 3.64
N ALA A 103 -12.38 0.50 2.34
CA ALA A 103 -12.96 -0.41 1.36
C ALA A 103 -12.13 -1.69 1.23
N PRO A 104 -12.78 -2.84 1.48
CA PRO A 104 -12.12 -4.15 1.41
C PRO A 104 -11.78 -4.54 -0.01
N GLY A 105 -10.49 -4.45 -0.36
CA GLY A 105 -10.04 -4.80 -1.69
C GLY A 105 -9.44 -3.63 -2.43
N VAL A 106 -10.20 -2.55 -2.56
CA VAL A 106 -9.71 -1.35 -3.26
C VAL A 106 -8.28 -1.03 -2.87
N VAL A 107 -8.03 -0.94 -1.56
CA VAL A 107 -6.69 -0.64 -1.06
C VAL A 107 -5.70 -1.70 -1.50
N GLU A 108 -6.08 -2.97 -1.36
CA GLU A 108 -5.22 -4.07 -1.75
C GLU A 108 -4.78 -3.95 -3.21
N LEU A 109 -5.75 -3.69 -4.09
CA LEU A 109 -5.46 -3.55 -5.51
C LEU A 109 -4.31 -2.56 -5.74
N VAL A 110 -4.04 -1.74 -4.74
CA VAL A 110 -2.97 -0.74 -4.83
C VAL A 110 -1.72 -1.23 -4.11
N LEU A 111 -1.90 -2.07 -3.10
CA LEU A 111 -0.78 -2.61 -2.34
C LEU A 111 -0.03 -3.66 -3.15
N ILE A 112 -0.76 -4.43 -3.94
CA ILE A 112 -0.15 -5.46 -4.77
C ILE A 112 0.95 -4.88 -5.65
N PRO A 113 0.59 -3.89 -6.48
CA PRO A 113 1.54 -3.23 -7.39
C PRO A 113 2.55 -2.38 -6.65
N LEU A 114 2.10 -1.72 -5.59
CA LEU A 114 2.97 -0.86 -4.79
C LEU A 114 4.31 -1.53 -4.53
N ARG A 115 4.26 -2.72 -3.94
CA ARG A 115 5.47 -3.47 -3.63
C ARG A 115 6.25 -3.79 -4.91
N GLN A 116 5.55 -4.31 -5.90
CA GLN A 116 6.17 -4.66 -7.18
C GLN A 116 7.07 -3.52 -7.67
N ARG A 117 6.55 -2.30 -7.59
CA ARG A 117 7.31 -1.14 -8.03
C ARG A 117 8.56 -0.93 -7.18
N LEU A 118 8.36 -0.84 -5.87
CA LEU A 118 9.46 -0.64 -4.94
C LEU A 118 10.67 -1.49 -5.36
N GLU A 119 10.42 -2.72 -5.76
CA GLU A 119 11.48 -3.61 -6.19
C GLU A 119 12.12 -3.13 -7.49
N GLU A 120 11.28 -2.73 -8.44
CA GLU A 120 11.75 -2.25 -9.73
C GLU A 120 12.92 -1.28 -9.55
N ARG A 121 12.79 -0.39 -8.58
CA ARG A 121 13.83 0.61 -8.31
C ARG A 121 15.08 -0.06 -7.76
N GLN A 122 14.89 -1.02 -6.85
CA GLN A 122 16.00 -1.73 -6.24
C GLN A 122 17.10 -1.99 -7.27
N ARG A 123 16.74 -2.57 -8.41
CA ARG A 123 17.69 -2.87 -9.46
C ARG A 123 17.93 -1.64 -10.34
N ARG A 124 16.85 -0.98 -10.72
CA ARG A 124 16.95 0.22 -11.56
C ARG A 124 18.21 1.00 -11.24
N ARG A 125 18.41 1.31 -9.97
CA ARG A 125 19.59 2.06 -9.54
C ARG A 125 20.70 1.12 -9.06
N LYS A 126 21.94 1.51 -9.31
CA LYS A 126 23.09 0.71 -8.90
C LYS A 126 23.01 0.36 -7.42
N GLN A 127 23.27 -0.91 -7.11
CA GLN A 127 23.24 -1.36 -5.72
C GLN A 127 24.61 -1.25 -5.07
N GLY A 1 -1.22 -20.95 10.63
CA GLY A 1 -1.80 -21.41 9.39
C GLY A 1 -0.85 -22.26 8.58
N SER A 2 -1.17 -22.44 7.29
CA SER A 2 -0.34 -23.24 6.41
C SER A 2 -0.62 -22.91 4.95
N SER A 3 0.12 -23.55 4.05
CA SER A 3 -0.05 -23.31 2.62
C SER A 3 0.65 -24.40 1.80
N GLY A 4 0.47 -24.36 0.49
CA GLY A 4 1.09 -25.35 -0.38
C GLY A 4 1.51 -24.76 -1.71
N SER A 5 2.28 -25.53 -2.47
CA SER A 5 2.77 -25.08 -3.78
C SER A 5 2.31 -26.02 -4.88
N SER A 6 1.54 -25.48 -5.83
CA SER A 6 1.03 -26.27 -6.95
C SER A 6 1.10 -25.47 -8.24
N GLY A 7 1.11 -26.19 -9.37
CA GLY A 7 1.16 -25.52 -10.66
C GLY A 7 -0.17 -25.55 -11.38
N MET A 8 -1.09 -24.68 -10.95
CA MET A 8 -2.41 -24.61 -11.57
C MET A 8 -2.76 -23.17 -11.91
N ALA A 9 -2.36 -22.74 -13.12
CA ALA A 9 -2.64 -21.39 -13.58
C ALA A 9 -4.14 -21.10 -13.56
N SER A 10 -4.51 -19.96 -12.99
CA SER A 10 -5.91 -19.57 -12.91
C SER A 10 -6.05 -18.11 -12.50
N SER A 11 -7.07 -17.45 -13.04
CA SER A 11 -7.31 -16.04 -12.73
C SER A 11 -7.18 -15.77 -11.23
N VAL A 12 -7.16 -14.50 -10.86
CA VAL A 12 -7.03 -14.11 -9.47
C VAL A 12 -8.06 -14.82 -8.60
N ASP A 13 -7.67 -15.16 -7.37
CA ASP A 13 -8.56 -15.86 -6.46
C ASP A 13 -8.27 -15.45 -5.01
N GLU A 14 -9.15 -15.83 -4.10
CA GLU A 14 -9.00 -15.51 -2.69
C GLU A 14 -7.56 -15.77 -2.23
N GLU A 15 -7.01 -16.91 -2.66
CA GLU A 15 -5.65 -17.28 -2.29
C GLU A 15 -4.66 -16.22 -2.74
N ALA A 16 -4.79 -15.78 -3.99
CA ALA A 16 -3.91 -14.76 -4.54
C ALA A 16 -3.68 -13.64 -3.53
N LEU A 17 -4.75 -13.18 -2.90
CA LEU A 17 -4.66 -12.10 -1.91
C LEU A 17 -3.71 -12.49 -0.77
N HIS A 18 -4.02 -13.58 -0.09
CA HIS A 18 -3.20 -14.05 1.01
C HIS A 18 -1.72 -13.81 0.74
N GLN A 19 -1.25 -14.31 -0.41
CA GLN A 19 0.14 -14.14 -0.79
C GLN A 19 0.66 -12.76 -0.41
N LEU A 20 -0.05 -11.72 -0.85
CA LEU A 20 0.34 -10.35 -0.55
C LEU A 20 0.35 -10.10 0.95
N TYR A 21 -0.67 -10.62 1.64
CA TYR A 21 -0.77 -10.45 3.09
C TYR A 21 0.47 -11.00 3.79
N LEU A 22 0.81 -12.25 3.48
CA LEU A 22 1.97 -12.90 4.09
C LEU A 22 3.22 -12.04 3.89
N TRP A 23 3.52 -11.70 2.64
CA TRP A 23 4.69 -10.88 2.32
C TRP A 23 4.87 -9.78 3.35
N VAL A 24 3.76 -9.21 3.81
CA VAL A 24 3.81 -8.13 4.80
C VAL A 24 4.52 -8.59 6.06
N ASP A 25 4.00 -9.65 6.68
CA ASP A 25 4.58 -10.19 7.90
C ASP A 25 6.11 -10.03 7.89
N ASN A 26 6.73 -10.50 6.82
CA ASN A 26 8.19 -10.42 6.69
C ASN A 26 8.70 -9.05 7.13
N ILE A 27 8.17 -8.01 6.50
CA ILE A 27 8.56 -6.64 6.81
C ILE A 27 8.07 -6.23 8.20
N PRO A 28 9.00 -5.82 9.07
CA PRO A 28 8.68 -5.39 10.44
C PRO A 28 7.93 -4.06 10.47
N LEU A 29 6.70 -4.10 10.98
CA LEU A 29 5.88 -2.91 11.07
C LEU A 29 5.24 -2.78 12.45
N SER A 30 5.50 -1.65 13.12
CA SER A 30 4.95 -1.42 14.45
C SER A 30 3.48 -1.03 14.37
N ARG A 31 2.60 -2.03 14.46
CA ARG A 31 1.17 -1.78 14.41
C ARG A 31 0.42 -2.78 15.27
N PRO A 32 -0.72 -2.35 15.83
CA PRO A 32 -1.56 -3.20 16.69
C PRO A 32 -2.25 -4.31 15.91
N LYS A 33 -2.38 -5.47 16.53
CA LYS A 33 -3.03 -6.62 15.90
C LYS A 33 -4.50 -6.69 16.27
N ARG A 34 -5.22 -5.58 16.06
CA ARG A 34 -6.65 -5.52 16.37
C ARG A 34 -7.47 -5.43 15.10
N ASN A 35 -7.06 -4.56 14.19
CA ASN A 35 -7.78 -4.38 12.93
C ASN A 35 -6.79 -4.21 11.78
N LEU A 36 -6.86 -5.13 10.82
CA LEU A 36 -5.98 -5.09 9.65
C LEU A 36 -6.49 -4.08 8.61
N SER A 37 -7.80 -4.14 8.34
CA SER A 37 -8.40 -3.24 7.37
C SER A 37 -8.16 -1.78 7.74
N ARG A 38 -8.42 -1.45 9.01
CA ARG A 38 -8.22 -0.09 9.49
C ARG A 38 -6.74 0.27 9.53
N ASP A 39 -5.92 -0.67 9.99
CA ASP A 39 -4.48 -0.46 10.06
C ASP A 39 -3.91 -0.01 8.73
N PHE A 40 -4.34 -0.69 7.66
CA PHE A 40 -3.87 -0.37 6.31
C PHE A 40 -4.61 0.85 5.76
N SER A 41 -5.94 0.84 5.88
CA SER A 41 -6.76 1.94 5.39
C SER A 41 -6.04 3.27 5.55
N ASP A 42 -5.33 3.42 6.67
CA ASP A 42 -4.60 4.64 6.96
C ASP A 42 -3.29 4.68 6.17
N GLY A 43 -3.10 5.76 5.39
CA GLY A 43 -1.89 5.89 4.61
C GLY A 43 -0.64 5.92 5.46
N VAL A 44 -0.73 6.56 6.61
CA VAL A 44 0.40 6.66 7.52
C VAL A 44 1.17 5.35 7.59
N LEU A 45 0.43 4.25 7.69
CA LEU A 45 1.05 2.93 7.77
C LEU A 45 1.73 2.57 6.45
N VAL A 46 1.00 2.74 5.35
CA VAL A 46 1.53 2.44 4.03
C VAL A 46 2.91 3.06 3.84
N ALA A 47 3.12 4.21 4.44
CA ALA A 47 4.41 4.91 4.34
C ALA A 47 5.53 4.07 4.94
N GLU A 48 5.32 3.58 6.16
CA GLU A 48 6.31 2.77 6.84
C GLU A 48 6.83 1.67 5.93
N VAL A 49 5.91 0.95 5.28
CA VAL A 49 6.27 -0.13 4.38
C VAL A 49 7.36 0.31 3.40
N ILE A 50 7.22 1.51 2.86
CA ILE A 50 8.19 2.06 1.92
C ILE A 50 9.55 2.24 2.58
N LYS A 51 9.55 2.70 3.83
CA LYS A 51 10.78 2.91 4.57
C LYS A 51 11.81 1.84 4.23
N PHE A 52 11.45 0.58 4.47
CA PHE A 52 12.34 -0.54 4.18
C PHE A 52 13.12 -0.30 2.88
N TYR A 53 12.40 0.12 1.85
CA TYR A 53 13.02 0.39 0.56
C TYR A 53 13.58 1.81 0.49
N PHE A 54 12.68 2.79 0.55
CA PHE A 54 13.09 4.19 0.49
C PHE A 54 12.57 4.95 1.71
N PRO A 55 13.47 5.25 2.65
CA PRO A 55 13.13 5.98 3.88
C PRO A 55 12.79 7.44 3.60
N LYS A 56 13.59 8.08 2.77
CA LYS A 56 13.36 9.49 2.42
C LYS A 56 11.97 9.68 1.84
N MET A 57 11.58 8.80 0.94
CA MET A 57 10.27 8.88 0.30
C MET A 57 9.16 8.86 1.35
N VAL A 58 9.29 7.99 2.34
CA VAL A 58 8.31 7.87 3.41
C VAL A 58 7.73 9.25 3.77
N GLU A 59 8.59 10.13 4.24
CA GLU A 59 8.17 11.48 4.62
C GLU A 59 7.05 11.43 5.65
N MET A 60 7.21 10.57 6.66
CA MET A 60 6.22 10.42 7.71
C MET A 60 6.05 11.71 8.49
N HIS A 61 7.17 12.27 8.94
CA HIS A 61 7.15 13.51 9.71
C HIS A 61 6.21 14.52 9.07
N ASN A 62 6.11 14.49 7.75
CA ASN A 62 5.24 15.41 7.02
C ASN A 62 3.78 15.11 7.32
N TYR A 63 3.38 13.86 7.10
CA TYR A 63 2.00 13.46 7.34
C TYR A 63 1.72 13.29 8.83
N VAL A 64 0.44 13.21 9.18
CA VAL A 64 0.05 13.06 10.58
C VAL A 64 -1.22 12.22 10.69
N PRO A 65 -1.16 11.21 11.58
CA PRO A 65 -2.30 10.31 11.81
C PRO A 65 -3.47 11.01 12.52
N ALA A 66 -4.68 10.53 12.26
CA ALA A 66 -5.86 11.12 12.87
C ALA A 66 -6.97 10.06 13.04
N ASN A 67 -8.07 10.47 13.63
CA ASN A 67 -9.19 9.56 13.86
C ASN A 67 -10.24 9.70 12.76
N SER A 68 -10.60 10.94 12.45
CA SER A 68 -11.60 11.22 11.43
C SER A 68 -11.07 10.85 10.04
N LEU A 69 -11.98 10.67 9.09
CA LEU A 69 -11.60 10.32 7.73
C LEU A 69 -11.05 11.54 6.98
N GLN A 70 -11.73 12.67 7.13
CA GLN A 70 -11.32 13.90 6.48
C GLN A 70 -9.79 13.99 6.40
N GLN A 71 -9.15 13.77 7.54
CA GLN A 71 -7.69 13.83 7.61
C GLN A 71 -7.05 12.72 6.78
N LYS A 72 -7.44 11.48 7.08
CA LYS A 72 -6.91 10.33 6.36
C LYS A 72 -6.74 10.64 4.88
N LEU A 73 -7.85 10.99 4.22
CA LEU A 73 -7.83 11.31 2.80
C LEU A 73 -6.82 12.42 2.52
N SER A 74 -6.90 13.50 3.28
CA SER A 74 -5.99 14.63 3.11
C SER A 74 -4.56 14.16 2.92
N ASN A 75 -4.10 13.31 3.83
CA ASN A 75 -2.74 12.78 3.77
C ASN A 75 -2.53 11.97 2.49
N TRP A 76 -3.42 11.00 2.26
CA TRP A 76 -3.33 10.15 1.08
C TRP A 76 -3.12 10.98 -0.17
N GLY A 77 -3.96 12.00 -0.35
CA GLY A 77 -3.86 12.87 -1.51
C GLY A 77 -2.44 13.36 -1.74
N HIS A 78 -1.86 13.96 -0.70
CA HIS A 78 -0.50 14.48 -0.79
C HIS A 78 0.49 13.38 -1.17
N LEU A 79 0.20 12.16 -0.73
CA LEU A 79 1.06 11.02 -1.03
C LEU A 79 1.04 10.69 -2.51
N ASN A 80 -0.04 11.08 -3.18
CA ASN A 80 -0.19 10.83 -4.61
C ASN A 80 0.75 11.73 -5.42
N ARG A 81 1.04 12.91 -4.88
CA ARG A 81 1.91 13.86 -5.55
C ARG A 81 3.25 13.98 -4.82
N LYS A 82 3.40 13.19 -3.76
CA LYS A 82 4.63 13.21 -2.97
C LYS A 82 5.38 11.89 -3.09
N VAL A 83 4.63 10.81 -3.32
CA VAL A 83 5.22 9.49 -3.46
C VAL A 83 4.85 8.86 -4.80
N LEU A 84 3.58 8.50 -4.95
CA LEU A 84 3.10 7.89 -6.18
C LEU A 84 3.82 8.46 -7.40
N LYS A 85 3.67 9.77 -7.60
CA LYS A 85 4.31 10.44 -8.73
C LYS A 85 5.74 9.94 -8.92
N ARG A 86 6.53 10.02 -7.86
CA ARG A 86 7.93 9.58 -7.91
C ARG A 86 8.03 8.18 -8.53
N LEU A 87 7.03 7.35 -8.25
CA LEU A 87 7.00 5.99 -8.78
C LEU A 87 6.12 5.89 -10.02
N ASN A 88 6.07 6.99 -10.78
CA ASN A 88 5.26 7.02 -11.99
C ASN A 88 3.92 6.32 -11.79
N PHE A 89 3.37 6.46 -10.59
CA PHE A 89 2.09 5.84 -10.26
C PHE A 89 0.97 6.87 -10.23
N SER A 90 -0.19 6.50 -10.77
CA SER A 90 -1.34 7.40 -10.80
C SER A 90 -2.59 6.70 -10.28
N VAL A 91 -3.38 7.44 -9.49
CA VAL A 91 -4.61 6.88 -8.92
C VAL A 91 -5.71 7.94 -8.88
N PRO A 92 -6.88 7.60 -9.43
CA PRO A 92 -8.03 8.50 -9.46
C PRO A 92 -8.63 8.72 -8.07
N ASP A 93 -9.02 9.96 -7.81
CA ASP A 93 -9.62 10.31 -6.52
C ASP A 93 -10.61 9.24 -6.06
N ASP A 94 -11.40 8.75 -7.00
CA ASP A 94 -12.39 7.72 -6.69
C ASP A 94 -11.77 6.59 -5.88
N VAL A 95 -10.68 6.03 -6.40
CA VAL A 95 -9.99 4.93 -5.72
C VAL A 95 -9.58 5.34 -4.31
N MET A 96 -9.05 6.55 -4.17
CA MET A 96 -8.62 7.06 -2.88
C MET A 96 -9.78 7.07 -1.88
N ARG A 97 -10.94 7.55 -2.33
CA ARG A 97 -12.12 7.61 -1.47
C ARG A 97 -12.34 6.28 -0.77
N LYS A 98 -12.27 5.19 -1.52
CA LYS A 98 -12.46 3.86 -0.98
C LYS A 98 -11.42 3.55 0.10
N ILE A 99 -10.15 3.62 -0.28
CA ILE A 99 -9.06 3.36 0.64
C ILE A 99 -9.34 3.97 2.02
N ALA A 100 -9.56 5.27 2.04
CA ALA A 100 -9.84 5.98 3.28
C ALA A 100 -11.04 5.36 4.00
N GLN A 101 -11.94 4.75 3.24
CA GLN A 101 -13.12 4.12 3.81
C GLN A 101 -12.81 2.69 4.25
N CYS A 102 -11.58 2.46 4.68
CA CYS A 102 -11.16 1.14 5.13
C CYS A 102 -11.83 0.05 4.30
N ALA A 103 -11.74 0.19 2.99
CA ALA A 103 -12.34 -0.79 2.08
C ALA A 103 -11.35 -1.90 1.75
N PRO A 104 -11.72 -3.15 2.09
CA PRO A 104 -10.89 -4.32 1.83
C PRO A 104 -10.78 -4.65 0.34
N GLY A 105 -9.59 -5.02 -0.09
CA GLY A 105 -9.38 -5.36 -1.49
C GLY A 105 -9.02 -4.15 -2.33
N VAL A 106 -9.57 -3.00 -1.96
CA VAL A 106 -9.32 -1.76 -2.69
C VAL A 106 -7.84 -1.37 -2.63
N VAL A 107 -7.37 -1.09 -1.41
CA VAL A 107 -5.97 -0.71 -1.21
C VAL A 107 -5.03 -1.79 -1.74
N GLU A 108 -5.46 -3.04 -1.65
CA GLU A 108 -4.66 -4.16 -2.11
C GLU A 108 -4.28 -3.99 -3.58
N LEU A 109 -5.26 -3.64 -4.40
CA LEU A 109 -5.03 -3.43 -5.82
C LEU A 109 -3.82 -2.53 -6.06
N VAL A 110 -3.57 -1.63 -5.12
CA VAL A 110 -2.44 -0.71 -5.22
C VAL A 110 -1.22 -1.25 -4.49
N LEU A 111 -1.46 -2.11 -3.51
CA LEU A 111 -0.38 -2.71 -2.73
C LEU A 111 0.43 -3.68 -3.58
N ILE A 112 -0.26 -4.47 -4.39
CA ILE A 112 0.39 -5.45 -5.25
C ILE A 112 1.49 -4.79 -6.10
N PRO A 113 1.09 -3.77 -6.88
CA PRO A 113 2.02 -3.04 -7.75
C PRO A 113 3.00 -2.18 -6.95
N LEU A 114 2.59 -1.81 -5.74
CA LEU A 114 3.44 -0.98 -4.88
C LEU A 114 4.81 -1.62 -4.68
N ARG A 115 4.84 -2.72 -3.92
CA ARG A 115 6.08 -3.42 -3.66
C ARG A 115 6.89 -3.62 -4.94
N GLN A 116 6.22 -4.09 -5.99
CA GLN A 116 6.87 -4.32 -7.27
C GLN A 116 7.77 -3.15 -7.64
N ARG A 117 7.22 -1.94 -7.61
CA ARG A 117 7.96 -0.74 -7.94
C ARG A 117 9.09 -0.50 -6.94
N LEU A 118 8.77 -0.65 -5.65
CA LEU A 118 9.76 -0.46 -4.60
C LEU A 118 11.03 -1.24 -4.89
N GLU A 119 10.89 -2.54 -5.11
CA GLU A 119 12.04 -3.40 -5.40
C GLU A 119 12.62 -3.06 -6.77
N GLU A 120 11.75 -2.83 -7.74
CA GLU A 120 12.18 -2.50 -9.10
C GLU A 120 13.27 -1.43 -9.07
N ARG A 121 13.02 -0.36 -8.34
CA ARG A 121 13.98 0.74 -8.24
C ARG A 121 15.20 0.32 -7.43
N GLN A 122 14.94 -0.32 -6.28
CA GLN A 122 16.02 -0.76 -5.41
C GLN A 122 17.21 -1.29 -6.22
N ARG A 123 17.00 -2.44 -6.86
CA ARG A 123 18.05 -3.05 -7.67
C ARG A 123 18.59 -2.06 -8.71
N ARG A 124 19.63 -2.47 -9.43
CA ARG A 124 20.23 -1.62 -10.44
C ARG A 124 20.92 -2.47 -11.51
N ARG A 125 21.36 -1.81 -12.58
CA ARG A 125 22.04 -2.50 -13.67
C ARG A 125 23.33 -3.16 -13.20
N LYS A 126 23.83 -4.11 -13.97
CA LYS A 126 25.05 -4.82 -13.62
C LYS A 126 25.98 -4.91 -14.83
N GLN A 127 27.17 -5.48 -14.62
CA GLN A 127 28.15 -5.64 -15.68
C GLN A 127 27.47 -5.92 -17.02
N GLY A 1 -29.05 11.74 -20.00
CA GLY A 1 -28.45 11.27 -18.76
C GLY A 1 -27.34 10.26 -18.99
N SER A 2 -26.83 9.69 -17.90
CA SER A 2 -25.76 8.70 -17.99
C SER A 2 -26.01 7.55 -17.02
N SER A 3 -25.43 6.39 -17.32
CA SER A 3 -25.59 5.22 -16.48
C SER A 3 -24.23 4.66 -16.07
N GLY A 4 -24.21 3.89 -14.98
CA GLY A 4 -22.98 3.32 -14.50
C GLY A 4 -22.88 1.83 -14.78
N SER A 5 -22.32 1.09 -13.83
CA SER A 5 -22.17 -0.35 -13.97
C SER A 5 -23.27 -1.09 -13.22
N SER A 6 -24.22 -1.64 -13.97
CA SER A 6 -25.33 -2.38 -13.37
C SER A 6 -24.86 -3.72 -12.81
N GLY A 7 -24.04 -4.42 -13.58
CA GLY A 7 -23.53 -5.71 -13.15
C GLY A 7 -22.40 -5.57 -12.14
N MET A 8 -21.78 -6.70 -11.81
CA MET A 8 -20.67 -6.70 -10.85
C MET A 8 -19.49 -7.52 -11.39
N ALA A 9 -18.39 -7.53 -10.65
CA ALA A 9 -17.21 -8.26 -11.05
C ALA A 9 -16.65 -9.08 -9.88
N SER A 10 -15.66 -9.92 -10.18
CA SER A 10 -15.05 -10.75 -9.15
C SER A 10 -13.56 -10.97 -9.45
N SER A 11 -12.72 -10.58 -8.50
CA SER A 11 -11.27 -10.73 -8.65
C SER A 11 -10.55 -10.43 -7.34
N VAL A 12 -9.35 -11.00 -7.19
CA VAL A 12 -8.56 -10.78 -5.99
C VAL A 12 -9.20 -11.45 -4.78
N ASP A 13 -9.80 -12.61 -5.00
CA ASP A 13 -10.46 -13.35 -3.93
C ASP A 13 -9.48 -13.62 -2.79
N GLU A 14 -10.02 -14.08 -1.65
CA GLU A 14 -9.20 -14.38 -0.49
C GLU A 14 -7.84 -14.93 -0.91
N GLU A 15 -7.86 -15.94 -1.77
CA GLU A 15 -6.63 -16.56 -2.26
C GLU A 15 -5.63 -15.50 -2.72
N ALA A 16 -6.09 -14.60 -3.58
CA ALA A 16 -5.24 -13.54 -4.09
C ALA A 16 -4.70 -12.66 -2.96
N LEU A 17 -5.59 -12.26 -2.07
CA LEU A 17 -5.21 -11.41 -0.94
C LEU A 17 -4.09 -12.07 -0.13
N HIS A 18 -4.34 -13.29 0.34
CA HIS A 18 -3.35 -14.02 1.12
C HIS A 18 -1.93 -13.71 0.64
N GLN A 19 -1.69 -13.96 -0.65
CA GLN A 19 -0.37 -13.71 -1.23
C GLN A 19 0.27 -12.47 -0.63
N LEU A 20 -0.48 -11.37 -0.59
CA LEU A 20 0.01 -10.12 -0.03
C LEU A 20 0.28 -10.26 1.46
N TYR A 21 -0.72 -10.74 2.20
CA TYR A 21 -0.59 -10.92 3.64
C TYR A 21 0.75 -11.56 4.00
N LEU A 22 1.17 -12.53 3.18
CA LEU A 22 2.43 -13.22 3.39
C LEU A 22 3.61 -12.27 3.28
N TRP A 23 3.65 -11.51 2.19
CA TRP A 23 4.71 -10.54 1.96
C TRP A 23 4.84 -9.57 3.12
N VAL A 24 3.78 -8.80 3.36
CA VAL A 24 3.77 -7.84 4.46
C VAL A 24 4.36 -8.44 5.72
N ASP A 25 3.89 -9.63 6.08
CA ASP A 25 4.38 -10.31 7.27
C ASP A 25 5.90 -10.25 7.36
N ASN A 26 6.57 -10.65 6.29
CA ASN A 26 8.03 -10.63 6.24
C ASN A 26 8.58 -9.30 6.73
N ILE A 27 8.10 -8.22 6.13
CA ILE A 27 8.55 -6.87 6.51
C ILE A 27 8.23 -6.59 7.98
N PRO A 28 9.29 -6.48 8.79
CA PRO A 28 9.15 -6.20 10.23
C PRO A 28 8.67 -4.78 10.50
N LEU A 29 7.45 -4.67 11.02
CA LEU A 29 6.87 -3.37 11.34
C LEU A 29 6.37 -3.32 12.78
N SER A 30 6.87 -2.37 13.54
CA SER A 30 6.48 -2.21 14.94
C SER A 30 5.01 -1.82 15.05
N ARG A 31 4.13 -2.82 15.15
CA ARG A 31 2.70 -2.58 15.26
C ARG A 31 1.95 -3.88 15.53
N PRO A 32 0.89 -3.79 16.34
CA PRO A 32 0.06 -4.95 16.70
C PRO A 32 -0.76 -5.46 15.52
N LYS A 33 -0.55 -4.85 14.36
CA LYS A 33 -1.27 -5.25 13.15
C LYS A 33 -2.66 -5.78 13.49
N ARG A 34 -3.31 -5.15 14.46
CA ARG A 34 -4.64 -5.57 14.89
C ARG A 34 -5.54 -5.81 13.68
N ASN A 35 -5.31 -5.05 12.62
CA ASN A 35 -6.10 -5.18 11.40
C ASN A 35 -5.32 -4.70 10.19
N LEU A 36 -5.14 -5.60 9.22
CA LEU A 36 -4.40 -5.27 8.00
C LEU A 36 -5.14 -4.21 7.18
N SER A 37 -6.47 -4.23 7.26
CA SER A 37 -7.28 -3.28 6.52
C SER A 37 -7.26 -1.91 7.20
N ARG A 38 -7.40 -1.91 8.53
CA ARG A 38 -7.40 -0.68 9.30
C ARG A 38 -5.99 -0.10 9.40
N ASP A 39 -5.10 -0.84 10.04
CA ASP A 39 -3.72 -0.40 10.21
C ASP A 39 -3.23 0.32 8.96
N PHE A 40 -3.26 -0.37 7.83
CA PHE A 40 -2.82 0.20 6.56
C PHE A 40 -3.64 1.44 6.21
N SER A 41 -4.96 1.33 6.37
CA SER A 41 -5.86 2.43 6.06
C SER A 41 -5.21 3.76 6.38
N ASP A 42 -4.48 3.81 7.49
CA ASP A 42 -3.81 5.04 7.91
C ASP A 42 -2.51 5.24 7.13
N GLY A 43 -2.62 5.91 5.99
CA GLY A 43 -1.45 6.15 5.16
C GLY A 43 -0.19 6.37 5.99
N VAL A 44 -0.32 7.15 7.06
CA VAL A 44 0.81 7.44 7.93
C VAL A 44 1.71 6.22 8.07
N LEU A 45 1.10 5.07 8.36
CA LEU A 45 1.85 3.82 8.52
C LEU A 45 2.46 3.37 7.20
N VAL A 46 1.65 3.37 6.15
CA VAL A 46 2.11 2.97 4.83
C VAL A 46 3.51 3.49 4.56
N ALA A 47 3.70 4.80 4.69
CA ALA A 47 5.00 5.41 4.46
C ALA A 47 6.13 4.56 5.03
N GLU A 48 5.95 4.09 6.26
CA GLU A 48 6.94 3.25 6.92
C GLU A 48 7.37 2.11 6.01
N VAL A 49 6.40 1.42 5.43
CA VAL A 49 6.68 0.30 4.54
C VAL A 49 7.76 0.65 3.54
N ILE A 50 7.55 1.73 2.79
CA ILE A 50 8.52 2.18 1.80
C ILE A 50 9.93 2.21 2.37
N LYS A 51 10.05 2.73 3.60
CA LYS A 51 11.34 2.81 4.26
C LYS A 51 12.21 1.60 3.95
N PHE A 52 11.71 0.42 4.30
CA PHE A 52 12.43 -0.83 4.05
C PHE A 52 13.17 -0.77 2.72
N TYR A 53 12.51 -0.22 1.71
CA TYR A 53 13.09 -0.11 0.38
C TYR A 53 13.99 1.13 0.28
N PHE A 54 13.38 2.29 0.52
CA PHE A 54 14.12 3.55 0.46
C PHE A 54 13.85 4.40 1.69
N PRO A 55 14.89 4.62 2.50
CA PRO A 55 14.80 5.41 3.73
C PRO A 55 14.59 6.89 3.44
N LYS A 56 15.43 7.45 2.58
CA LYS A 56 15.34 8.86 2.22
C LYS A 56 13.93 9.20 1.71
N MET A 57 13.55 8.57 0.61
CA MET A 57 12.23 8.79 0.02
C MET A 57 11.18 9.03 1.11
N VAL A 58 11.22 8.20 2.16
CA VAL A 58 10.28 8.33 3.25
C VAL A 58 10.59 9.55 4.12
N GLU A 59 9.81 10.61 3.94
CA GLU A 59 10.00 11.83 4.69
C GLU A 59 8.94 11.98 5.77
N MET A 60 8.84 10.97 6.63
CA MET A 60 7.87 10.98 7.73
C MET A 60 8.05 12.20 8.61
N HIS A 61 7.30 12.25 9.71
CA HIS A 61 7.39 13.37 10.64
C HIS A 61 6.78 14.64 10.04
N ASN A 62 5.87 14.45 9.09
CA ASN A 62 5.20 15.57 8.44
C ASN A 62 3.69 15.36 8.38
N TYR A 63 3.28 14.12 8.15
CA TYR A 63 1.87 13.78 8.07
C TYR A 63 1.20 13.89 9.43
N VAL A 64 -0.12 13.73 9.46
CA VAL A 64 -0.87 13.81 10.70
C VAL A 64 -1.93 12.71 10.76
N PRO A 65 -1.93 11.95 11.87
CA PRO A 65 -2.88 10.86 12.08
C PRO A 65 -4.29 11.36 12.33
N ALA A 66 -5.28 10.51 12.05
CA ALA A 66 -6.67 10.88 12.25
C ALA A 66 -7.57 9.65 12.19
N ASN A 67 -8.88 9.86 12.37
CA ASN A 67 -9.84 8.76 12.35
C ASN A 67 -10.99 9.09 11.39
N SER A 68 -11.44 10.33 11.41
CA SER A 68 -12.55 10.77 10.56
C SER A 68 -12.26 10.41 9.10
N LEU A 69 -13.23 10.71 8.24
CA LEU A 69 -13.09 10.44 6.81
C LEU A 69 -12.45 11.60 6.08
N GLN A 70 -13.07 12.78 6.19
CA GLN A 70 -12.56 13.98 5.54
C GLN A 70 -11.04 14.06 5.66
N GLN A 71 -10.54 13.81 6.86
CA GLN A 71 -9.11 13.85 7.11
C GLN A 71 -8.37 12.80 6.30
N LYS A 72 -8.73 11.54 6.50
CA LYS A 72 -8.12 10.43 5.78
C LYS A 72 -7.80 10.83 4.35
N LEU A 73 -8.84 11.05 3.55
CA LEU A 73 -8.67 11.44 2.16
C LEU A 73 -7.55 12.47 2.00
N SER A 74 -7.53 13.43 2.93
CA SER A 74 -6.51 14.48 2.89
C SER A 74 -5.11 13.88 2.83
N ASN A 75 -4.83 12.94 3.74
CA ASN A 75 -3.53 12.29 3.79
C ASN A 75 -3.25 11.54 2.49
N TRP A 76 -4.12 10.60 2.15
CA TRP A 76 -3.96 9.82 0.93
C TRP A 76 -3.70 10.73 -0.27
N GLY A 77 -4.56 11.72 -0.45
CA GLY A 77 -4.40 12.64 -1.57
C GLY A 77 -2.98 13.15 -1.69
N HIS A 78 -2.40 13.59 -0.56
CA HIS A 78 -1.04 14.11 -0.55
C HIS A 78 -0.04 13.02 -0.90
N LEU A 79 -0.07 11.93 -0.14
CA LEU A 79 0.85 10.81 -0.37
C LEU A 79 0.79 10.36 -1.82
N ASN A 80 -0.26 10.75 -2.53
CA ASN A 80 -0.42 10.40 -3.93
C ASN A 80 0.53 11.19 -4.82
N ARG A 81 0.68 12.48 -4.51
CA ARG A 81 1.57 13.34 -5.28
C ARG A 81 2.83 13.65 -4.50
N LYS A 82 2.89 13.17 -3.26
CA LYS A 82 4.05 13.41 -2.40
C LYS A 82 4.98 12.19 -2.41
N VAL A 83 4.38 11.00 -2.42
CA VAL A 83 5.14 9.76 -2.43
C VAL A 83 4.98 9.02 -3.75
N LEU A 84 3.82 8.38 -3.93
CA LEU A 84 3.54 7.64 -5.15
C LEU A 84 4.13 8.34 -6.36
N LYS A 85 3.87 9.64 -6.47
CA LYS A 85 4.38 10.42 -7.59
C LYS A 85 5.78 9.96 -8.00
N ARG A 86 6.67 9.86 -7.02
CA ARG A 86 8.04 9.44 -7.27
C ARG A 86 8.06 8.04 -7.88
N LEU A 87 7.16 7.17 -7.42
CA LEU A 87 7.08 5.80 -7.92
C LEU A 87 6.24 5.75 -9.19
N ASN A 88 6.25 6.83 -9.96
CA ASN A 88 5.49 6.90 -11.20
C ASN A 88 4.15 6.17 -11.05
N PHE A 89 3.53 6.32 -9.89
CA PHE A 89 2.25 5.68 -9.62
C PHE A 89 1.15 6.72 -9.43
N SER A 90 0.08 6.60 -10.21
CA SER A 90 -1.03 7.54 -10.14
C SER A 90 -2.33 6.81 -9.79
N VAL A 91 -3.16 7.44 -8.97
CA VAL A 91 -4.42 6.85 -8.56
C VAL A 91 -5.55 7.88 -8.59
N PRO A 92 -6.65 7.53 -9.27
CA PRO A 92 -7.81 8.42 -9.39
C PRO A 92 -8.55 8.59 -8.07
N ASP A 93 -9.06 9.78 -7.82
CA ASP A 93 -9.80 10.07 -6.60
C ASP A 93 -10.77 8.95 -6.28
N ASP A 94 -11.32 8.33 -7.31
CA ASP A 94 -12.27 7.22 -7.13
C ASP A 94 -11.68 6.15 -6.23
N VAL A 95 -10.56 5.56 -6.66
CA VAL A 95 -9.90 4.52 -5.90
C VAL A 95 -9.46 5.03 -4.53
N MET A 96 -8.96 6.26 -4.50
CA MET A 96 -8.51 6.87 -3.25
C MET A 96 -9.63 6.90 -2.23
N ARG A 97 -10.81 7.36 -2.65
CA ARG A 97 -11.96 7.46 -1.77
C ARG A 97 -12.18 6.13 -1.02
N LYS A 98 -12.42 5.07 -1.78
CA LYS A 98 -12.65 3.75 -1.19
C LYS A 98 -11.57 3.42 -0.16
N ILE A 99 -10.31 3.46 -0.60
CA ILE A 99 -9.20 3.16 0.29
C ILE A 99 -9.40 3.81 1.66
N ALA A 100 -9.54 5.13 1.67
CA ALA A 100 -9.73 5.87 2.91
C ALA A 100 -10.97 5.36 3.65
N GLN A 101 -11.92 4.80 2.92
CA GLN A 101 -13.14 4.28 3.51
C GLN A 101 -12.96 2.83 3.95
N CYS A 102 -11.74 2.50 4.36
CA CYS A 102 -11.42 1.14 4.81
C CYS A 102 -12.24 0.12 4.03
N ALA A 103 -12.34 0.32 2.72
CA ALA A 103 -13.09 -0.60 1.87
C ALA A 103 -12.35 -1.92 1.70
N PRO A 104 -13.12 -3.02 1.62
CA PRO A 104 -12.55 -4.36 1.46
C PRO A 104 -11.94 -4.57 0.08
N GLY A 105 -10.81 -5.28 0.04
CA GLY A 105 -10.14 -5.54 -1.22
C GLY A 105 -10.09 -4.31 -2.11
N VAL A 106 -9.44 -3.26 -1.63
CA VAL A 106 -9.31 -2.02 -2.38
C VAL A 106 -7.87 -1.51 -2.37
N VAL A 107 -7.38 -1.17 -1.19
CA VAL A 107 -6.02 -0.67 -1.05
C VAL A 107 -5.01 -1.69 -1.54
N GLU A 108 -5.33 -2.96 -1.36
CA GLU A 108 -4.45 -4.04 -1.79
C GLU A 108 -4.09 -3.90 -3.27
N LEU A 109 -5.10 -3.64 -4.09
CA LEU A 109 -4.90 -3.48 -5.53
C LEU A 109 -3.68 -2.62 -5.82
N VAL A 110 -3.40 -1.69 -4.91
CA VAL A 110 -2.25 -0.80 -5.08
C VAL A 110 -1.02 -1.35 -4.36
N LEU A 111 -1.25 -2.13 -3.31
CA LEU A 111 -0.17 -2.73 -2.54
C LEU A 111 0.52 -3.83 -3.35
N ILE A 112 -0.26 -4.57 -4.12
CA ILE A 112 0.28 -5.65 -4.93
C ILE A 112 1.35 -5.14 -5.90
N PRO A 113 0.97 -4.17 -6.74
CA PRO A 113 1.89 -3.57 -7.71
C PRO A 113 2.96 -2.72 -7.05
N LEU A 114 2.69 -2.26 -5.83
CA LEU A 114 3.62 -1.44 -5.09
C LEU A 114 5.00 -2.08 -5.04
N ARG A 115 5.11 -3.17 -4.30
CA ARG A 115 6.38 -3.89 -4.17
C ARG A 115 7.02 -4.11 -5.54
N GLN A 116 6.22 -4.58 -6.49
CA GLN A 116 6.72 -4.84 -7.84
C GLN A 116 7.56 -3.67 -8.34
N ARG A 117 6.94 -2.49 -8.43
CA ARG A 117 7.63 -1.30 -8.89
C ARG A 117 8.85 -0.99 -8.02
N LEU A 118 8.63 -0.97 -6.71
CA LEU A 118 9.71 -0.69 -5.77
C LEU A 118 10.94 -1.53 -6.09
N GLU A 119 10.72 -2.80 -6.43
CA GLU A 119 11.81 -3.71 -6.76
C GLU A 119 12.69 -3.12 -7.87
N GLU A 120 12.04 -2.67 -8.94
CA GLU A 120 12.75 -2.10 -10.08
C GLU A 120 13.49 -0.83 -9.66
N ARG A 121 12.89 -0.06 -8.76
CA ARG A 121 13.50 1.18 -8.27
C ARG A 121 14.80 0.89 -7.54
N GLN A 122 14.88 -0.28 -6.92
CA GLN A 122 16.07 -0.67 -6.17
C GLN A 122 17.32 -0.58 -7.05
N ARG A 123 17.23 -1.13 -8.26
CA ARG A 123 18.35 -1.12 -9.20
C ARG A 123 18.29 0.12 -10.09
N ARG A 124 17.09 0.42 -10.59
CA ARG A 124 16.90 1.57 -11.46
C ARG A 124 17.68 1.41 -12.76
N ARG A 125 17.54 0.25 -13.39
CA ARG A 125 18.24 -0.03 -14.64
C ARG A 125 19.75 0.10 -14.47
N LYS A 126 20.25 -0.40 -13.34
CA LYS A 126 21.68 -0.34 -13.05
C LYS A 126 22.16 -1.64 -12.41
N GLN A 127 23.19 -2.23 -12.99
CA GLN A 127 23.74 -3.48 -12.47
C GLN A 127 24.01 -3.38 -10.97
N GLY A 1 -15.02 -24.23 -14.25
CA GLY A 1 -13.79 -24.54 -14.94
C GLY A 1 -13.81 -25.91 -15.60
N SER A 2 -14.71 -26.09 -16.56
CA SER A 2 -14.84 -27.37 -17.25
C SER A 2 -14.08 -27.33 -18.57
N SER A 3 -12.77 -27.56 -18.51
CA SER A 3 -11.93 -27.55 -19.70
C SER A 3 -10.57 -28.17 -19.40
N GLY A 4 -9.85 -28.53 -20.46
CA GLY A 4 -8.53 -29.14 -20.29
C GLY A 4 -7.57 -28.70 -21.37
N SER A 5 -7.03 -27.49 -21.22
CA SER A 5 -6.07 -26.96 -22.19
C SER A 5 -4.91 -26.26 -21.48
N SER A 6 -3.87 -25.95 -22.25
CA SER A 6 -2.70 -25.28 -21.70
C SER A 6 -3.10 -24.08 -20.84
N GLY A 7 -2.13 -23.54 -20.10
CA GLY A 7 -2.40 -22.40 -19.25
C GLY A 7 -3.17 -21.31 -19.96
N MET A 8 -3.61 -20.30 -19.21
CA MET A 8 -4.36 -19.19 -19.79
C MET A 8 -4.63 -18.13 -18.74
N ALA A 9 -4.50 -16.86 -19.14
CA ALA A 9 -4.72 -15.74 -18.22
C ALA A 9 -5.86 -16.06 -17.25
N SER A 10 -5.76 -15.51 -16.04
CA SER A 10 -6.76 -15.74 -15.01
C SER A 10 -6.91 -14.53 -14.11
N SER A 11 -8.07 -14.39 -13.48
CA SER A 11 -8.32 -13.27 -12.58
C SER A 11 -7.78 -13.55 -11.19
N VAL A 12 -7.88 -12.56 -10.30
CA VAL A 12 -7.41 -12.70 -8.94
C VAL A 12 -8.24 -13.71 -8.15
N ASP A 13 -7.58 -14.47 -7.29
CA ASP A 13 -8.26 -15.47 -6.48
C ASP A 13 -7.81 -15.40 -5.02
N GLU A 14 -8.48 -16.14 -4.17
CA GLU A 14 -8.15 -16.17 -2.75
C GLU A 14 -6.66 -16.46 -2.55
N GLU A 15 -6.15 -17.42 -3.29
CA GLU A 15 -4.74 -17.80 -3.20
C GLU A 15 -3.84 -16.61 -3.56
N ALA A 16 -4.15 -15.96 -4.67
CA ALA A 16 -3.37 -14.81 -5.12
C ALA A 16 -3.14 -13.82 -3.98
N LEU A 17 -4.22 -13.26 -3.47
CA LEU A 17 -4.14 -12.30 -2.37
C LEU A 17 -3.13 -12.76 -1.32
N HIS A 18 -3.29 -14.00 -0.87
CA HIS A 18 -2.39 -14.57 0.14
C HIS A 18 -0.97 -14.04 -0.04
N GLN A 19 -0.39 -14.29 -1.21
CA GLN A 19 0.96 -13.84 -1.52
C GLN A 19 1.22 -12.46 -0.92
N LEU A 20 0.35 -11.51 -1.24
CA LEU A 20 0.48 -10.14 -0.75
C LEU A 20 0.41 -10.11 0.77
N TYR A 21 -0.67 -10.66 1.32
CA TYR A 21 -0.86 -10.70 2.76
C TYR A 21 0.41 -11.18 3.47
N LEU A 22 1.06 -12.18 2.88
CA LEU A 22 2.28 -12.73 3.46
C LEU A 22 3.42 -11.71 3.41
N TRP A 23 3.71 -11.22 2.21
CA TRP A 23 4.78 -10.24 2.04
C TRP A 23 4.75 -9.20 3.16
N VAL A 24 3.56 -8.76 3.54
CA VAL A 24 3.40 -7.79 4.61
C VAL A 24 3.87 -8.35 5.95
N ASP A 25 3.43 -9.56 6.25
CA ASP A 25 3.79 -10.21 7.50
C ASP A 25 5.31 -10.27 7.66
N ASN A 26 6.01 -10.36 6.54
CA ASN A 26 7.47 -10.42 6.55
C ASN A 26 8.07 -9.14 7.14
N ILE A 27 7.66 -8.00 6.59
CA ILE A 27 8.16 -6.71 7.06
C ILE A 27 7.73 -6.46 8.51
N PRO A 28 8.66 -5.92 9.31
CA PRO A 28 8.41 -5.61 10.72
C PRO A 28 7.43 -4.45 10.90
N LEU A 29 6.22 -4.77 11.35
CA LEU A 29 5.19 -3.75 11.55
C LEU A 29 4.48 -3.96 12.89
N SER A 30 4.94 -3.24 13.91
CA SER A 30 4.35 -3.35 15.25
C SER A 30 2.89 -2.90 15.23
N ARG A 31 2.02 -3.77 14.74
CA ARG A 31 0.59 -3.45 14.67
C ARG A 31 -0.24 -4.64 15.15
N PRO A 32 -1.39 -4.34 15.79
CA PRO A 32 -2.30 -5.36 16.32
C PRO A 32 -3.01 -6.13 15.20
N LYS A 33 -4.03 -6.88 15.57
CA LYS A 33 -4.80 -7.66 14.61
C LYS A 33 -6.30 -7.48 14.85
N ARG A 34 -6.74 -6.24 14.91
CA ARG A 34 -8.15 -5.93 15.13
C ARG A 34 -8.83 -5.57 13.81
N ASN A 35 -8.11 -4.88 12.94
CA ASN A 35 -8.64 -4.47 11.65
C ASN A 35 -7.52 -4.25 10.64
N LEU A 36 -7.46 -5.12 9.63
CA LEU A 36 -6.44 -5.02 8.60
C LEU A 36 -6.74 -3.87 7.64
N SER A 37 -7.86 -3.98 6.94
CA SER A 37 -8.26 -2.95 5.98
C SER A 37 -8.05 -1.56 6.57
N ARG A 38 -8.55 -1.35 7.79
CA ARG A 38 -8.41 -0.06 8.46
C ARG A 38 -6.94 0.30 8.67
N ASP A 39 -6.26 -0.53 9.45
CA ASP A 39 -4.84 -0.30 9.73
C ASP A 39 -4.13 0.27 8.51
N PHE A 40 -4.42 -0.29 7.34
CA PHE A 40 -3.81 0.16 6.10
C PHE A 40 -4.43 1.47 5.62
N SER A 41 -5.75 1.58 5.76
CA SER A 41 -6.46 2.77 5.35
C SER A 41 -5.72 4.03 5.79
N ASP A 42 -4.90 3.90 6.83
CA ASP A 42 -4.13 5.01 7.34
C ASP A 42 -2.87 5.24 6.52
N GLY A 43 -2.97 6.13 5.54
CA GLY A 43 -1.83 6.43 4.69
C GLY A 43 -0.52 6.51 5.46
N VAL A 44 -0.61 7.01 6.69
CA VAL A 44 0.57 7.15 7.54
C VAL A 44 1.32 5.83 7.66
N LEU A 45 0.59 4.78 8.03
CA LEU A 45 1.17 3.45 8.19
C LEU A 45 1.80 2.98 6.88
N VAL A 46 1.13 3.28 5.77
CA VAL A 46 1.62 2.88 4.45
C VAL A 46 3.04 3.42 4.21
N ALA A 47 3.33 4.57 4.80
CA ALA A 47 4.64 5.19 4.65
C ALA A 47 5.73 4.32 5.26
N GLU A 48 5.43 3.75 6.43
CA GLU A 48 6.40 2.89 7.12
C GLU A 48 6.87 1.76 6.22
N VAL A 49 5.93 1.12 5.55
CA VAL A 49 6.25 0.01 4.65
C VAL A 49 7.35 0.40 3.67
N ILE A 50 7.34 1.67 3.26
CA ILE A 50 8.34 2.17 2.33
C ILE A 50 9.69 2.36 3.00
N LYS A 51 9.66 2.71 4.29
CA LYS A 51 10.88 2.92 5.06
C LYS A 51 11.85 1.76 4.85
N PHE A 52 11.34 0.54 4.94
CA PHE A 52 12.17 -0.64 4.77
C PHE A 52 12.95 -0.57 3.45
N TYR A 53 12.34 0.03 2.44
CA TYR A 53 12.98 0.17 1.14
C TYR A 53 13.83 1.44 1.07
N PHE A 54 13.16 2.59 1.06
CA PHE A 54 13.85 3.87 1.00
C PHE A 54 13.50 4.73 2.20
N PRO A 55 14.52 5.06 3.02
CA PRO A 55 14.34 5.89 4.21
C PRO A 55 14.02 7.34 3.87
N LYS A 56 14.22 7.71 2.61
CA LYS A 56 13.96 9.07 2.15
C LYS A 56 12.56 9.17 1.55
N MET A 57 12.23 8.24 0.65
CA MET A 57 10.92 8.23 0.01
C MET A 57 9.81 8.43 1.04
N VAL A 58 10.00 7.87 2.23
CA VAL A 58 9.01 7.97 3.29
C VAL A 58 8.60 9.42 3.51
N GLU A 59 9.55 10.26 3.92
CA GLU A 59 9.30 11.67 4.15
C GLU A 59 8.21 11.85 5.23
N MET A 60 8.39 11.15 6.35
CA MET A 60 7.44 11.23 7.45
C MET A 60 7.72 12.44 8.34
N HIS A 61 7.65 13.63 7.75
CA HIS A 61 7.91 14.86 8.49
C HIS A 61 6.67 15.77 8.49
N ASN A 62 6.03 15.87 7.33
CA ASN A 62 4.85 16.70 7.18
C ASN A 62 3.58 15.92 7.54
N TYR A 63 3.43 14.75 6.93
CA TYR A 63 2.27 13.91 7.18
C TYR A 63 1.98 13.82 8.68
N VAL A 64 0.70 13.69 9.02
CA VAL A 64 0.29 13.59 10.42
C VAL A 64 -0.90 12.65 10.58
N PRO A 65 -0.78 11.70 11.51
CA PRO A 65 -1.85 10.72 11.79
C PRO A 65 -3.06 11.36 12.44
N ALA A 66 -4.15 11.47 11.68
CA ALA A 66 -5.38 12.06 12.18
C ALA A 66 -6.37 10.98 12.60
N ASN A 67 -7.40 11.39 13.34
CA ASN A 67 -8.41 10.45 13.82
C ASN A 67 -9.66 10.50 12.94
N SER A 68 -10.01 11.70 12.51
CA SER A 68 -11.19 11.90 11.66
C SER A 68 -10.99 11.24 10.30
N LEU A 69 -11.97 11.42 9.41
CA LEU A 69 -11.90 10.85 8.07
C LEU A 69 -11.30 11.84 7.08
N GLN A 70 -12.04 12.91 6.79
CA GLN A 70 -11.59 13.93 5.87
C GLN A 70 -10.08 14.13 5.97
N GLN A 71 -9.60 14.41 7.18
CA GLN A 71 -8.18 14.61 7.41
C GLN A 71 -7.35 13.57 6.67
N LYS A 72 -7.51 12.31 7.04
CA LYS A 72 -6.78 11.23 6.40
C LYS A 72 -6.77 11.40 4.88
N LEU A 73 -7.96 11.49 4.30
CA LEU A 73 -8.09 11.66 2.85
C LEU A 73 -7.10 12.70 2.33
N SER A 74 -6.96 13.80 3.06
CA SER A 74 -6.04 14.86 2.68
C SER A 74 -4.63 14.32 2.48
N ASN A 75 -4.09 13.73 3.53
CA ASN A 75 -2.74 13.17 3.49
C ASN A 75 -2.54 12.33 2.22
N TRP A 76 -3.40 11.33 2.05
CA TRP A 76 -3.32 10.46 0.88
C TRP A 76 -3.07 11.27 -0.39
N GLY A 77 -3.96 12.22 -0.65
CA GLY A 77 -3.83 13.04 -1.84
C GLY A 77 -2.40 13.54 -2.04
N HIS A 78 -1.73 13.87 -0.94
CA HIS A 78 -0.36 14.36 -1.02
C HIS A 78 0.61 13.22 -1.32
N LEU A 79 0.37 12.07 -0.71
CA LEU A 79 1.22 10.90 -0.92
C LEU A 79 1.15 10.43 -2.37
N ASN A 80 0.14 10.91 -3.09
CA ASN A 80 -0.04 10.54 -4.49
C ASN A 80 0.85 11.38 -5.40
N ARG A 81 1.16 12.59 -4.95
CA ARG A 81 2.01 13.49 -5.72
C ARG A 81 3.37 13.65 -5.06
N LYS A 82 3.52 13.06 -3.88
CA LYS A 82 4.79 13.14 -3.15
C LYS A 82 5.53 11.81 -3.20
N VAL A 83 4.79 10.71 -3.15
CA VAL A 83 5.38 9.38 -3.19
C VAL A 83 5.01 8.66 -4.49
N LEU A 84 3.78 8.20 -4.57
CA LEU A 84 3.29 7.50 -5.76
C LEU A 84 3.93 8.07 -7.02
N LYS A 85 3.84 9.39 -7.18
CA LYS A 85 4.40 10.06 -8.33
C LYS A 85 5.79 9.52 -8.66
N ARG A 86 6.69 9.56 -7.69
CA ARG A 86 8.05 9.07 -7.88
C ARG A 86 8.03 7.61 -8.30
N LEU A 87 6.97 6.89 -7.95
CA LEU A 87 6.85 5.49 -8.30
C LEU A 87 5.96 5.31 -9.52
N ASN A 88 5.85 6.36 -10.33
CA ASN A 88 5.04 6.32 -11.54
C ASN A 88 3.67 5.69 -11.26
N PHE A 89 3.16 5.92 -10.05
CA PHE A 89 1.87 5.38 -9.66
C PHE A 89 0.83 6.48 -9.51
N SER A 90 -0.38 6.23 -9.98
CA SER A 90 -1.45 7.21 -9.89
C SER A 90 -2.75 6.56 -9.41
N VAL A 91 -3.54 7.31 -8.66
CA VAL A 91 -4.81 6.81 -8.14
C VAL A 91 -5.88 7.90 -8.14
N PRO A 92 -7.07 7.57 -8.64
CA PRO A 92 -8.20 8.50 -8.70
C PRO A 92 -8.77 8.83 -7.32
N ASP A 93 -9.85 9.58 -7.30
CA ASP A 93 -10.48 9.97 -6.04
C ASP A 93 -11.42 8.88 -5.55
N ASP A 94 -12.30 8.42 -6.43
CA ASP A 94 -13.26 7.37 -6.08
C ASP A 94 -12.59 6.28 -5.27
N VAL A 95 -11.37 5.91 -5.66
CA VAL A 95 -10.62 4.88 -4.96
C VAL A 95 -10.22 5.35 -3.56
N MET A 96 -9.57 6.51 -3.50
CA MET A 96 -9.13 7.06 -2.22
C MET A 96 -10.26 7.07 -1.20
N ARG A 97 -11.46 7.43 -1.66
CA ARG A 97 -12.63 7.48 -0.79
C ARG A 97 -12.90 6.12 -0.16
N LYS A 98 -12.71 5.06 -0.95
CA LYS A 98 -12.93 3.70 -0.48
C LYS A 98 -11.88 3.30 0.54
N ILE A 99 -10.61 3.45 0.17
CA ILE A 99 -9.51 3.11 1.06
C ILE A 99 -9.76 3.63 2.47
N ALA A 100 -9.83 4.95 2.61
CA ALA A 100 -10.07 5.57 3.92
C ALA A 100 -11.37 5.05 4.53
N GLN A 101 -12.21 4.44 3.70
CA GLN A 101 -13.48 3.91 4.18
C GLN A 101 -13.35 2.45 4.57
N CYS A 102 -12.11 1.99 4.70
CA CYS A 102 -11.84 0.61 5.08
C CYS A 102 -12.47 -0.36 4.08
N ALA A 103 -12.23 -0.12 2.80
CA ALA A 103 -12.77 -0.98 1.75
C ALA A 103 -11.78 -2.06 1.36
N PRO A 104 -12.17 -3.33 1.57
CA PRO A 104 -11.32 -4.48 1.23
C PRO A 104 -11.18 -4.68 -0.27
N GLY A 105 -9.99 -5.11 -0.69
CA GLY A 105 -9.74 -5.32 -2.10
C GLY A 105 -9.38 -4.04 -2.84
N VAL A 106 -9.63 -2.91 -2.19
CA VAL A 106 -9.33 -1.60 -2.78
C VAL A 106 -7.86 -1.23 -2.57
N VAL A 107 -7.53 -0.87 -1.34
CA VAL A 107 -6.16 -0.47 -1.00
C VAL A 107 -5.17 -1.52 -1.48
N GLU A 108 -5.53 -2.80 -1.34
CA GLU A 108 -4.66 -3.89 -1.75
C GLU A 108 -4.21 -3.71 -3.20
N LEU A 109 -5.17 -3.42 -4.07
CA LEU A 109 -4.87 -3.21 -5.49
C LEU A 109 -3.64 -2.34 -5.67
N VAL A 110 -3.35 -1.51 -4.67
CA VAL A 110 -2.21 -0.61 -4.71
C VAL A 110 -0.98 -1.26 -4.09
N LEU A 111 -1.21 -2.18 -3.15
CA LEU A 111 -0.12 -2.87 -2.47
C LEU A 111 0.55 -3.86 -3.41
N ILE A 112 -0.26 -4.56 -4.20
CA ILE A 112 0.26 -5.55 -5.15
C ILE A 112 1.37 -4.95 -6.01
N PRO A 113 1.04 -3.86 -6.73
CA PRO A 113 2.00 -3.18 -7.60
C PRO A 113 3.09 -2.46 -6.82
N LEU A 114 2.70 -1.84 -5.71
CA LEU A 114 3.65 -1.11 -4.86
C LEU A 114 4.96 -1.86 -4.75
N ARG A 115 4.89 -3.12 -4.34
CA ARG A 115 6.07 -3.95 -4.19
C ARG A 115 6.83 -4.06 -5.51
N GLN A 116 6.16 -4.57 -6.54
CA GLN A 116 6.77 -4.73 -7.85
C GLN A 116 7.69 -3.55 -8.16
N ARG A 117 7.16 -2.34 -8.02
CA ARG A 117 7.93 -1.13 -8.28
C ARG A 117 9.11 -1.01 -7.32
N LEU A 118 8.81 -1.13 -6.02
CA LEU A 118 9.85 -1.04 -5.01
C LEU A 118 11.03 -1.95 -5.32
N GLU A 119 10.72 -3.13 -5.86
CA GLU A 119 11.75 -4.10 -6.21
C GLU A 119 12.58 -3.61 -7.40
N GLU A 120 11.93 -2.88 -8.30
CA GLU A 120 12.60 -2.35 -9.48
C GLU A 120 13.43 -1.13 -9.13
N ARG A 121 12.91 -0.28 -8.25
CA ARG A 121 13.60 0.92 -7.83
C ARG A 121 14.92 0.58 -7.14
N GLN A 122 14.89 -0.43 -6.28
CA GLN A 122 16.08 -0.86 -5.55
C GLN A 122 17.28 -0.96 -6.48
N ARG A 123 17.02 -1.34 -7.73
CA ARG A 123 18.07 -1.48 -8.72
C ARG A 123 19.14 -0.39 -8.54
N ARG A 124 18.69 0.83 -8.29
CA ARG A 124 19.60 1.95 -8.09
C ARG A 124 20.58 1.67 -6.96
N ARG A 125 21.71 2.37 -6.97
CA ARG A 125 22.73 2.19 -5.94
C ARG A 125 22.89 3.46 -5.11
N LYS A 126 23.62 3.34 -4.00
CA LYS A 126 23.84 4.47 -3.12
C LYS A 126 25.33 4.66 -2.84
N GLN A 127 26.16 3.86 -3.51
CA GLN A 127 27.60 3.94 -3.33
C GLN A 127 28.15 5.24 -3.90
N GLY A 1 -26.36 -17.50 -14.84
CA GLY A 1 -27.29 -16.39 -14.86
C GLY A 1 -28.16 -16.32 -13.62
N SER A 2 -28.70 -17.46 -13.21
CA SER A 2 -29.55 -17.54 -12.03
C SER A 2 -28.76 -18.02 -10.82
N SER A 3 -28.04 -19.12 -10.99
CA SER A 3 -27.24 -19.68 -9.91
C SER A 3 -26.30 -20.76 -10.44
N GLY A 4 -25.43 -21.27 -9.57
CA GLY A 4 -24.49 -22.30 -9.97
C GLY A 4 -23.89 -22.04 -11.33
N SER A 5 -23.50 -20.79 -11.58
CA SER A 5 -22.92 -20.41 -12.86
C SER A 5 -21.69 -21.27 -13.18
N SER A 6 -21.30 -21.29 -14.44
CA SER A 6 -20.15 -22.06 -14.87
C SER A 6 -19.43 -21.38 -16.02
N GLY A 7 -18.09 -21.37 -15.97
CA GLY A 7 -17.31 -20.75 -17.01
C GLY A 7 -15.83 -21.04 -16.87
N MET A 8 -15.02 -19.99 -16.77
CA MET A 8 -13.57 -20.14 -16.63
C MET A 8 -13.14 -19.96 -15.19
N ALA A 9 -11.97 -20.49 -14.85
CA ALA A 9 -11.44 -20.37 -13.50
C ALA A 9 -11.49 -18.93 -13.01
N SER A 10 -11.67 -18.76 -11.70
CA SER A 10 -11.73 -17.42 -11.11
C SER A 10 -10.33 -16.86 -10.90
N SER A 11 -10.15 -15.60 -11.29
CA SER A 11 -8.85 -14.93 -11.14
C SER A 11 -8.67 -14.42 -9.73
N VAL A 12 -7.40 -14.26 -9.32
CA VAL A 12 -7.08 -13.76 -7.99
C VAL A 12 -7.59 -14.72 -6.91
N ASP A 13 -7.49 -16.02 -7.20
CA ASP A 13 -7.94 -17.03 -6.26
C ASP A 13 -7.43 -16.74 -4.85
N GLU A 14 -7.87 -17.53 -3.89
CA GLU A 14 -7.46 -17.35 -2.49
C GLU A 14 -5.94 -17.28 -2.39
N GLU A 15 -5.25 -17.98 -3.29
CA GLU A 15 -3.80 -17.99 -3.30
C GLU A 15 -3.23 -16.63 -3.71
N ALA A 16 -3.74 -16.09 -4.81
CA ALA A 16 -3.30 -14.80 -5.31
C ALA A 16 -3.18 -13.79 -4.18
N LEU A 17 -4.23 -13.68 -3.38
CA LEU A 17 -4.25 -12.75 -2.25
C LEU A 17 -3.14 -13.07 -1.26
N HIS A 18 -3.10 -14.32 -0.80
CA HIS A 18 -2.10 -14.77 0.15
C HIS A 18 -0.72 -14.20 -0.21
N GLN A 19 -0.35 -14.33 -1.48
CA GLN A 19 0.93 -13.83 -1.96
C GLN A 19 1.20 -12.43 -1.42
N LEU A 20 0.19 -11.57 -1.46
CA LEU A 20 0.32 -10.20 -0.98
C LEU A 20 0.43 -10.17 0.54
N TYR A 21 -0.40 -10.97 1.21
CA TYR A 21 -0.39 -11.02 2.67
C TYR A 21 0.95 -11.54 3.19
N LEU A 22 1.67 -12.25 2.33
CA LEU A 22 2.97 -12.81 2.69
C LEU A 22 4.07 -11.75 2.58
N TRP A 23 3.92 -10.86 1.59
CA TRP A 23 4.90 -9.80 1.38
C TRP A 23 5.03 -8.93 2.62
N VAL A 24 3.90 -8.53 3.18
CA VAL A 24 3.89 -7.68 4.38
C VAL A 24 4.50 -8.42 5.56
N ASP A 25 4.42 -9.73 5.55
CA ASP A 25 4.96 -10.55 6.63
C ASP A 25 6.38 -10.12 6.97
N ASN A 26 7.25 -10.09 5.97
CA ASN A 26 8.64 -9.69 6.16
C ASN A 26 8.73 -8.45 7.04
N ILE A 27 7.74 -7.57 6.92
CA ILE A 27 7.71 -6.35 7.71
C ILE A 27 6.77 -6.48 8.90
N PRO A 28 7.22 -6.00 10.08
CA PRO A 28 6.44 -6.06 11.31
C PRO A 28 5.25 -5.12 11.27
N LEU A 29 5.44 -3.91 11.77
CA LEU A 29 4.37 -2.90 11.79
C LEU A 29 3.14 -3.45 12.51
N SER A 30 3.35 -4.03 13.68
CA SER A 30 2.26 -4.60 14.46
C SER A 30 1.54 -3.51 15.25
N ARG A 31 1.81 -2.26 14.89
CA ARG A 31 1.20 -1.12 15.57
C ARG A 31 -0.29 -1.39 15.82
N PRO A 32 -1.05 -1.58 14.73
CA PRO A 32 -2.49 -1.84 14.80
C PRO A 32 -2.80 -3.21 15.38
N LYS A 33 -4.06 -3.63 15.29
CA LYS A 33 -4.49 -4.92 15.80
C LYS A 33 -4.52 -5.96 14.69
N ARG A 34 -4.97 -7.17 15.02
CA ARG A 34 -5.05 -8.25 14.05
C ARG A 34 -5.50 -7.72 12.69
N ASN A 35 -6.70 -7.17 12.63
CA ASN A 35 -7.25 -6.62 11.39
C ASN A 35 -6.47 -5.38 10.96
N LEU A 36 -5.50 -5.58 10.08
CA LEU A 36 -4.68 -4.48 9.58
C LEU A 36 -5.45 -3.65 8.55
N SER A 37 -6.26 -4.33 7.76
CA SER A 37 -7.06 -3.66 6.73
C SER A 37 -7.74 -2.42 7.29
N ARG A 38 -7.89 -2.38 8.61
CA ARG A 38 -8.52 -1.25 9.28
C ARG A 38 -7.57 -0.06 9.39
N ASP A 39 -6.33 -0.36 9.75
CA ASP A 39 -5.31 0.69 9.89
C ASP A 39 -4.74 1.06 8.53
N PHE A 40 -4.19 0.08 7.82
CA PHE A 40 -3.62 0.32 6.50
C PHE A 40 -4.41 1.37 5.74
N SER A 41 -5.73 1.31 5.85
CA SER A 41 -6.61 2.25 5.16
C SER A 41 -5.98 3.65 5.14
N ASP A 42 -5.73 4.20 6.31
CA ASP A 42 -5.13 5.53 6.43
C ASP A 42 -3.85 5.62 5.60
N GLY A 43 -3.63 6.78 4.99
CA GLY A 43 -2.44 6.97 4.18
C GLY A 43 -1.24 7.40 5.00
N VAL A 44 -1.04 6.76 6.15
CA VAL A 44 0.07 7.09 7.02
C VAL A 44 0.98 5.88 7.24
N LEU A 45 0.45 4.86 7.90
CA LEU A 45 1.21 3.65 8.16
C LEU A 45 1.81 3.08 6.88
N VAL A 46 1.05 3.20 5.78
CA VAL A 46 1.51 2.71 4.48
C VAL A 46 2.89 3.25 4.15
N ALA A 47 3.11 4.52 4.47
CA ALA A 47 4.40 5.16 4.20
C ALA A 47 5.54 4.42 4.88
N GLU A 48 5.26 3.86 6.06
CA GLU A 48 6.28 3.11 6.79
C GLU A 48 6.81 1.95 5.97
N VAL A 49 5.91 1.18 5.37
CA VAL A 49 6.29 0.04 4.55
C VAL A 49 7.38 0.41 3.55
N ILE A 50 7.20 1.55 2.89
CA ILE A 50 8.18 2.02 1.91
C ILE A 50 9.52 2.31 2.57
N LYS A 51 9.48 2.86 3.78
CA LYS A 51 10.69 3.18 4.53
C LYS A 51 11.71 2.05 4.41
N PHE A 52 11.29 0.85 4.77
CA PHE A 52 12.16 -0.32 4.71
C PHE A 52 13.05 -0.27 3.47
N TYR A 53 12.45 0.09 2.34
CA TYR A 53 13.17 0.17 1.07
C TYR A 53 13.83 1.54 0.91
N PHE A 54 13.00 2.58 0.81
CA PHE A 54 13.50 3.93 0.66
C PHE A 54 13.19 4.78 1.89
N PRO A 55 14.12 4.76 2.86
CA PRO A 55 13.96 5.52 4.11
C PRO A 55 14.08 7.03 3.89
N LYS A 56 14.35 7.42 2.64
CA LYS A 56 14.48 8.83 2.30
C LYS A 56 13.13 9.41 1.86
N MET A 57 12.50 8.77 0.90
CA MET A 57 11.21 9.21 0.39
C MET A 57 10.25 9.52 1.54
N VAL A 58 10.07 8.55 2.43
CA VAL A 58 9.19 8.71 3.58
C VAL A 58 9.38 10.09 4.22
N GLU A 59 8.27 10.81 4.40
CA GLU A 59 8.32 12.14 5.01
C GLU A 59 7.25 12.28 6.08
N MET A 60 7.22 11.34 7.02
CA MET A 60 6.25 11.37 8.10
C MET A 60 6.28 12.70 8.84
N HIS A 61 7.34 13.46 8.61
CA HIS A 61 7.50 14.77 9.25
C HIS A 61 6.19 15.55 9.20
N ASN A 62 5.58 15.61 8.01
CA ASN A 62 4.34 16.33 7.82
C ASN A 62 3.14 15.43 8.11
N TYR A 63 3.12 14.26 7.48
CA TYR A 63 2.03 13.31 7.67
C TYR A 63 1.80 13.03 9.15
N VAL A 64 0.56 13.24 9.59
CA VAL A 64 0.20 13.01 10.98
C VAL A 64 -1.09 12.20 11.09
N PRO A 65 -1.11 11.24 12.04
CA PRO A 65 -2.27 10.38 12.26
C PRO A 65 -3.45 11.14 12.87
N ALA A 66 -4.61 11.03 12.24
CA ALA A 66 -5.81 11.70 12.74
C ALA A 66 -6.99 10.74 12.84
N ASN A 67 -8.09 11.22 13.38
CA ASN A 67 -9.28 10.39 13.54
C ASN A 67 -10.47 11.00 12.80
N SER A 68 -10.21 11.49 11.60
CA SER A 68 -11.26 12.10 10.78
C SER A 68 -11.01 11.84 9.29
N LEU A 69 -12.04 11.37 8.59
CA LEU A 69 -11.93 11.09 7.17
C LEU A 69 -11.29 12.26 6.43
N GLN A 70 -11.78 13.47 6.71
CA GLN A 70 -11.25 14.67 6.07
C GLN A 70 -9.72 14.62 6.00
N GLN A 71 -9.09 14.37 7.14
CA GLN A 71 -7.63 14.30 7.21
C GLN A 71 -7.11 13.11 6.42
N LYS A 72 -7.66 11.93 6.71
CA LYS A 72 -7.25 10.71 6.03
C LYS A 72 -7.02 10.97 4.54
N LEU A 73 -8.09 11.37 3.85
CA LEU A 73 -7.99 11.65 2.41
C LEU A 73 -6.94 12.71 2.13
N SER A 74 -7.02 13.82 2.86
CA SER A 74 -6.07 14.91 2.67
C SER A 74 -4.64 14.38 2.52
N ASN A 75 -4.20 13.60 3.50
CA ASN A 75 -2.86 13.03 3.46
C ASN A 75 -2.63 12.26 2.17
N TRP A 76 -3.53 11.33 1.87
CA TRP A 76 -3.42 10.53 0.66
C TRP A 76 -3.03 11.39 -0.54
N GLY A 77 -3.90 12.34 -0.88
CA GLY A 77 -3.62 13.21 -2.01
C GLY A 77 -2.18 13.66 -2.05
N HIS A 78 -1.63 14.01 -0.89
CA HIS A 78 -0.25 14.47 -0.81
C HIS A 78 0.72 13.31 -1.05
N LEU A 79 0.39 12.15 -0.50
CA LEU A 79 1.23 10.96 -0.66
C LEU A 79 1.19 10.45 -2.09
N ASN A 80 0.26 10.98 -2.87
CA ASN A 80 0.12 10.58 -4.27
C ASN A 80 1.14 11.30 -5.15
N ARG A 81 1.47 12.53 -4.77
CA ARG A 81 2.43 13.33 -5.52
C ARG A 81 3.76 13.40 -4.79
N LYS A 82 3.83 12.77 -3.62
CA LYS A 82 5.04 12.76 -2.81
C LYS A 82 5.69 11.39 -2.82
N VAL A 83 4.86 10.35 -2.96
CA VAL A 83 5.36 8.98 -2.98
C VAL A 83 5.09 8.33 -4.34
N LEU A 84 3.83 7.99 -4.59
CA LEU A 84 3.45 7.36 -5.85
C LEU A 84 4.17 8.01 -7.03
N LYS A 85 4.03 9.33 -7.15
CA LYS A 85 4.66 10.07 -8.22
C LYS A 85 6.09 9.59 -8.45
N ARG A 86 6.82 9.36 -7.36
CA ARG A 86 8.20 8.89 -7.44
C ARG A 86 8.25 7.46 -7.96
N LEU A 87 7.27 6.66 -7.57
CA LEU A 87 7.20 5.26 -8.00
C LEU A 87 6.51 5.13 -9.34
N ASN A 88 6.61 6.18 -10.16
CA ASN A 88 6.00 6.18 -11.48
C ASN A 88 4.58 5.61 -11.42
N PHE A 89 3.96 5.70 -10.25
CA PHE A 89 2.61 5.18 -10.06
C PHE A 89 1.58 6.32 -10.11
N SER A 90 0.31 5.96 -10.06
CA SER A 90 -0.77 6.94 -10.10
C SER A 90 -2.09 6.32 -9.67
N VAL A 91 -2.77 6.99 -8.74
CA VAL A 91 -4.06 6.50 -8.24
C VAL A 91 -5.12 7.58 -8.33
N PRO A 92 -6.30 7.21 -8.85
CA PRO A 92 -7.43 8.14 -8.99
C PRO A 92 -8.04 8.53 -7.66
N ASP A 93 -8.86 9.58 -7.67
CA ASP A 93 -9.50 10.05 -6.45
C ASP A 93 -10.69 9.17 -6.08
N ASP A 94 -11.18 8.42 -7.05
CA ASP A 94 -12.32 7.53 -6.84
C ASP A 94 -11.90 6.32 -6.01
N VAL A 95 -10.66 5.88 -6.20
CA VAL A 95 -10.15 4.72 -5.47
C VAL A 95 -9.69 5.12 -4.06
N MET A 96 -9.27 6.36 -3.91
CA MET A 96 -8.81 6.86 -2.62
C MET A 96 -9.98 6.99 -1.64
N ARG A 97 -11.05 7.63 -2.09
CA ARG A 97 -12.23 7.82 -1.26
C ARG A 97 -12.64 6.51 -0.58
N LYS A 98 -12.69 5.43 -1.37
CA LYS A 98 -13.06 4.13 -0.84
C LYS A 98 -12.15 3.72 0.32
N ILE A 99 -10.84 3.79 0.08
CA ILE A 99 -9.86 3.44 1.10
C ILE A 99 -10.15 4.16 2.41
N ALA A 100 -10.22 5.48 2.35
CA ALA A 100 -10.49 6.30 3.53
C ALA A 100 -11.82 5.90 4.17
N GLN A 101 -12.71 5.33 3.37
CA GLN A 101 -14.02 4.91 3.85
C GLN A 101 -13.94 3.53 4.52
N CYS A 102 -12.72 3.03 4.66
CA CYS A 102 -12.50 1.72 5.27
C CYS A 102 -13.14 0.62 4.44
N ALA A 103 -12.85 0.61 3.15
CA ALA A 103 -13.40 -0.39 2.24
C ALA A 103 -12.39 -1.51 1.99
N PRO A 104 -12.77 -2.74 2.35
CA PRO A 104 -11.92 -3.92 2.17
C PRO A 104 -11.75 -4.29 0.70
N GLY A 105 -10.50 -4.51 0.29
CA GLY A 105 -10.23 -4.88 -1.08
C GLY A 105 -9.53 -3.77 -1.85
N VAL A 106 -10.22 -2.64 -2.01
CA VAL A 106 -9.66 -1.51 -2.73
C VAL A 106 -8.21 -1.27 -2.34
N VAL A 107 -7.98 -1.04 -1.05
CA VAL A 107 -6.65 -0.79 -0.54
C VAL A 107 -5.67 -1.86 -1.01
N GLU A 108 -6.06 -3.12 -0.82
CA GLU A 108 -5.22 -4.24 -1.23
C GLU A 108 -4.78 -4.10 -2.68
N LEU A 109 -5.74 -3.82 -3.56
CA LEU A 109 -5.46 -3.66 -4.98
C LEU A 109 -4.32 -2.67 -5.20
N VAL A 110 -4.06 -1.85 -4.19
CA VAL A 110 -2.98 -0.86 -4.27
C VAL A 110 -1.69 -1.41 -3.69
N LEU A 111 -1.82 -2.34 -2.75
CA LEU A 111 -0.66 -2.96 -2.12
C LEU A 111 0.05 -3.92 -3.06
N ILE A 112 -0.74 -4.65 -3.86
CA ILE A 112 -0.20 -5.60 -4.80
C ILE A 112 0.81 -4.95 -5.74
N PRO A 113 0.34 -3.90 -6.46
CA PRO A 113 1.18 -3.16 -7.41
C PRO A 113 2.24 -2.33 -6.70
N LEU A 114 1.85 -1.66 -5.62
CA LEU A 114 2.77 -0.83 -4.87
C LEU A 114 4.10 -1.53 -4.66
N ARG A 115 4.05 -2.77 -4.19
CA ARG A 115 5.26 -3.55 -3.95
C ARG A 115 6.00 -3.80 -5.26
N GLN A 116 5.27 -4.17 -6.30
CA GLN A 116 5.85 -4.44 -7.60
C GLN A 116 6.70 -3.27 -8.07
N ARG A 117 6.34 -2.07 -7.63
CA ARG A 117 7.07 -0.86 -8.00
C ARG A 117 8.32 -0.69 -7.14
N LEU A 118 8.13 -0.64 -5.82
CA LEU A 118 9.23 -0.47 -4.90
C LEU A 118 10.41 -1.36 -5.29
N GLU A 119 10.11 -2.62 -5.61
CA GLU A 119 11.15 -3.57 -6.01
C GLU A 119 11.86 -3.11 -7.27
N GLU A 120 11.07 -2.69 -8.26
CA GLU A 120 11.62 -2.22 -9.53
C GLU A 120 12.66 -1.13 -9.30
N ARG A 121 12.30 -0.13 -8.51
CA ARG A 121 13.21 0.97 -8.22
C ARG A 121 14.48 0.47 -7.54
N GLN A 122 14.33 -0.53 -6.68
CA GLN A 122 15.48 -1.11 -5.98
C GLN A 122 16.65 -1.32 -6.93
N ARG A 123 16.48 -2.27 -7.85
CA ARG A 123 17.53 -2.58 -8.82
C ARG A 123 17.79 -1.39 -9.73
N ARG A 124 16.72 -0.75 -10.20
CA ARG A 124 16.83 0.40 -11.08
C ARG A 124 17.57 1.55 -10.38
N ARG A 125 18.88 1.58 -10.54
CA ARG A 125 19.69 2.63 -9.93
C ARG A 125 19.65 3.91 -10.76
N LYS A 126 19.44 5.04 -10.08
CA LYS A 126 19.38 6.33 -10.76
C LYS A 126 20.00 7.42 -9.90
N GLN A 127 20.74 8.32 -10.53
CA GLN A 127 21.38 9.42 -9.82
C GLN A 127 20.35 10.36 -9.20
#